data_3ZZD
# 
_entry.id   3ZZD 
# 
_audit_conform.dict_name       mmcif_pdbx.dic 
_audit_conform.dict_version    5.397 
_audit_conform.dict_location   http://mmcif.pdb.org/dictionaries/ascii/mmcif_pdbx.dic 
# 
loop_
_database_2.database_id 
_database_2.database_code 
_database_2.pdbx_database_accession 
_database_2.pdbx_DOI 
PDB   3ZZD         pdb_00003zzd 10.2210/pdb3zzd/pdb 
PDBE  EBI-49409    ?            ?                   
WWPDB D_1290049409 ?            ?                   
# 
loop_
_pdbx_audit_revision_history.ordinal 
_pdbx_audit_revision_history.data_content_type 
_pdbx_audit_revision_history.major_revision 
_pdbx_audit_revision_history.minor_revision 
_pdbx_audit_revision_history.revision_date 
1 'Structure model' 1 0 2012-09-19 
2 'Structure model' 1 1 2019-05-08 
3 'Structure model' 1 2 2024-05-01 
4 'Structure model' 1 3 2024-10-09 
# 
_pdbx_audit_revision_details.ordinal             1 
_pdbx_audit_revision_details.revision_ordinal    1 
_pdbx_audit_revision_details.data_content_type   'Structure model' 
_pdbx_audit_revision_details.provider            repository 
_pdbx_audit_revision_details.type                'Initial release' 
_pdbx_audit_revision_details.description         ? 
_pdbx_audit_revision_details.details             ? 
# 
loop_
_pdbx_audit_revision_group.ordinal 
_pdbx_audit_revision_group.revision_ordinal 
_pdbx_audit_revision_group.data_content_type 
_pdbx_audit_revision_group.group 
1  2 'Structure model' 'Data collection'          
2  2 'Structure model' 'Derived calculations'     
3  2 'Structure model' 'Experimental preparation' 
4  2 'Structure model' Other                      
5  3 'Structure model' 'Data collection'          
6  3 'Structure model' 'Database references'      
7  3 'Structure model' 'Derived calculations'     
8  3 'Structure model' Other                      
9  3 'Structure model' 'Refinement description'   
10 4 'Structure model' 'Structure summary'        
# 
loop_
_pdbx_audit_revision_category.ordinal 
_pdbx_audit_revision_category.revision_ordinal 
_pdbx_audit_revision_category.data_content_type 
_pdbx_audit_revision_category.category 
1  2 'Structure model' exptl_crystal_grow            
2  2 'Structure model' pdbx_database_proc            
3  2 'Structure model' pdbx_database_status          
4  2 'Structure model' struct_conn                   
5  3 'Structure model' chem_comp_atom                
6  3 'Structure model' chem_comp_bond                
7  3 'Structure model' database_2                    
8  3 'Structure model' pdbx_database_status          
9  3 'Structure model' pdbx_initial_refinement_model 
10 3 'Structure model' struct_site                   
11 4 'Structure model' pdbx_entry_details            
12 4 'Structure model' pdbx_modification_feature     
# 
loop_
_pdbx_audit_revision_item.ordinal 
_pdbx_audit_revision_item.revision_ordinal 
_pdbx_audit_revision_item.data_content_type 
_pdbx_audit_revision_item.item 
1  2 'Structure model' '_exptl_crystal_grow.method'                   
2  2 'Structure model' '_pdbx_database_status.recvd_author_approval'  
3  2 'Structure model' '_struct_conn.pdbx_leaving_atom_flag'          
4  3 'Structure model' '_database_2.pdbx_DOI'                         
5  3 'Structure model' '_database_2.pdbx_database_accession'          
6  3 'Structure model' '_pdbx_database_status.status_code_sf'         
7  3 'Structure model' '_struct_site.pdbx_auth_asym_id'               
8  3 'Structure model' '_struct_site.pdbx_auth_comp_id'               
9  3 'Structure model' '_struct_site.pdbx_auth_seq_id'                
10 4 'Structure model' '_pdbx_entry_details.has_protein_modification' 
# 
_pdbx_database_status.status_code                     REL 
_pdbx_database_status.entry_id                        3ZZD 
_pdbx_database_status.deposit_site                    PDBE 
_pdbx_database_status.process_site                    PDBE 
_pdbx_database_status.SG_entry                        . 
_pdbx_database_status.recvd_initial_deposition_date   2011-08-31 
_pdbx_database_status.pdb_format_compatible           Y 
_pdbx_database_status.status_code_sf                  REL 
_pdbx_database_status.status_code_mr                  ? 
_pdbx_database_status.status_code_cs                  ? 
_pdbx_database_status.methods_development_category    ? 
_pdbx_database_status.status_code_nmr_data            ? 
# 
loop_
_pdbx_database_related.db_name 
_pdbx_database_related.db_id 
_pdbx_database_related.content_type 
_pdbx_database_related.details 
PDB 3ZYE unspecified 'CRYSTAL STRUCTURE OF 3C PROTEASE MUTANT (T68A) OF COXSACKIEVIRUS B3' 
PDB 3ZYD unspecified 'CRYSTAL STRUCTURE OF 3C PROTEASE OF COXSACKIEVIRUS B3' 
PDB 3ZZB unspecified 
'CRYSTAL STRUCTURE OF 3C PROTEASE OF COXSACKIEVIRUS B3 COMPLEXED WITH ALPHA, BETA-UNSATURATED ETHYL ESTER INHIBITOR 85' 
PDB 3ZZ6 unspecified 'CRYSTAL STRUCTURE OF 3C PROTEASE OF COXSACKIEVIRUS B3 COMPLEXED WITH MICHAEL RECEPTOR INHIBITOR 75' 
PDB 3ZZC unspecified 
;CRYSTAL STRUCTURE OF 3C PROTEASE MUTANT (T68A AND N126Y) OF COXSACKIEVIRUS B3 COMPLEXED WITH ALPHA, BETA- UNSATURATED ETHYL ESTER INHIBITOR 83
;
PDB 3ZZ8 unspecified 
'CRYSTAL STRUCTURE OF 3C PROTEASE OF COXSACKIEVIRUS B3 COMPLEXED WITH ALPHA, BETA-UNSATURATED ETHYL ESTER INHIBITOR 82' 
PDB 3ZZ7 unspecified 
'CRYSTAL STRUCTURE OF 3C PROTEASE OF COXSACKIEVIRUS B3 COMPLEXED WITH ALPHA, BETA-UNSATURATED ETHYL ESTER INHIBITOR 81' 
PDB 3ZZ9 unspecified 
'CRYSTAL STRUCTURE OF 3C PROTEASE OF COXSACKIEVIRUS B3 COMPLEXED WITH ALPHA, BETA-UNSATURATED ETHYL ESTER INHIBITOR 83' 
PDB 3ZZ3 unspecified 'CRYSTAL STRUCTURE OF 3C PROTEASE MUTANT (N126Y) OF COXSACKIEVIRUS B3' 
PDB 3ZZ5 unspecified 
'CRYSTAL STRUCTURE OF 3C PROTEASE OF COXSACKIEVIRUS B3 COMPLEXED WITH ALPHA, BETA-UNSATURATED ETHYL ESTER INHIBITOR 74' 
PDB 3ZZ4 unspecified 'CRYSTAL STRUCTURE OF 3C PROTEASE MUTANT (T68A AND N126Y) OF COXSACKIEVIRUS B3' 
PDB 3ZZA unspecified 
'CRYSTAL STRUCTURE OF 3C PROTEASE OF COXSACKIEVIRUS B3 COMPLEXED WITH ALPHA, BETA-UNSATURATED ETHYL ESTER INHIBITOR 84' 
# 
loop_
_audit_author.name 
_audit_author.pdbx_ordinal 
'Tan, J.'        1 
'Anand, K.'      2 
'Mesters, J.R.'  3 
'Hilgenfeld, R.' 4 
# 
_citation.id                        primary 
_citation.title                     
;Peptidic Alpha, Beta-Unsaturated Ethyl Esters as Inhibitors of the 3C Protease of Coxsackie Virus B3: Crystal Structures, Antiviral Activities, and Resistance Mutations
;
_citation.journal_abbrev            'To be Published' 
_citation.journal_volume            ? 
_citation.page_first                ? 
_citation.page_last                 ? 
_citation.year                      ? 
_citation.journal_id_ASTM           ? 
_citation.country                   ? 
_citation.journal_id_ISSN           ? 
_citation.journal_id_CSD            0353 
_citation.book_publisher            ? 
_citation.pdbx_database_id_PubMed   ? 
_citation.pdbx_database_id_DOI      ? 
# 
loop_
_citation_author.citation_id 
_citation_author.name 
_citation_author.ordinal 
_citation_author.identifier_ORCID 
primary 'Tan, J.'        1 ? 
primary 'Anand, K.'      2 ? 
primary 'Mesters, J.R.'  3 ? 
primary 'Hilgenfeld, R.' 4 ? 
# 
loop_
_entity.id 
_entity.type 
_entity.src_method 
_entity.pdbx_description 
_entity.formula_weight 
_entity.pdbx_number_of_molecules 
_entity.pdbx_ec 
_entity.pdbx_mutation 
_entity.pdbx_fragment 
_entity.details 
1 polymer     man '3C PROTEINASE' 20317.338 1  3.4.22.28 YES ? ? 
2 non-polymer syn 
'N-[(benzyloxy)carbonyl]-O-tert-butyl-L-seryl-N-{(2R)-5-ethoxy-5-oxo-1-[(3S)-2-oxopyrrolidin-3-yl]pentan-2-yl}-L-phenylalaninamide' 
652.778   1  ?         ?   ? ? 
3 water       nat water 18.015    56 ?         ?   ? ? 
# 
_entity_name_com.entity_id   1 
_entity_name_com.name        'POLYPROTEIN 3BCD' 
# 
_entity_poly.entity_id                      1 
_entity_poly.type                           'polypeptide(L)' 
_entity_poly.nstd_linkage                   no 
_entity_poly.nstd_monomer                   no 
_entity_poly.pdbx_seq_one_letter_code       
;GPAFEFAVAMMKRNSSTVKTEYGEFTMLGIYDRWAVLPRHAKPGPTILMNDQEVGVLDAKELVDKDGANLELTLLKLNRN
EKFRDIRGFLAKEEVEVNEAVLAINTSKFPNMYIPVGQVTEYGFLYLGGTPTKRMLMYNFPTRAGQCGGVLMSTGKVLGI
HVGGNGHQGFSAALLKHYFNDEQ
;
_entity_poly.pdbx_seq_one_letter_code_can   
;GPAFEFAVAMMKRNSSTVKTEYGEFTMLGIYDRWAVLPRHAKPGPTILMNDQEVGVLDAKELVDKDGANLELTLLKLNRN
EKFRDIRGFLAKEEVEVNEAVLAINTSKFPNMYIPVGQVTEYGFLYLGGTPTKRMLMYNFPTRAGQCGGVLMSTGKVLGI
HVGGNGHQGFSAALLKHYFNDEQ
;
_entity_poly.pdbx_strand_id                 A 
_entity_poly.pdbx_target_identifier         ? 
# 
loop_
_pdbx_entity_nonpoly.entity_id 
_pdbx_entity_nonpoly.name 
_pdbx_entity_nonpoly.comp_id 
2 
'N-[(benzyloxy)carbonyl]-O-tert-butyl-L-seryl-N-{(2R)-5-ethoxy-5-oxo-1-[(3S)-2-oxopyrrolidin-3-yl]pentan-2-yl}-L-phenylalaninamide' 
G85 
3 water HOH 
# 
loop_
_entity_poly_seq.entity_id 
_entity_poly_seq.num 
_entity_poly_seq.mon_id 
_entity_poly_seq.hetero 
1 1   GLY n 
1 2   PRO n 
1 3   ALA n 
1 4   PHE n 
1 5   GLU n 
1 6   PHE n 
1 7   ALA n 
1 8   VAL n 
1 9   ALA n 
1 10  MET n 
1 11  MET n 
1 12  LYS n 
1 13  ARG n 
1 14  ASN n 
1 15  SER n 
1 16  SER n 
1 17  THR n 
1 18  VAL n 
1 19  LYS n 
1 20  THR n 
1 21  GLU n 
1 22  TYR n 
1 23  GLY n 
1 24  GLU n 
1 25  PHE n 
1 26  THR n 
1 27  MET n 
1 28  LEU n 
1 29  GLY n 
1 30  ILE n 
1 31  TYR n 
1 32  ASP n 
1 33  ARG n 
1 34  TRP n 
1 35  ALA n 
1 36  VAL n 
1 37  LEU n 
1 38  PRO n 
1 39  ARG n 
1 40  HIS n 
1 41  ALA n 
1 42  LYS n 
1 43  PRO n 
1 44  GLY n 
1 45  PRO n 
1 46  THR n 
1 47  ILE n 
1 48  LEU n 
1 49  MET n 
1 50  ASN n 
1 51  ASP n 
1 52  GLN n 
1 53  GLU n 
1 54  VAL n 
1 55  GLY n 
1 56  VAL n 
1 57  LEU n 
1 58  ASP n 
1 59  ALA n 
1 60  LYS n 
1 61  GLU n 
1 62  LEU n 
1 63  VAL n 
1 64  ASP n 
1 65  LYS n 
1 66  ASP n 
1 67  GLY n 
1 68  ALA n 
1 69  ASN n 
1 70  LEU n 
1 71  GLU n 
1 72  LEU n 
1 73  THR n 
1 74  LEU n 
1 75  LEU n 
1 76  LYS n 
1 77  LEU n 
1 78  ASN n 
1 79  ARG n 
1 80  ASN n 
1 81  GLU n 
1 82  LYS n 
1 83  PHE n 
1 84  ARG n 
1 85  ASP n 
1 86  ILE n 
1 87  ARG n 
1 88  GLY n 
1 89  PHE n 
1 90  LEU n 
1 91  ALA n 
1 92  LYS n 
1 93  GLU n 
1 94  GLU n 
1 95  VAL n 
1 96  GLU n 
1 97  VAL n 
1 98  ASN n 
1 99  GLU n 
1 100 ALA n 
1 101 VAL n 
1 102 LEU n 
1 103 ALA n 
1 104 ILE n 
1 105 ASN n 
1 106 THR n 
1 107 SER n 
1 108 LYS n 
1 109 PHE n 
1 110 PRO n 
1 111 ASN n 
1 112 MET n 
1 113 TYR n 
1 114 ILE n 
1 115 PRO n 
1 116 VAL n 
1 117 GLY n 
1 118 GLN n 
1 119 VAL n 
1 120 THR n 
1 121 GLU n 
1 122 TYR n 
1 123 GLY n 
1 124 PHE n 
1 125 LEU n 
1 126 TYR n 
1 127 LEU n 
1 128 GLY n 
1 129 GLY n 
1 130 THR n 
1 131 PRO n 
1 132 THR n 
1 133 LYS n 
1 134 ARG n 
1 135 MET n 
1 136 LEU n 
1 137 MET n 
1 138 TYR n 
1 139 ASN n 
1 140 PHE n 
1 141 PRO n 
1 142 THR n 
1 143 ARG n 
1 144 ALA n 
1 145 GLY n 
1 146 GLN n 
1 147 CYS n 
1 148 GLY n 
1 149 GLY n 
1 150 VAL n 
1 151 LEU n 
1 152 MET n 
1 153 SER n 
1 154 THR n 
1 155 GLY n 
1 156 LYS n 
1 157 VAL n 
1 158 LEU n 
1 159 GLY n 
1 160 ILE n 
1 161 HIS n 
1 162 VAL n 
1 163 GLY n 
1 164 GLY n 
1 165 ASN n 
1 166 GLY n 
1 167 HIS n 
1 168 GLN n 
1 169 GLY n 
1 170 PHE n 
1 171 SER n 
1 172 ALA n 
1 173 ALA n 
1 174 LEU n 
1 175 LEU n 
1 176 LYS n 
1 177 HIS n 
1 178 TYR n 
1 179 PHE n 
1 180 ASN n 
1 181 ASP n 
1 182 GLU n 
1 183 GLN n 
# 
_entity_src_gen.entity_id                          1 
_entity_src_gen.pdbx_src_id                        1 
_entity_src_gen.pdbx_alt_source_flag               sample 
_entity_src_gen.pdbx_seq_type                      ? 
_entity_src_gen.pdbx_beg_seq_num                   ? 
_entity_src_gen.pdbx_end_seq_num                   ? 
_entity_src_gen.gene_src_common_name               ? 
_entity_src_gen.gene_src_genus                     ? 
_entity_src_gen.pdbx_gene_src_gene                 ? 
_entity_src_gen.gene_src_species                   ? 
_entity_src_gen.gene_src_strain                    B3 
_entity_src_gen.gene_src_tissue                    ? 
_entity_src_gen.gene_src_tissue_fraction           ? 
_entity_src_gen.gene_src_details                   ? 
_entity_src_gen.pdbx_gene_src_fragment             ? 
_entity_src_gen.pdbx_gene_src_scientific_name      'HUMAN COXSACKIEVIRUS' 
_entity_src_gen.pdbx_gene_src_ncbi_taxonomy_id     12072 
_entity_src_gen.pdbx_gene_src_variant              ? 
_entity_src_gen.pdbx_gene_src_cell_line            ? 
_entity_src_gen.pdbx_gene_src_atcc                 ? 
_entity_src_gen.pdbx_gene_src_organ                ? 
_entity_src_gen.pdbx_gene_src_organelle            ? 
_entity_src_gen.pdbx_gene_src_cell                 ? 
_entity_src_gen.pdbx_gene_src_cellular_location    ? 
_entity_src_gen.host_org_common_name               ? 
_entity_src_gen.pdbx_host_org_scientific_name      'ESCHERICHIA COLI' 
_entity_src_gen.pdbx_host_org_ncbi_taxonomy_id     469008 
_entity_src_gen.host_org_genus                     ? 
_entity_src_gen.pdbx_host_org_gene                 ? 
_entity_src_gen.pdbx_host_org_organ                ? 
_entity_src_gen.host_org_species                   ? 
_entity_src_gen.pdbx_host_org_tissue               ? 
_entity_src_gen.pdbx_host_org_tissue_fraction      ? 
_entity_src_gen.pdbx_host_org_strain               'BL21(DE3)GOLD' 
_entity_src_gen.pdbx_host_org_variant              ? 
_entity_src_gen.pdbx_host_org_cell_line            ? 
_entity_src_gen.pdbx_host_org_atcc                 ? 
_entity_src_gen.pdbx_host_org_culture_collection   ? 
_entity_src_gen.pdbx_host_org_cell                 ? 
_entity_src_gen.pdbx_host_org_organelle            ? 
_entity_src_gen.pdbx_host_org_cellular_location    ? 
_entity_src_gen.pdbx_host_org_vector_type          PLASMID 
_entity_src_gen.pdbx_host_org_vector               PET23A 
_entity_src_gen.host_org_details                   ? 
_entity_src_gen.expression_system_id               ? 
_entity_src_gen.plasmid_name                       PET23A-COX 
_entity_src_gen.plasmid_details                    ? 
_entity_src_gen.pdbx_description                   ? 
# 
loop_
_chem_comp.id 
_chem_comp.type 
_chem_comp.mon_nstd_flag 
_chem_comp.name 
_chem_comp.pdbx_synonyms 
_chem_comp.formula 
_chem_comp.formula_weight 
ALA 'L-peptide linking' y ALANINE ? 'C3 H7 N O2'     89.093  
ARG 'L-peptide linking' y ARGININE ? 'C6 H15 N4 O2 1' 175.209 
ASN 'L-peptide linking' y ASPARAGINE ? 'C4 H8 N2 O3'    132.118 
ASP 'L-peptide linking' y 'ASPARTIC ACID' ? 'C4 H7 N O4'     133.103 
CYS 'L-peptide linking' y CYSTEINE ? 'C3 H7 N O2 S'   121.158 
G85 peptide-like        . 
'N-[(benzyloxy)carbonyl]-O-tert-butyl-L-seryl-N-{(2R)-5-ethoxy-5-oxo-1-[(3S)-2-oxopyrrolidin-3-yl]pentan-2-yl}-L-phenylalaninamide' 
? 'C35 H48 N4 O8'  652.778 
GLN 'L-peptide linking' y GLUTAMINE ? 'C5 H10 N2 O3'   146.144 
GLU 'L-peptide linking' y 'GLUTAMIC ACID' ? 'C5 H9 N O4'     147.129 
GLY 'peptide linking'   y GLYCINE ? 'C2 H5 N O2'     75.067  
HIS 'L-peptide linking' y HISTIDINE ? 'C6 H10 N3 O2 1' 156.162 
HOH non-polymer         . WATER ? 'H2 O'           18.015  
ILE 'L-peptide linking' y ISOLEUCINE ? 'C6 H13 N O2'    131.173 
LEU 'L-peptide linking' y LEUCINE ? 'C6 H13 N O2'    131.173 
LYS 'L-peptide linking' y LYSINE ? 'C6 H15 N2 O2 1' 147.195 
MET 'L-peptide linking' y METHIONINE ? 'C5 H11 N O2 S'  149.211 
PHE 'L-peptide linking' y PHENYLALANINE ? 'C9 H11 N O2'    165.189 
PRO 'L-peptide linking' y PROLINE ? 'C5 H9 N O2'     115.130 
SER 'L-peptide linking' y SERINE ? 'C3 H7 N O3'     105.093 
THR 'L-peptide linking' y THREONINE ? 'C4 H9 N O3'     119.119 
TRP 'L-peptide linking' y TRYPTOPHAN ? 'C11 H12 N2 O2'  204.225 
TYR 'L-peptide linking' y TYROSINE ? 'C9 H11 N O3'    181.189 
VAL 'L-peptide linking' y VALINE ? 'C5 H11 N O2'    117.146 
# 
loop_
_pdbx_poly_seq_scheme.asym_id 
_pdbx_poly_seq_scheme.entity_id 
_pdbx_poly_seq_scheme.seq_id 
_pdbx_poly_seq_scheme.mon_id 
_pdbx_poly_seq_scheme.ndb_seq_num 
_pdbx_poly_seq_scheme.pdb_seq_num 
_pdbx_poly_seq_scheme.auth_seq_num 
_pdbx_poly_seq_scheme.pdb_mon_id 
_pdbx_poly_seq_scheme.auth_mon_id 
_pdbx_poly_seq_scheme.pdb_strand_id 
_pdbx_poly_seq_scheme.pdb_ins_code 
_pdbx_poly_seq_scheme.hetero 
A 1 1   GLY 1   1   1   GLY GLY A . n 
A 1 2   PRO 2   2   2   PRO PRO A . n 
A 1 3   ALA 3   3   3   ALA ALA A . n 
A 1 4   PHE 4   4   4   PHE PHE A . n 
A 1 5   GLU 5   5   5   GLU GLU A . n 
A 1 6   PHE 6   6   6   PHE PHE A . n 
A 1 7   ALA 7   7   7   ALA ALA A . n 
A 1 8   VAL 8   8   8   VAL VAL A . n 
A 1 9   ALA 9   9   9   ALA ALA A . n 
A 1 10  MET 10  10  10  MET MET A . n 
A 1 11  MET 11  11  11  MET MET A . n 
A 1 12  LYS 12  12  12  LYS LYS A . n 
A 1 13  ARG 13  13  13  ARG ARG A . n 
A 1 14  ASN 14  14  14  ASN ASN A . n 
A 1 15  SER 15  15  15  SER SER A . n 
A 1 16  SER 16  16  16  SER SER A . n 
A 1 17  THR 17  17  17  THR THR A . n 
A 1 18  VAL 18  18  18  VAL VAL A . n 
A 1 19  LYS 19  19  19  LYS LYS A . n 
A 1 20  THR 20  20  20  THR THR A . n 
A 1 21  GLU 21  21  21  GLU GLU A . n 
A 1 22  TYR 22  22  22  TYR TYR A . n 
A 1 23  GLY 23  23  23  GLY GLY A . n 
A 1 24  GLU 24  24  24  GLU GLU A . n 
A 1 25  PHE 25  25  25  PHE PHE A . n 
A 1 26  THR 26  26  26  THR THR A . n 
A 1 27  MET 27  27  27  MET MET A . n 
A 1 28  LEU 28  28  28  LEU LEU A . n 
A 1 29  GLY 29  29  29  GLY GLY A . n 
A 1 30  ILE 30  30  30  ILE ILE A . n 
A 1 31  TYR 31  31  31  TYR TYR A . n 
A 1 32  ASP 32  32  32  ASP ASP A . n 
A 1 33  ARG 33  33  33  ARG ARG A . n 
A 1 34  TRP 34  34  34  TRP TRP A . n 
A 1 35  ALA 35  35  35  ALA ALA A . n 
A 1 36  VAL 36  36  36  VAL VAL A . n 
A 1 37  LEU 37  37  37  LEU LEU A . n 
A 1 38  PRO 38  38  38  PRO PRO A . n 
A 1 39  ARG 39  39  39  ARG ARG A . n 
A 1 40  HIS 40  40  40  HIS HIS A . n 
A 1 41  ALA 41  41  41  ALA ALA A . n 
A 1 42  LYS 42  42  42  LYS LYS A . n 
A 1 43  PRO 43  43  43  PRO PRO A . n 
A 1 44  GLY 44  44  44  GLY GLY A . n 
A 1 45  PRO 45  45  45  PRO PRO A . n 
A 1 46  THR 46  46  46  THR THR A . n 
A 1 47  ILE 47  47  47  ILE ILE A . n 
A 1 48  LEU 48  48  48  LEU LEU A . n 
A 1 49  MET 49  49  49  MET MET A . n 
A 1 50  ASN 50  50  50  ASN ASN A . n 
A 1 51  ASP 51  51  51  ASP ASP A . n 
A 1 52  GLN 52  52  52  GLN GLN A . n 
A 1 53  GLU 53  53  53  GLU GLU A . n 
A 1 54  VAL 54  54  54  VAL VAL A . n 
A 1 55  GLY 55  55  55  GLY GLY A . n 
A 1 56  VAL 56  56  56  VAL VAL A . n 
A 1 57  LEU 57  57  57  LEU LEU A . n 
A 1 58  ASP 58  58  58  ASP ASP A . n 
A 1 59  ALA 59  59  59  ALA ALA A . n 
A 1 60  LYS 60  60  60  LYS LYS A . n 
A 1 61  GLU 61  61  61  GLU GLU A . n 
A 1 62  LEU 62  62  62  LEU LEU A . n 
A 1 63  VAL 63  63  63  VAL VAL A . n 
A 1 64  ASP 64  64  64  ASP ASP A . n 
A 1 65  LYS 65  65  65  LYS LYS A . n 
A 1 66  ASP 66  66  66  ASP ASP A . n 
A 1 67  GLY 67  67  67  GLY GLY A . n 
A 1 68  ALA 68  68  68  ALA ALA A . n 
A 1 69  ASN 69  69  69  ASN ASN A . n 
A 1 70  LEU 70  70  70  LEU LEU A . n 
A 1 71  GLU 71  71  71  GLU GLU A . n 
A 1 72  LEU 72  72  72  LEU LEU A . n 
A 1 73  THR 73  73  73  THR THR A . n 
A 1 74  LEU 74  74  74  LEU LEU A . n 
A 1 75  LEU 75  75  75  LEU LEU A . n 
A 1 76  LYS 76  76  76  LYS LYS A . n 
A 1 77  LEU 77  77  77  LEU LEU A . n 
A 1 78  ASN 78  78  78  ASN ASN A . n 
A 1 79  ARG 79  79  79  ARG ARG A . n 
A 1 80  ASN 80  80  80  ASN ASN A . n 
A 1 81  GLU 81  81  81  GLU GLU A . n 
A 1 82  LYS 82  82  82  LYS LYS A . n 
A 1 83  PHE 83  83  83  PHE PHE A . n 
A 1 84  ARG 84  84  84  ARG ARG A . n 
A 1 85  ASP 85  85  85  ASP ASP A . n 
A 1 86  ILE 86  86  86  ILE ILE A . n 
A 1 87  ARG 87  87  87  ARG ARG A . n 
A 1 88  GLY 88  88  88  GLY GLY A . n 
A 1 89  PHE 89  89  89  PHE PHE A . n 
A 1 90  LEU 90  90  90  LEU LEU A . n 
A 1 91  ALA 91  91  91  ALA ALA A . n 
A 1 92  LYS 92  92  92  LYS LYS A . n 
A 1 93  GLU 93  93  93  GLU GLU A . n 
A 1 94  GLU 94  94  94  GLU GLU A . n 
A 1 95  VAL 95  95  95  VAL VAL A . n 
A 1 96  GLU 96  96  96  GLU GLU A . n 
A 1 97  VAL 97  97  97  VAL VAL A . n 
A 1 98  ASN 98  98  98  ASN ASN A . n 
A 1 99  GLU 99  99  99  GLU GLU A . n 
A 1 100 ALA 100 100 100 ALA ALA A . n 
A 1 101 VAL 101 101 101 VAL VAL A . n 
A 1 102 LEU 102 102 102 LEU LEU A . n 
A 1 103 ALA 103 103 103 ALA ALA A . n 
A 1 104 ILE 104 104 104 ILE ILE A . n 
A 1 105 ASN 105 105 105 ASN ASN A . n 
A 1 106 THR 106 106 106 THR THR A . n 
A 1 107 SER 107 107 107 SER SER A . n 
A 1 108 LYS 108 108 108 LYS LYS A . n 
A 1 109 PHE 109 109 109 PHE PHE A . n 
A 1 110 PRO 110 110 110 PRO PRO A . n 
A 1 111 ASN 111 111 111 ASN ASN A . n 
A 1 112 MET 112 112 112 MET MET A . n 
A 1 113 TYR 113 113 113 TYR TYR A . n 
A 1 114 ILE 114 114 114 ILE ILE A . n 
A 1 115 PRO 115 115 115 PRO PRO A . n 
A 1 116 VAL 116 116 116 VAL VAL A . n 
A 1 117 GLY 117 117 117 GLY GLY A . n 
A 1 118 GLN 118 118 118 GLN GLN A . n 
A 1 119 VAL 119 119 119 VAL VAL A . n 
A 1 120 THR 120 120 120 THR THR A . n 
A 1 121 GLU 121 121 121 GLU GLU A . n 
A 1 122 TYR 122 122 122 TYR TYR A . n 
A 1 123 GLY 123 123 123 GLY GLY A . n 
A 1 124 PHE 124 124 124 PHE PHE A . n 
A 1 125 LEU 125 125 125 LEU LEU A . n 
A 1 126 TYR 126 126 126 TYR TYR A . n 
A 1 127 LEU 127 127 127 LEU LEU A . n 
A 1 128 GLY 128 128 128 GLY GLY A . n 
A 1 129 GLY 129 129 129 GLY GLY A . n 
A 1 130 THR 130 130 130 THR THR A . n 
A 1 131 PRO 131 131 131 PRO PRO A . n 
A 1 132 THR 132 132 132 THR THR A . n 
A 1 133 LYS 133 133 133 LYS LYS A . n 
A 1 134 ARG 134 134 134 ARG ARG A . n 
A 1 135 MET 135 135 135 MET MET A . n 
A 1 136 LEU 136 136 136 LEU LEU A . n 
A 1 137 MET 137 137 137 MET MET A . n 
A 1 138 TYR 138 138 138 TYR TYR A . n 
A 1 139 ASN 139 139 139 ASN ASN A . n 
A 1 140 PHE 140 140 140 PHE PHE A . n 
A 1 141 PRO 141 141 141 PRO PRO A . n 
A 1 142 THR 142 142 142 THR THR A . n 
A 1 143 ARG 143 143 143 ARG ARG A . n 
A 1 144 ALA 144 144 144 ALA ALA A . n 
A 1 145 GLY 145 145 145 GLY GLY A . n 
A 1 146 GLN 146 146 146 GLN GLN A . n 
A 1 147 CYS 147 147 147 CYS CYS A . n 
A 1 148 GLY 148 148 148 GLY GLY A . n 
A 1 149 GLY 149 149 149 GLY GLY A . n 
A 1 150 VAL 150 150 150 VAL VAL A . n 
A 1 151 LEU 151 151 151 LEU LEU A . n 
A 1 152 MET 152 152 152 MET MET A . n 
A 1 153 SER 153 153 153 SER SER A . n 
A 1 154 THR 154 154 154 THR THR A . n 
A 1 155 GLY 155 155 155 GLY GLY A . n 
A 1 156 LYS 156 156 156 LYS LYS A . n 
A 1 157 VAL 157 157 157 VAL VAL A . n 
A 1 158 LEU 158 158 158 LEU LEU A . n 
A 1 159 GLY 159 159 159 GLY GLY A . n 
A 1 160 ILE 160 160 160 ILE ILE A . n 
A 1 161 HIS 161 161 161 HIS HIS A . n 
A 1 162 VAL 162 162 162 VAL VAL A . n 
A 1 163 GLY 163 163 163 GLY GLY A . n 
A 1 164 GLY 164 164 164 GLY GLY A . n 
A 1 165 ASN 165 165 165 ASN ASN A . n 
A 1 166 GLY 166 166 166 GLY GLY A . n 
A 1 167 HIS 167 167 167 HIS HIS A . n 
A 1 168 GLN 168 168 168 GLN GLN A . n 
A 1 169 GLY 169 169 169 GLY GLY A . n 
A 1 170 PHE 170 170 170 PHE PHE A . n 
A 1 171 SER 171 171 171 SER SER A . n 
A 1 172 ALA 172 172 172 ALA ALA A . n 
A 1 173 ALA 173 173 173 ALA ALA A . n 
A 1 174 LEU 174 174 174 LEU LEU A . n 
A 1 175 LEU 175 175 175 LEU LEU A . n 
A 1 176 LYS 176 176 176 LYS LYS A . n 
A 1 177 HIS 177 177 177 HIS HIS A . n 
A 1 178 TYR 178 178 178 TYR TYR A . n 
A 1 179 PHE 179 179 179 PHE PHE A . n 
A 1 180 ASN 180 180 180 ASN ASN A . n 
A 1 181 ASP 181 181 ?   ?   ?   A . n 
A 1 182 GLU 182 182 ?   ?   ?   A . n 
A 1 183 GLN 183 183 ?   ?   ?   A . n 
# 
loop_
_pdbx_nonpoly_scheme.asym_id 
_pdbx_nonpoly_scheme.entity_id 
_pdbx_nonpoly_scheme.mon_id 
_pdbx_nonpoly_scheme.ndb_seq_num 
_pdbx_nonpoly_scheme.pdb_seq_num 
_pdbx_nonpoly_scheme.auth_seq_num 
_pdbx_nonpoly_scheme.pdb_mon_id 
_pdbx_nonpoly_scheme.auth_mon_id 
_pdbx_nonpoly_scheme.pdb_strand_id 
_pdbx_nonpoly_scheme.pdb_ins_code 
B 2 G85 1  1181 1181 G85 G85 A . 
C 3 HOH 1  2001 2001 HOH HOH A . 
C 3 HOH 2  2002 2002 HOH HOH A . 
C 3 HOH 3  2003 2003 HOH HOH A . 
C 3 HOH 4  2004 2004 HOH HOH A . 
C 3 HOH 5  2005 2005 HOH HOH A . 
C 3 HOH 6  2006 2006 HOH HOH A . 
C 3 HOH 7  2007 2007 HOH HOH A . 
C 3 HOH 8  2008 2008 HOH HOH A . 
C 3 HOH 9  2009 2009 HOH HOH A . 
C 3 HOH 10 2010 2010 HOH HOH A . 
C 3 HOH 11 2011 2011 HOH HOH A . 
C 3 HOH 12 2012 2012 HOH HOH A . 
C 3 HOH 13 2013 2013 HOH HOH A . 
C 3 HOH 14 2014 2014 HOH HOH A . 
C 3 HOH 15 2015 2015 HOH HOH A . 
C 3 HOH 16 2016 2016 HOH HOH A . 
C 3 HOH 17 2017 2017 HOH HOH A . 
C 3 HOH 18 2018 2018 HOH HOH A . 
C 3 HOH 19 2019 2019 HOH HOH A . 
C 3 HOH 20 2020 2020 HOH HOH A . 
C 3 HOH 21 2021 2021 HOH HOH A . 
C 3 HOH 22 2022 2022 HOH HOH A . 
C 3 HOH 23 2023 2023 HOH HOH A . 
C 3 HOH 24 2024 2024 HOH HOH A . 
C 3 HOH 25 2025 2025 HOH HOH A . 
C 3 HOH 26 2026 2026 HOH HOH A . 
C 3 HOH 27 2027 2027 HOH HOH A . 
C 3 HOH 28 2028 2028 HOH HOH A . 
C 3 HOH 29 2029 2029 HOH HOH A . 
C 3 HOH 30 2030 2030 HOH HOH A . 
C 3 HOH 31 2031 2031 HOH HOH A . 
C 3 HOH 32 2032 2032 HOH HOH A . 
C 3 HOH 33 2033 2033 HOH HOH A . 
C 3 HOH 34 2034 2034 HOH HOH A . 
C 3 HOH 35 2035 2035 HOH HOH A . 
C 3 HOH 36 2036 2036 HOH HOH A . 
C 3 HOH 37 2037 2037 HOH HOH A . 
C 3 HOH 38 2038 2038 HOH HOH A . 
C 3 HOH 39 2039 2039 HOH HOH A . 
C 3 HOH 40 2040 2040 HOH HOH A . 
C 3 HOH 41 2041 2041 HOH HOH A . 
C 3 HOH 42 2042 2042 HOH HOH A . 
C 3 HOH 43 2043 2043 HOH HOH A . 
C 3 HOH 44 2044 2044 HOH HOH A . 
C 3 HOH 45 2045 2045 HOH HOH A . 
C 3 HOH 46 2046 2046 HOH HOH A . 
C 3 HOH 47 2047 2047 HOH HOH A . 
C 3 HOH 48 2048 2048 HOH HOH A . 
C 3 HOH 49 2049 2049 HOH HOH A . 
C 3 HOH 50 2050 2050 HOH HOH A . 
C 3 HOH 51 2051 2051 HOH HOH A . 
C 3 HOH 52 2052 2052 HOH HOH A . 
C 3 HOH 53 2053 2053 HOH HOH A . 
C 3 HOH 54 2054 2054 HOH HOH A . 
C 3 HOH 55 2055 2055 HOH HOH A . 
C 3 HOH 56 2056 2056 HOH HOH A . 
# 
loop_
_software.name 
_software.classification 
_software.version 
_software.citation_id 
_software.pdbx_ordinal 
REFMAC  refinement       5.5.0110 ? 1 
iMOSFLM 'data reduction' .        ? 2 
SCALA   'data scaling'   .        ? 3 
MOLREP  phasing          .        ? 4 
# 
_cell.entry_id           3ZZD 
_cell.length_a           65.870 
_cell.length_b           69.370 
_cell.length_c           75.710 
_cell.angle_alpha        90.00 
_cell.angle_beta         90.00 
_cell.angle_gamma        90.00 
_cell.Z_PDB              8 
_cell.pdbx_unique_axis   ? 
# 
_symmetry.entry_id                         3ZZD 
_symmetry.space_group_name_H-M             'C 2 2 21' 
_symmetry.pdbx_full_space_group_name_H-M   ? 
_symmetry.cell_setting                     ? 
_symmetry.Int_Tables_number                20 
# 
_exptl.entry_id          3ZZD 
_exptl.method            'X-RAY DIFFRACTION' 
_exptl.crystals_number   1 
# 
_exptl_crystal.id                    1 
_exptl_crystal.density_meas          ? 
_exptl_crystal.density_Matthews      2.06 
_exptl_crystal.density_percent_sol   40.31 
_exptl_crystal.description           NONE 
# 
_exptl_crystal_grow.crystal_id      1 
_exptl_crystal_grow.method          'VAPOR DIFFUSION, SITTING DROP' 
_exptl_crystal_grow.temp            ? 
_exptl_crystal_grow.temp_details    ? 
_exptl_crystal_grow.pH              8.5 
_exptl_crystal_grow.pdbx_pH_range   ? 
_exptl_crystal_grow.pdbx_details    '100 MM TRIS-HCL PH 8.5, 0.2 M MAGNESIUM CHLORIDE, AND 22% PEG 4000; SITTING DROP' 
# 
_diffrn.id                     1 
_diffrn.ambient_temp           100 
_diffrn.ambient_temp_details   ? 
_diffrn.crystal_id             1 
# 
_diffrn_detector.diffrn_id              1 
_diffrn_detector.detector               CCD 
_diffrn_detector.type                   MARRESEARCH 
_diffrn_detector.pdbx_collection_date   ? 
_diffrn_detector.details                MIRRORS 
# 
_diffrn_radiation.diffrn_id                        1 
_diffrn_radiation.wavelength_id                    1 
_diffrn_radiation.pdbx_monochromatic_or_laue_m_l   M 
_diffrn_radiation.monochromator                    ? 
_diffrn_radiation.pdbx_diffrn_protocol             'SINGLE WAVELENGTH' 
_diffrn_radiation.pdbx_scattering_type             x-ray 
# 
_diffrn_radiation_wavelength.id           1 
_diffrn_radiation_wavelength.wavelength   0.9184 
_diffrn_radiation_wavelength.wt           1.0 
# 
_diffrn_source.diffrn_id                   1 
_diffrn_source.source                      SYNCHROTRON 
_diffrn_source.type                        'BESSY BEAMLINE 14.1' 
_diffrn_source.pdbx_synchrotron_site       BESSY 
_diffrn_source.pdbx_synchrotron_beamline   14.1 
_diffrn_source.pdbx_wavelength             0.9184 
_diffrn_source.pdbx_wavelength_list        ? 
# 
_reflns.pdbx_diffrn_id               1 
_reflns.pdbx_ordinal                 1 
_reflns.entry_id                     3ZZD 
_reflns.observed_criterion_sigma_I   2.0 
_reflns.observed_criterion_sigma_F   ? 
_reflns.d_resolution_low             34.69 
_reflns.d_resolution_high            2.10 
_reflns.number_obs                   10447 
_reflns.number_all                   ? 
_reflns.percent_possible_obs         100.0 
_reflns.pdbx_Rmerge_I_obs            0.12 
_reflns.pdbx_Rsym_value              ? 
_reflns.pdbx_netI_over_sigmaI        17.60 
_reflns.B_iso_Wilson_estimate        ? 
_reflns.pdbx_redundancy              12.1 
# 
_reflns_shell.pdbx_diffrn_id         1 
_reflns_shell.pdbx_ordinal           1 
_reflns_shell.d_res_high             2.10 
_reflns_shell.d_res_low              2.21 
_reflns_shell.percent_possible_all   100.0 
_reflns_shell.Rmerge_I_obs           0.44 
_reflns_shell.pdbx_Rsym_value        ? 
_reflns_shell.meanI_over_sigI_obs    7.70 
_reflns_shell.pdbx_redundancy        12.3 
# 
_refine.pdbx_refine_id                           'X-RAY DIFFRACTION' 
_refine.entry_id                                 3ZZD 
_refine.pdbx_diffrn_id                           1 
_refine.pdbx_TLS_residual_ADP_flag               ? 
_refine.ls_number_reflns_obs                     9923 
_refine.ls_number_reflns_all                     ? 
_refine.pdbx_ls_sigma_I                          ? 
_refine.pdbx_ls_sigma_F                          . 
_refine.pdbx_data_cutoff_high_absF               ? 
_refine.pdbx_data_cutoff_low_absF                ? 
_refine.pdbx_data_cutoff_high_rms_absF           ? 
_refine.ls_d_res_low                             47.77 
_refine.ls_d_res_high                            2.10 
_refine.ls_percent_reflns_obs                    99.89 
_refine.ls_R_factor_obs                          0.19762 
_refine.ls_R_factor_all                          ? 
_refine.ls_R_factor_R_work                       0.19468 
_refine.ls_R_factor_R_free                       0.25730 
_refine.ls_R_factor_R_free_error                 ? 
_refine.ls_R_factor_R_free_error_details         ? 
_refine.ls_percent_reflns_R_free                 4.8 
_refine.ls_number_reflns_R_free                  499 
_refine.ls_number_parameters                     ? 
_refine.ls_number_restraints                     ? 
_refine.occupancy_min                            ? 
_refine.occupancy_max                            ? 
_refine.correlation_coeff_Fo_to_Fc               0.943 
_refine.correlation_coeff_Fo_to_Fc_free          0.899 
_refine.B_iso_mean                               24.162 
_refine.aniso_B[1][1]                            1.58 
_refine.aniso_B[2][2]                            -0.75 
_refine.aniso_B[3][3]                            -0.83 
_refine.aniso_B[1][2]                            0.00 
_refine.aniso_B[1][3]                            0.00 
_refine.aniso_B[2][3]                            0.00 
_refine.solvent_model_details                    MASK 
_refine.solvent_model_param_ksol                 ? 
_refine.solvent_model_param_bsol                 ? 
_refine.pdbx_solvent_vdw_probe_radii             1.40 
_refine.pdbx_solvent_ion_probe_radii             0.80 
_refine.pdbx_solvent_shrinkage_radii             0.80 
_refine.pdbx_ls_cross_valid_method               THROUGHOUT 
_refine.details                                  'HYDROGENS HAVE BEEN ADDED IN THE RIDING POSITIONS.' 
_refine.pdbx_starting_model                      'CRYSTAL STRUCTURE OF COXSACKIEVIURS B3 3C PROTEASE' 
_refine.pdbx_method_to_determine_struct          'MOLECULAR REPLACEMENT' 
_refine.pdbx_isotropic_thermal_model             ? 
_refine.pdbx_stereochemistry_target_values       'MAXIMUM LIKELIHOOD' 
_refine.pdbx_stereochem_target_val_spec_case     ? 
_refine.pdbx_R_Free_selection_details            RANDOM 
_refine.pdbx_overall_ESU_R                       0.259 
_refine.pdbx_overall_ESU_R_Free                  0.214 
_refine.overall_SU_ML                            0.148 
_refine.pdbx_overall_phase_error                 ? 
_refine.overall_SU_B                             5.439 
_refine.overall_SU_R_Cruickshank_DPI             ? 
_refine.pdbx_overall_SU_R_free_Cruickshank_DPI   ? 
_refine.pdbx_overall_SU_R_Blow_DPI               ? 
_refine.pdbx_overall_SU_R_free_Blow_DPI          ? 
# 
_refine_hist.pdbx_refine_id                   'X-RAY DIFFRACTION' 
_refine_hist.cycle_id                         LAST 
_refine_hist.pdbx_number_atoms_protein        1400 
_refine_hist.pdbx_number_atoms_nucleic_acid   0 
_refine_hist.pdbx_number_atoms_ligand         47 
_refine_hist.number_atoms_solvent             56 
_refine_hist.number_atoms_total               1503 
_refine_hist.d_res_high                       2.10 
_refine_hist.d_res_low                        47.77 
# 
loop_
_refine_ls_restr.type 
_refine_ls_restr.dev_ideal 
_refine_ls_restr.dev_ideal_target 
_refine_ls_restr.weight 
_refine_ls_restr.number 
_refine_ls_restr.pdbx_refine_id 
_refine_ls_restr.pdbx_restraint_function 
r_bond_refined_d             0.019  0.022  ? 1489 'X-RAY DIFFRACTION' ? 
r_bond_other_d               ?      ?      ? ?    'X-RAY DIFFRACTION' ? 
r_angle_refined_deg          1.864  2.001  ? 2007 'X-RAY DIFFRACTION' ? 
r_angle_other_deg            ?      ?      ? ?    'X-RAY DIFFRACTION' ? 
r_dihedral_angle_1_deg       7.400  5.000  ? 181  'X-RAY DIFFRACTION' ? 
r_dihedral_angle_2_deg       37.887 23.750 ? 64   'X-RAY DIFFRACTION' ? 
r_dihedral_angle_3_deg       16.522 15.000 ? 251  'X-RAY DIFFRACTION' ? 
r_dihedral_angle_4_deg       22.389 15.000 ? 9    'X-RAY DIFFRACTION' ? 
r_chiral_restr               0.127  0.200  ? 216  'X-RAY DIFFRACTION' ? 
r_gen_planes_refined         0.012  0.021  ? 1126 'X-RAY DIFFRACTION' ? 
r_gen_planes_other           ?      ?      ? ?    'X-RAY DIFFRACTION' ? 
r_nbd_refined                ?      ?      ? ?    'X-RAY DIFFRACTION' ? 
r_nbd_other                  ?      ?      ? ?    'X-RAY DIFFRACTION' ? 
r_nbtor_refined              ?      ?      ? ?    'X-RAY DIFFRACTION' ? 
r_nbtor_other                ?      ?      ? ?    'X-RAY DIFFRACTION' ? 
r_xyhbond_nbd_refined        ?      ?      ? ?    'X-RAY DIFFRACTION' ? 
r_xyhbond_nbd_other          ?      ?      ? ?    'X-RAY DIFFRACTION' ? 
r_metal_ion_refined          ?      ?      ? ?    'X-RAY DIFFRACTION' ? 
r_metal_ion_other            ?      ?      ? ?    'X-RAY DIFFRACTION' ? 
r_symmetry_vdw_refined       ?      ?      ? ?    'X-RAY DIFFRACTION' ? 
r_symmetry_vdw_other         ?      ?      ? ?    'X-RAY DIFFRACTION' ? 
r_symmetry_hbond_refined     ?      ?      ? ?    'X-RAY DIFFRACTION' ? 
r_symmetry_hbond_other       ?      ?      ? ?    'X-RAY DIFFRACTION' ? 
r_symmetry_metal_ion_refined ?      ?      ? ?    'X-RAY DIFFRACTION' ? 
r_symmetry_metal_ion_other   ?      ?      ? ?    'X-RAY DIFFRACTION' ? 
r_mcbond_it                  1.199  1.500  ? 890  'X-RAY DIFFRACTION' ? 
r_mcbond_other               ?      ?      ? ?    'X-RAY DIFFRACTION' ? 
r_mcangle_it                 2.156  2.000  ? 1425 'X-RAY DIFFRACTION' ? 
r_mcangle_other              ?      ?      ? ?    'X-RAY DIFFRACTION' ? 
r_scbond_it                  3.093  3.000  ? 599  'X-RAY DIFFRACTION' ? 
r_scbond_other               ?      ?      ? ?    'X-RAY DIFFRACTION' ? 
r_scangle_it                 4.858  4.500  ? 581  'X-RAY DIFFRACTION' ? 
r_scangle_other              ?      ?      ? ?    'X-RAY DIFFRACTION' ? 
r_long_range_B_refined       ?      ?      ? ?    'X-RAY DIFFRACTION' ? 
r_long_range_B_other         ?      ?      ? ?    'X-RAY DIFFRACTION' ? 
r_rigid_bond_restr           ?      ?      ? ?    'X-RAY DIFFRACTION' ? 
r_sphericity_free            ?      ?      ? ?    'X-RAY DIFFRACTION' ? 
r_sphericity_bonded          ?      ?      ? ?    'X-RAY DIFFRACTION' ? 
# 
_refine_ls_shell.pdbx_refine_id                   'X-RAY DIFFRACTION' 
_refine_ls_shell.pdbx_total_number_of_bins_used   20 
_refine_ls_shell.d_res_high                       2.100 
_refine_ls_shell.d_res_low                        2.155 
_refine_ls_shell.number_reflns_R_work             703 
_refine_ls_shell.R_factor_R_work                  0.182 
_refine_ls_shell.percent_reflns_obs               99.87 
_refine_ls_shell.R_factor_R_free                  0.247 
_refine_ls_shell.R_factor_R_free_error            ? 
_refine_ls_shell.percent_reflns_R_free            ? 
_refine_ls_shell.number_reflns_R_free             38 
_refine_ls_shell.number_reflns_all                ? 
_refine_ls_shell.R_factor_all                     ? 
# 
_struct.entry_id                  3ZZD 
_struct.title                     
;Crystal structure of 3C protease mutant (T68A and N126Y) of coxsackievirus B3 complexed with alpha, beta-unsaturated ethyl ester inhibitor 85
;
_struct.pdbx_model_details        ? 
_struct.pdbx_CASP_flag            ? 
_struct.pdbx_model_type_details   ? 
# 
_struct_keywords.entry_id        3ZZD 
_struct_keywords.pdbx_keywords   HYDROLASE 
_struct_keywords.text            'HYDROLASE, PICORNAVIRIDAE, BETA-UNSATURATED ETHYL ESTER INHIBITOR' 
# 
loop_
_struct_asym.id 
_struct_asym.pdbx_blank_PDB_chainid_flag 
_struct_asym.pdbx_modified 
_struct_asym.entity_id 
_struct_asym.details 
A N N 1 ? 
B N N 2 ? 
C N N 3 ? 
# 
_struct_ref.id                         1 
_struct_ref.db_name                    UNP 
_struct_ref.db_code                    Q90092_9ENTO 
_struct_ref.entity_id                  1 
_struct_ref.pdbx_seq_one_letter_code   ? 
_struct_ref.pdbx_align_begin           ? 
_struct_ref.pdbx_db_accession          Q90092 
_struct_ref.pdbx_db_isoform            ? 
# 
_struct_ref_seq.align_id                      1 
_struct_ref_seq.ref_id                        1 
_struct_ref_seq.pdbx_PDB_id_code              3ZZD 
_struct_ref_seq.pdbx_strand_id                A 
_struct_ref_seq.seq_align_beg                 1 
_struct_ref_seq.pdbx_seq_align_beg_ins_code   ? 
_struct_ref_seq.seq_align_end                 183 
_struct_ref_seq.pdbx_seq_align_end_ins_code   ? 
_struct_ref_seq.pdbx_db_accession             Q90092 
_struct_ref_seq.db_align_beg                  14 
_struct_ref_seq.pdbx_db_align_beg_ins_code    ? 
_struct_ref_seq.db_align_end                  196 
_struct_ref_seq.pdbx_db_align_end_ins_code    ? 
_struct_ref_seq.pdbx_auth_seq_align_beg       1 
_struct_ref_seq.pdbx_auth_seq_align_end       183 
# 
loop_
_struct_ref_seq_dif.align_id 
_struct_ref_seq_dif.pdbx_pdb_id_code 
_struct_ref_seq_dif.mon_id 
_struct_ref_seq_dif.pdbx_pdb_strand_id 
_struct_ref_seq_dif.seq_num 
_struct_ref_seq_dif.pdbx_pdb_ins_code 
_struct_ref_seq_dif.pdbx_seq_db_name 
_struct_ref_seq_dif.pdbx_seq_db_accession_code 
_struct_ref_seq_dif.db_mon_id 
_struct_ref_seq_dif.pdbx_seq_db_seq_num 
_struct_ref_seq_dif.details 
_struct_ref_seq_dif.pdbx_auth_seq_num 
_struct_ref_seq_dif.pdbx_ordinal 
1 3ZZD ALA A 68  ? UNP Q90092 THR 81  'engineered mutation' 68  1 
1 3ZZD TYR A 126 ? UNP Q90092 ASN 139 'engineered mutation' 126 2 
# 
_pdbx_struct_assembly.id                   1 
_pdbx_struct_assembly.details              author_and_software_defined_assembly 
_pdbx_struct_assembly.method_details       PISA 
_pdbx_struct_assembly.oligomeric_details   dimeric 
_pdbx_struct_assembly.oligomeric_count     2 
# 
loop_
_pdbx_struct_assembly_prop.biol_id 
_pdbx_struct_assembly_prop.type 
_pdbx_struct_assembly_prop.value 
_pdbx_struct_assembly_prop.details 
1 'ABSA (A^2)' 1330  ? 
1 MORE         -12.3 ? 
1 'SSA (A^2)'  15810 ? 
# 
_pdbx_struct_assembly_gen.assembly_id       1 
_pdbx_struct_assembly_gen.oper_expression   1,2 
_pdbx_struct_assembly_gen.asym_id_list      A,B,C 
# 
loop_
_pdbx_struct_oper_list.id 
_pdbx_struct_oper_list.type 
_pdbx_struct_oper_list.name 
_pdbx_struct_oper_list.symmetry_operation 
_pdbx_struct_oper_list.matrix[1][1] 
_pdbx_struct_oper_list.matrix[1][2] 
_pdbx_struct_oper_list.matrix[1][3] 
_pdbx_struct_oper_list.vector[1] 
_pdbx_struct_oper_list.matrix[2][1] 
_pdbx_struct_oper_list.matrix[2][2] 
_pdbx_struct_oper_list.matrix[2][3] 
_pdbx_struct_oper_list.vector[2] 
_pdbx_struct_oper_list.matrix[3][1] 
_pdbx_struct_oper_list.matrix[3][2] 
_pdbx_struct_oper_list.matrix[3][3] 
_pdbx_struct_oper_list.vector[3] 
1 'identity operation'         1_555 x,y,z       1.0000000000  0.0000000000 0.0000000000 0.0000000000  0.0000000000 1.0000000000  0.0000000000 0.0000000000  0.0000000000 0.0000000000 1.0000000000 0.0000000000  
2 'crystal symmetry operation' 3_554 -x,y,-z-1/2 -0.4656816968 0.2351132023 0.8531484861 -8.0204597009 0.2351132023 -0.8965444052 0.3754063287 31.0985270580 0.8531484861 0.3754063287 0.3622261020 -3.5470916413 
# 
_struct_biol.id   1 
# 
loop_
_struct_conf.conf_type_id 
_struct_conf.id 
_struct_conf.pdbx_PDB_helix_id 
_struct_conf.beg_label_comp_id 
_struct_conf.beg_label_asym_id 
_struct_conf.beg_label_seq_id 
_struct_conf.pdbx_beg_PDB_ins_code 
_struct_conf.end_label_comp_id 
_struct_conf.end_label_asym_id 
_struct_conf.end_label_seq_id 
_struct_conf.pdbx_end_PDB_ins_code 
_struct_conf.beg_auth_comp_id 
_struct_conf.beg_auth_asym_id 
_struct_conf.beg_auth_seq_id 
_struct_conf.end_auth_comp_id 
_struct_conf.end_auth_asym_id 
_struct_conf.end_auth_seq_id 
_struct_conf.pdbx_PDB_helix_class 
_struct_conf.details 
_struct_conf.pdbx_PDB_helix_length 
HELX_P HELX_P1 1 GLY A 1   ? ASN A 14  ? GLY A 1   ASN A 14  1 ? 14 
HELX_P HELX_P2 2 HIS A 40  ? LYS A 42  ? HIS A 40  LYS A 42  5 ? 3  
HELX_P HELX_P3 3 ILE A 86  ? PHE A 89  ? ILE A 86  PHE A 89  5 ? 4  
HELX_P HELX_P4 4 LYS A 176 ? PHE A 179 ? LYS A 176 PHE A 179 5 ? 4  
# 
_struct_conf_type.id          HELX_P 
_struct_conf_type.criteria    ? 
_struct_conf_type.reference   ? 
# 
_struct_conn.id                            covale1 
_struct_conn.conn_type_id                  covale 
_struct_conn.pdbx_leaving_atom_flag        none 
_struct_conn.pdbx_PDB_id                   ? 
_struct_conn.ptnr1_label_asym_id           A 
_struct_conn.ptnr1_label_comp_id           CYS 
_struct_conn.ptnr1_label_seq_id            147 
_struct_conn.ptnr1_label_atom_id           SG 
_struct_conn.pdbx_ptnr1_label_alt_id       ? 
_struct_conn.pdbx_ptnr1_PDB_ins_code       ? 
_struct_conn.pdbx_ptnr1_standard_comp_id   ? 
_struct_conn.ptnr1_symmetry                1_555 
_struct_conn.ptnr2_label_asym_id           B 
_struct_conn.ptnr2_label_comp_id           G85 
_struct_conn.ptnr2_label_seq_id            . 
_struct_conn.ptnr2_label_atom_id           C63 
_struct_conn.pdbx_ptnr2_label_alt_id       ? 
_struct_conn.pdbx_ptnr2_PDB_ins_code       ? 
_struct_conn.ptnr1_auth_asym_id            A 
_struct_conn.ptnr1_auth_comp_id            CYS 
_struct_conn.ptnr1_auth_seq_id             147 
_struct_conn.ptnr2_auth_asym_id            A 
_struct_conn.ptnr2_auth_comp_id            G85 
_struct_conn.ptnr2_auth_seq_id             1181 
_struct_conn.ptnr2_symmetry                1_555 
_struct_conn.pdbx_ptnr3_label_atom_id      ? 
_struct_conn.pdbx_ptnr3_label_seq_id       ? 
_struct_conn.pdbx_ptnr3_label_comp_id      ? 
_struct_conn.pdbx_ptnr3_label_asym_id      ? 
_struct_conn.pdbx_ptnr3_label_alt_id       ? 
_struct_conn.pdbx_ptnr3_PDB_ins_code       ? 
_struct_conn.details                       ? 
_struct_conn.pdbx_dist_value               1.816 
_struct_conn.pdbx_value_order              ? 
_struct_conn.pdbx_role                     ? 
# 
_struct_conn_type.id          covale 
_struct_conn_type.criteria    ? 
_struct_conn_type.reference   ? 
# 
_pdbx_modification_feature.ordinal                            1 
_pdbx_modification_feature.label_comp_id                      G85 
_pdbx_modification_feature.label_asym_id                      B 
_pdbx_modification_feature.label_seq_id                       . 
_pdbx_modification_feature.label_alt_id                       ? 
_pdbx_modification_feature.modified_residue_label_comp_id     CYS 
_pdbx_modification_feature.modified_residue_label_asym_id     A 
_pdbx_modification_feature.modified_residue_label_seq_id      147 
_pdbx_modification_feature.modified_residue_label_alt_id      ? 
_pdbx_modification_feature.auth_comp_id                       G85 
_pdbx_modification_feature.auth_asym_id                       A 
_pdbx_modification_feature.auth_seq_id                        1181 
_pdbx_modification_feature.PDB_ins_code                       ? 
_pdbx_modification_feature.symmetry                           1_555 
_pdbx_modification_feature.modified_residue_auth_comp_id      CYS 
_pdbx_modification_feature.modified_residue_auth_asym_id      A 
_pdbx_modification_feature.modified_residue_auth_seq_id       147 
_pdbx_modification_feature.modified_residue_PDB_ins_code      ? 
_pdbx_modification_feature.modified_residue_symmetry          1_555 
_pdbx_modification_feature.comp_id_linking_atom               C63 
_pdbx_modification_feature.modified_residue_id_linking_atom   SG 
_pdbx_modification_feature.modified_residue_id                CYS 
_pdbx_modification_feature.ref_pcm_id                         1 
_pdbx_modification_feature.ref_comp_id                        G85 
_pdbx_modification_feature.type                               None 
_pdbx_modification_feature.category                           'Covalent chemical modification' 
# 
loop_
_struct_sheet.id 
_struct_sheet.type 
_struct_sheet.number_strands 
_struct_sheet.details 
AA ? 7 ? 
AB ? 7 ? 
# 
loop_
_struct_sheet_order.sheet_id 
_struct_sheet_order.range_id_1 
_struct_sheet_order.range_id_2 
_struct_sheet_order.offset 
_struct_sheet_order.sense 
AA 1 2 ? anti-parallel 
AA 2 3 ? anti-parallel 
AA 3 4 ? anti-parallel 
AA 4 5 ? anti-parallel 
AA 5 6 ? anti-parallel 
AA 6 7 ? anti-parallel 
AB 1 2 ? anti-parallel 
AB 2 3 ? anti-parallel 
AB 3 4 ? anti-parallel 
AB 4 5 ? anti-parallel 
AB 5 6 ? anti-parallel 
AB 6 7 ? anti-parallel 
# 
loop_
_struct_sheet_range.sheet_id 
_struct_sheet_range.id 
_struct_sheet_range.beg_label_comp_id 
_struct_sheet_range.beg_label_asym_id 
_struct_sheet_range.beg_label_seq_id 
_struct_sheet_range.pdbx_beg_PDB_ins_code 
_struct_sheet_range.end_label_comp_id 
_struct_sheet_range.end_label_asym_id 
_struct_sheet_range.end_label_seq_id 
_struct_sheet_range.pdbx_end_PDB_ins_code 
_struct_sheet_range.beg_auth_comp_id 
_struct_sheet_range.beg_auth_asym_id 
_struct_sheet_range.beg_auth_seq_id 
_struct_sheet_range.end_auth_comp_id 
_struct_sheet_range.end_auth_asym_id 
_struct_sheet_range.end_auth_seq_id 
AA 1 SER A 15  ? THR A 20  ? SER A 15  THR A 20  
AA 2 GLY A 23  ? TYR A 31  ? GLY A 23  TYR A 31  
AA 3 TRP A 34  ? PRO A 38  ? TRP A 34  PRO A 38  
AA 4 ASN A 69  ? ASN A 78  ? ASN A 69  ASN A 78  
AA 5 GLN A 52  ? VAL A 63  ? GLN A 52  VAL A 63  
AA 6 THR A 46  ? MET A 49  ? THR A 46  MET A 49  
AA 7 SER A 15  ? THR A 20  ? SER A 15  THR A 20  
AB 1 MET A 112 ? PRO A 115 ? MET A 112 PRO A 115 
AB 2 VAL A 101 ? ILE A 104 ? VAL A 101 ILE A 104 
AB 3 VAL A 150 ? SER A 153 ? VAL A 150 SER A 153 
AB 4 LYS A 156 ? ASN A 165 ? LYS A 156 ASN A 165 
AB 5 GLN A 168 ? ALA A 173 ? GLN A 168 ALA A 173 
AB 6 THR A 130 ? ASN A 139 ? THR A 130 ASN A 139 
AB 7 VAL A 119 ? LEU A 127 ? VAL A 119 LEU A 127 
# 
loop_
_pdbx_struct_sheet_hbond.sheet_id 
_pdbx_struct_sheet_hbond.range_id_1 
_pdbx_struct_sheet_hbond.range_id_2 
_pdbx_struct_sheet_hbond.range_1_label_atom_id 
_pdbx_struct_sheet_hbond.range_1_label_comp_id 
_pdbx_struct_sheet_hbond.range_1_label_asym_id 
_pdbx_struct_sheet_hbond.range_1_label_seq_id 
_pdbx_struct_sheet_hbond.range_1_PDB_ins_code 
_pdbx_struct_sheet_hbond.range_1_auth_atom_id 
_pdbx_struct_sheet_hbond.range_1_auth_comp_id 
_pdbx_struct_sheet_hbond.range_1_auth_asym_id 
_pdbx_struct_sheet_hbond.range_1_auth_seq_id 
_pdbx_struct_sheet_hbond.range_2_label_atom_id 
_pdbx_struct_sheet_hbond.range_2_label_comp_id 
_pdbx_struct_sheet_hbond.range_2_label_asym_id 
_pdbx_struct_sheet_hbond.range_2_label_seq_id 
_pdbx_struct_sheet_hbond.range_2_PDB_ins_code 
_pdbx_struct_sheet_hbond.range_2_auth_atom_id 
_pdbx_struct_sheet_hbond.range_2_auth_comp_id 
_pdbx_struct_sheet_hbond.range_2_auth_asym_id 
_pdbx_struct_sheet_hbond.range_2_auth_seq_id 
AA 1 2 N THR A 20  ? N THR A 20  O GLY A 23  ? O GLY A 23  
AA 2 3 N ILE A 30  ? N ILE A 30  O TRP A 34  ? O TRP A 34  
AA 3 4 N LEU A 37  ? N LEU A 37  O THR A 73  ? O THR A 73  
AA 4 5 N ASN A 78  ? N ASN A 78  O GLY A 55  ? O GLY A 55  
AA 5 6 N VAL A 54  ? N VAL A 54  O ILE A 47  ? O ILE A 47  
AA 6 7 N LEU A 48  ? N LEU A 48  O LYS A 19  ? O LYS A 19  
AB 1 2 N ILE A 114 ? N ILE A 114 O LEU A 102 ? O LEU A 102 
AB 2 3 N ALA A 103 ? N ALA A 103 O VAL A 150 ? O VAL A 150 
AB 3 4 N SER A 153 ? N SER A 153 O LYS A 156 ? O LYS A 156 
AB 4 5 N ASN A 165 ? N ASN A 165 O GLN A 168 ? O GLN A 168 
AB 5 6 N ALA A 173 ? N ALA A 173 O ARG A 134 ? O ARG A 134 
AB 6 7 N MET A 137 ? N MET A 137 O THR A 120 ? O THR A 120 
# 
_struct_site.id                   AC1 
_struct_site.pdbx_evidence_code   Software 
_struct_site.pdbx_auth_asym_id    A 
_struct_site.pdbx_auth_comp_id    G85 
_struct_site.pdbx_auth_seq_id     1181 
_struct_site.pdbx_auth_ins_code   ? 
_struct_site.pdbx_num_residues    22 
_struct_site.details              'BINDING SITE FOR RESIDUE G85 A 1181' 
# 
loop_
_struct_site_gen.id 
_struct_site_gen.site_id 
_struct_site_gen.pdbx_num_res 
_struct_site_gen.label_comp_id 
_struct_site_gen.label_asym_id 
_struct_site_gen.label_seq_id 
_struct_site_gen.pdbx_auth_ins_code 
_struct_site_gen.auth_comp_id 
_struct_site_gen.auth_asym_id 
_struct_site_gen.auth_seq_id 
_struct_site_gen.label_atom_id 
_struct_site_gen.label_alt_id 
_struct_site_gen.symmetry 
_struct_site_gen.details 
1  AC1 22 GLU A 21  ? GLU A 21   . ? 4_555 ? 
2  AC1 22 TYR A 22  ? TYR A 22   . ? 4_555 ? 
3  AC1 22 ARG A 39  ? ARG A 39   . ? 1_555 ? 
4  AC1 22 HIS A 40  ? HIS A 40   . ? 1_555 ? 
5  AC1 22 GLU A 71  ? GLU A 71   . ? 1_555 ? 
6  AC1 22 ASP A 85  ? ASP A 85   . ? 7_444 ? 
7  AC1 22 GLY A 88  ? GLY A 88   . ? 7_444 ? 
8  AC1 22 PHE A 89  ? PHE A 89   . ? 7_444 ? 
9  AC1 22 LEU A 125 ? LEU A 125  . ? 1_555 ? 
10 AC1 22 TYR A 126 ? TYR A 126  . ? 1_555 ? 
11 AC1 22 LEU A 127 ? LEU A 127  . ? 1_555 ? 
12 AC1 22 GLY A 128 ? GLY A 128  . ? 1_555 ? 
13 AC1 22 THR A 142 ? THR A 142  . ? 1_555 ? 
14 AC1 22 ALA A 144 ? ALA A 144  . ? 1_555 ? 
15 AC1 22 GLY A 145 ? GLY A 145  . ? 1_555 ? 
16 AC1 22 CYS A 147 ? CYS A 147  . ? 1_555 ? 
17 AC1 22 HIS A 161 ? HIS A 161  . ? 1_555 ? 
18 AC1 22 VAL A 162 ? VAL A 162  . ? 1_555 ? 
19 AC1 22 GLY A 163 ? GLY A 163  . ? 1_555 ? 
20 AC1 22 GLY A 164 ? GLY A 164  . ? 1_555 ? 
21 AC1 22 ASN A 165 ? ASN A 165  . ? 1_555 ? 
22 AC1 22 HOH C .   ? HOH A 2009 . ? 4_555 ? 
# 
_pdbx_entry_details.entry_id                   3ZZD 
_pdbx_entry_details.compound_details           
;ENGINEERED RESIDUE IN CHAIN A, THR  81 TO ALA
ENGINEERED RESIDUE IN CHAIN A, ASN 139 TO TYR
;
_pdbx_entry_details.source_details             ? 
_pdbx_entry_details.nonpolymer_details         ? 
_pdbx_entry_details.sequence_details           ? 
_pdbx_entry_details.has_ligand_of_interest     ? 
_pdbx_entry_details.has_protein_modification   Y 
# 
_pdbx_validate_rmsd_angle.id                         1 
_pdbx_validate_rmsd_angle.PDB_model_num              1 
_pdbx_validate_rmsd_angle.auth_atom_id_1             CA 
_pdbx_validate_rmsd_angle.auth_asym_id_1             A 
_pdbx_validate_rmsd_angle.auth_comp_id_1             LEU 
_pdbx_validate_rmsd_angle.auth_seq_id_1              75 
_pdbx_validate_rmsd_angle.PDB_ins_code_1             ? 
_pdbx_validate_rmsd_angle.label_alt_id_1             ? 
_pdbx_validate_rmsd_angle.auth_atom_id_2             CB 
_pdbx_validate_rmsd_angle.auth_asym_id_2             A 
_pdbx_validate_rmsd_angle.auth_comp_id_2             LEU 
_pdbx_validate_rmsd_angle.auth_seq_id_2              75 
_pdbx_validate_rmsd_angle.PDB_ins_code_2             ? 
_pdbx_validate_rmsd_angle.label_alt_id_2             ? 
_pdbx_validate_rmsd_angle.auth_atom_id_3             CG 
_pdbx_validate_rmsd_angle.auth_asym_id_3             A 
_pdbx_validate_rmsd_angle.auth_comp_id_3             LEU 
_pdbx_validate_rmsd_angle.auth_seq_id_3              75 
_pdbx_validate_rmsd_angle.PDB_ins_code_3             ? 
_pdbx_validate_rmsd_angle.label_alt_id_3             ? 
_pdbx_validate_rmsd_angle.angle_value                130.69 
_pdbx_validate_rmsd_angle.angle_target_value         115.30 
_pdbx_validate_rmsd_angle.angle_deviation            15.39 
_pdbx_validate_rmsd_angle.angle_standard_deviation   2.30 
_pdbx_validate_rmsd_angle.linker_flag                N 
# 
loop_
_pdbx_validate_torsion.id 
_pdbx_validate_torsion.PDB_model_num 
_pdbx_validate_torsion.auth_comp_id 
_pdbx_validate_torsion.auth_asym_id 
_pdbx_validate_torsion.auth_seq_id 
_pdbx_validate_torsion.PDB_ins_code 
_pdbx_validate_torsion.label_alt_id 
_pdbx_validate_torsion.phi 
_pdbx_validate_torsion.psi 
1 1 ASP A 32  ? ? 54.89   -123.40 
2 1 LYS A 42  ? ? 36.99   66.03   
3 1 ASP A 51  ? ? 82.77   7.12    
4 1 PHE A 109 ? ? -119.72 78.71   
5 1 PHE A 140 ? ? 96.46   72.66   
6 1 PRO A 141 ? ? -144.74 -106.40 
7 1 THR A 142 ? ? 81.13   72.88   
# 
_pdbx_validate_peptide_omega.id               1 
_pdbx_validate_peptide_omega.PDB_model_num    1 
_pdbx_validate_peptide_omega.auth_comp_id_1   PRO 
_pdbx_validate_peptide_omega.auth_asym_id_1   A 
_pdbx_validate_peptide_omega.auth_seq_id_1    141 
_pdbx_validate_peptide_omega.PDB_ins_code_1   ? 
_pdbx_validate_peptide_omega.label_alt_id_1   ? 
_pdbx_validate_peptide_omega.auth_comp_id_2   THR 
_pdbx_validate_peptide_omega.auth_asym_id_2   A 
_pdbx_validate_peptide_omega.auth_seq_id_2    142 
_pdbx_validate_peptide_omega.PDB_ins_code_2   ? 
_pdbx_validate_peptide_omega.label_alt_id_2   ? 
_pdbx_validate_peptide_omega.omega            145.00 
# 
_pdbx_database_remark.id     700 
_pdbx_database_remark.text   
;
SHEET
DETERMINATION METHOD: DSSP
THE SHEETS PRESENTED AS "AA" IN EACH CHAIN ON SHEET RECORDS
BELOW IS ACTUALLY AN  6-STRANDED BARREL THIS IS REPRESENTED BY
A  7-STRANDED SHEET IN WHICH THE FIRST AND LAST STRANDS
ARE IDENTICAL.
;
# 
loop_
_pdbx_unobs_or_zero_occ_residues.id 
_pdbx_unobs_or_zero_occ_residues.PDB_model_num 
_pdbx_unobs_or_zero_occ_residues.polymer_flag 
_pdbx_unobs_or_zero_occ_residues.occupancy_flag 
_pdbx_unobs_or_zero_occ_residues.auth_asym_id 
_pdbx_unobs_or_zero_occ_residues.auth_comp_id 
_pdbx_unobs_or_zero_occ_residues.auth_seq_id 
_pdbx_unobs_or_zero_occ_residues.PDB_ins_code 
_pdbx_unobs_or_zero_occ_residues.label_asym_id 
_pdbx_unobs_or_zero_occ_residues.label_comp_id 
_pdbx_unobs_or_zero_occ_residues.label_seq_id 
1 1 Y 1 A ASP 181 ? A ASP 181 
2 1 Y 1 A GLU 182 ? A GLU 182 
3 1 Y 1 A GLN 183 ? A GLN 183 
# 
loop_
_chem_comp_atom.comp_id 
_chem_comp_atom.atom_id 
_chem_comp_atom.type_symbol 
_chem_comp_atom.pdbx_aromatic_flag 
_chem_comp_atom.pdbx_stereo_config 
_chem_comp_atom.pdbx_ordinal 
ALA N    N N N 1   
ALA CA   C N S 2   
ALA C    C N N 3   
ALA O    O N N 4   
ALA CB   C N N 5   
ALA OXT  O N N 6   
ALA H    H N N 7   
ALA H2   H N N 8   
ALA HA   H N N 9   
ALA HB1  H N N 10  
ALA HB2  H N N 11  
ALA HB3  H N N 12  
ALA HXT  H N N 13  
ARG N    N N N 14  
ARG CA   C N S 15  
ARG C    C N N 16  
ARG O    O N N 17  
ARG CB   C N N 18  
ARG CG   C N N 19  
ARG CD   C N N 20  
ARG NE   N N N 21  
ARG CZ   C N N 22  
ARG NH1  N N N 23  
ARG NH2  N N N 24  
ARG OXT  O N N 25  
ARG H    H N N 26  
ARG H2   H N N 27  
ARG HA   H N N 28  
ARG HB2  H N N 29  
ARG HB3  H N N 30  
ARG HG2  H N N 31  
ARG HG3  H N N 32  
ARG HD2  H N N 33  
ARG HD3  H N N 34  
ARG HE   H N N 35  
ARG HH11 H N N 36  
ARG HH12 H N N 37  
ARG HH21 H N N 38  
ARG HH22 H N N 39  
ARG HXT  H N N 40  
ASN N    N N N 41  
ASN CA   C N S 42  
ASN C    C N N 43  
ASN O    O N N 44  
ASN CB   C N N 45  
ASN CG   C N N 46  
ASN OD1  O N N 47  
ASN ND2  N N N 48  
ASN OXT  O N N 49  
ASN H    H N N 50  
ASN H2   H N N 51  
ASN HA   H N N 52  
ASN HB2  H N N 53  
ASN HB3  H N N 54  
ASN HD21 H N N 55  
ASN HD22 H N N 56  
ASN HXT  H N N 57  
ASP N    N N N 58  
ASP CA   C N S 59  
ASP C    C N N 60  
ASP O    O N N 61  
ASP CB   C N N 62  
ASP CG   C N N 63  
ASP OD1  O N N 64  
ASP OD2  O N N 65  
ASP OXT  O N N 66  
ASP H    H N N 67  
ASP H2   H N N 68  
ASP HA   H N N 69  
ASP HB2  H N N 70  
ASP HB3  H N N 71  
ASP HD2  H N N 72  
ASP HXT  H N N 73  
CYS N    N N N 74  
CYS CA   C N R 75  
CYS C    C N N 76  
CYS O    O N N 77  
CYS CB   C N N 78  
CYS SG   S N N 79  
CYS OXT  O N N 80  
CYS H    H N N 81  
CYS H2   H N N 82  
CYS HA   H N N 83  
CYS HB2  H N N 84  
CYS HB3  H N N 85  
CYS HG   H N N 86  
CYS HXT  H N N 87  
G85 C17  C N N 88  
G85 O19  O N N 89  
G85 O15  O N N 90  
G85 C13  C N N 91  
G85 C4   C Y N 92  
G85 C2   C Y N 93  
G85 C1   C Y N 94  
G85 C10  C Y N 95  
G85 C8   C Y N 96  
G85 C6   C Y N 97  
G85 C31  C N N 98  
G85 N21  N N N 99  
G85 O35  O N N 100 
G85 C12  C N N 101 
G85 C45  C N N 102 
G85 C43  C N N 103 
G85 C23  C N S 104 
G85 C25  C N N 105 
G85 C29  C N N 106 
G85 O27  O N N 107 
G85 N33  N N N 108 
G85 C37  C N S 109 
G85 C39  C N N 110 
G85 O47  O N N 111 
G85 C41  C N N 112 
G85 C51  C Y N 113 
G85 C53  C Y N 114 
G85 C55  C Y N 115 
G85 C7   C Y N 116 
G85 C11  C Y N 117 
G85 C9   C Y N 118 
G85 O86  O N N 119 
G85 C3   C N N 120 
G85 C5   C N N 121 
G85 N49  N N N 122 
G85 C57  C N R 123 
G85 C59  C N N 124 
G85 C61  C N S 125 
G85 C63  C N N 126 
G85 C65  C N N 127 
G85 O66  O N N 128 
G85 N69  N N N 129 
G85 C71  C N N 130 
G85 C73  C N N 131 
G85 C82  C N N 132 
G85 C84  C N N 133 
G85 O88  O N N 134 
G85 H13  H N N 135 
G85 H13A H N N 136 
G85 H2   H N N 137 
G85 H1   H N N 138 
G85 H10  H N N 139 
G85 H8   H N N 140 
G85 H6   H N N 141 
G85 HN21 H N N 142 
G85 H12  H N N 143 
G85 H12A H N N 144 
G85 H12B H N N 145 
G85 H45  H N N 146 
G85 H45A H N N 147 
G85 H45B H N N 148 
G85 H43  H N N 149 
G85 H43A H N N 150 
G85 H43B H N N 151 
G85 H23  H N N 152 
G85 H25  H N N 153 
G85 H25A H N N 154 
G85 HN33 H N N 155 
G85 H37  H N N 156 
G85 H41  H N N 157 
G85 H41A H N N 158 
G85 H53  H N N 159 
G85 H55  H N N 160 
G85 H7   H N N 161 
G85 H11  H N N 162 
G85 H9   H N N 163 
G85 H3   H N N 164 
G85 H3A  H N N 165 
G85 H5   H N N 166 
G85 H5A  H N N 167 
G85 H5B  H N N 168 
G85 HN49 H N N 169 
G85 H57  H N N 170 
G85 H59  H N N 171 
G85 H59A H N N 172 
G85 H61  H N N 173 
G85 H63  H N N 174 
G85 H63A H N N 175 
G85 HN69 H N N 176 
G85 H71  H N N 177 
G85 H71A H N N 178 
G85 H73  H N N 179 
G85 H73A H N N 180 
G85 H82  H N N 181 
G85 H82A H N N 182 
GLN N    N N N 183 
GLN CA   C N S 184 
GLN C    C N N 185 
GLN O    O N N 186 
GLN CB   C N N 187 
GLN CG   C N N 188 
GLN CD   C N N 189 
GLN OE1  O N N 190 
GLN NE2  N N N 191 
GLN OXT  O N N 192 
GLN H    H N N 193 
GLN H2   H N N 194 
GLN HA   H N N 195 
GLN HB2  H N N 196 
GLN HB3  H N N 197 
GLN HG2  H N N 198 
GLN HG3  H N N 199 
GLN HE21 H N N 200 
GLN HE22 H N N 201 
GLN HXT  H N N 202 
GLU N    N N N 203 
GLU CA   C N S 204 
GLU C    C N N 205 
GLU O    O N N 206 
GLU CB   C N N 207 
GLU CG   C N N 208 
GLU CD   C N N 209 
GLU OE1  O N N 210 
GLU OE2  O N N 211 
GLU OXT  O N N 212 
GLU H    H N N 213 
GLU H2   H N N 214 
GLU HA   H N N 215 
GLU HB2  H N N 216 
GLU HB3  H N N 217 
GLU HG2  H N N 218 
GLU HG3  H N N 219 
GLU HE2  H N N 220 
GLU HXT  H N N 221 
GLY N    N N N 222 
GLY CA   C N N 223 
GLY C    C N N 224 
GLY O    O N N 225 
GLY OXT  O N N 226 
GLY H    H N N 227 
GLY H2   H N N 228 
GLY HA2  H N N 229 
GLY HA3  H N N 230 
GLY HXT  H N N 231 
HIS N    N N N 232 
HIS CA   C N S 233 
HIS C    C N N 234 
HIS O    O N N 235 
HIS CB   C N N 236 
HIS CG   C Y N 237 
HIS ND1  N Y N 238 
HIS CD2  C Y N 239 
HIS CE1  C Y N 240 
HIS NE2  N Y N 241 
HIS OXT  O N N 242 
HIS H    H N N 243 
HIS H2   H N N 244 
HIS HA   H N N 245 
HIS HB2  H N N 246 
HIS HB3  H N N 247 
HIS HD1  H N N 248 
HIS HD2  H N N 249 
HIS HE1  H N N 250 
HIS HE2  H N N 251 
HIS HXT  H N N 252 
HOH O    O N N 253 
HOH H1   H N N 254 
HOH H2   H N N 255 
ILE N    N N N 256 
ILE CA   C N S 257 
ILE C    C N N 258 
ILE O    O N N 259 
ILE CB   C N S 260 
ILE CG1  C N N 261 
ILE CG2  C N N 262 
ILE CD1  C N N 263 
ILE OXT  O N N 264 
ILE H    H N N 265 
ILE H2   H N N 266 
ILE HA   H N N 267 
ILE HB   H N N 268 
ILE HG12 H N N 269 
ILE HG13 H N N 270 
ILE HG21 H N N 271 
ILE HG22 H N N 272 
ILE HG23 H N N 273 
ILE HD11 H N N 274 
ILE HD12 H N N 275 
ILE HD13 H N N 276 
ILE HXT  H N N 277 
LEU N    N N N 278 
LEU CA   C N S 279 
LEU C    C N N 280 
LEU O    O N N 281 
LEU CB   C N N 282 
LEU CG   C N N 283 
LEU CD1  C N N 284 
LEU CD2  C N N 285 
LEU OXT  O N N 286 
LEU H    H N N 287 
LEU H2   H N N 288 
LEU HA   H N N 289 
LEU HB2  H N N 290 
LEU HB3  H N N 291 
LEU HG   H N N 292 
LEU HD11 H N N 293 
LEU HD12 H N N 294 
LEU HD13 H N N 295 
LEU HD21 H N N 296 
LEU HD22 H N N 297 
LEU HD23 H N N 298 
LEU HXT  H N N 299 
LYS N    N N N 300 
LYS CA   C N S 301 
LYS C    C N N 302 
LYS O    O N N 303 
LYS CB   C N N 304 
LYS CG   C N N 305 
LYS CD   C N N 306 
LYS CE   C N N 307 
LYS NZ   N N N 308 
LYS OXT  O N N 309 
LYS H    H N N 310 
LYS H2   H N N 311 
LYS HA   H N N 312 
LYS HB2  H N N 313 
LYS HB3  H N N 314 
LYS HG2  H N N 315 
LYS HG3  H N N 316 
LYS HD2  H N N 317 
LYS HD3  H N N 318 
LYS HE2  H N N 319 
LYS HE3  H N N 320 
LYS HZ1  H N N 321 
LYS HZ2  H N N 322 
LYS HZ3  H N N 323 
LYS HXT  H N N 324 
MET N    N N N 325 
MET CA   C N S 326 
MET C    C N N 327 
MET O    O N N 328 
MET CB   C N N 329 
MET CG   C N N 330 
MET SD   S N N 331 
MET CE   C N N 332 
MET OXT  O N N 333 
MET H    H N N 334 
MET H2   H N N 335 
MET HA   H N N 336 
MET HB2  H N N 337 
MET HB3  H N N 338 
MET HG2  H N N 339 
MET HG3  H N N 340 
MET HE1  H N N 341 
MET HE2  H N N 342 
MET HE3  H N N 343 
MET HXT  H N N 344 
PHE N    N N N 345 
PHE CA   C N S 346 
PHE C    C N N 347 
PHE O    O N N 348 
PHE CB   C N N 349 
PHE CG   C Y N 350 
PHE CD1  C Y N 351 
PHE CD2  C Y N 352 
PHE CE1  C Y N 353 
PHE CE2  C Y N 354 
PHE CZ   C Y N 355 
PHE OXT  O N N 356 
PHE H    H N N 357 
PHE H2   H N N 358 
PHE HA   H N N 359 
PHE HB2  H N N 360 
PHE HB3  H N N 361 
PHE HD1  H N N 362 
PHE HD2  H N N 363 
PHE HE1  H N N 364 
PHE HE2  H N N 365 
PHE HZ   H N N 366 
PHE HXT  H N N 367 
PRO N    N N N 368 
PRO CA   C N S 369 
PRO C    C N N 370 
PRO O    O N N 371 
PRO CB   C N N 372 
PRO CG   C N N 373 
PRO CD   C N N 374 
PRO OXT  O N N 375 
PRO H    H N N 376 
PRO HA   H N N 377 
PRO HB2  H N N 378 
PRO HB3  H N N 379 
PRO HG2  H N N 380 
PRO HG3  H N N 381 
PRO HD2  H N N 382 
PRO HD3  H N N 383 
PRO HXT  H N N 384 
SER N    N N N 385 
SER CA   C N S 386 
SER C    C N N 387 
SER O    O N N 388 
SER CB   C N N 389 
SER OG   O N N 390 
SER OXT  O N N 391 
SER H    H N N 392 
SER H2   H N N 393 
SER HA   H N N 394 
SER HB2  H N N 395 
SER HB3  H N N 396 
SER HG   H N N 397 
SER HXT  H N N 398 
THR N    N N N 399 
THR CA   C N S 400 
THR C    C N N 401 
THR O    O N N 402 
THR CB   C N R 403 
THR OG1  O N N 404 
THR CG2  C N N 405 
THR OXT  O N N 406 
THR H    H N N 407 
THR H2   H N N 408 
THR HA   H N N 409 
THR HB   H N N 410 
THR HG1  H N N 411 
THR HG21 H N N 412 
THR HG22 H N N 413 
THR HG23 H N N 414 
THR HXT  H N N 415 
TRP N    N N N 416 
TRP CA   C N S 417 
TRP C    C N N 418 
TRP O    O N N 419 
TRP CB   C N N 420 
TRP CG   C Y N 421 
TRP CD1  C Y N 422 
TRP CD2  C Y N 423 
TRP NE1  N Y N 424 
TRP CE2  C Y N 425 
TRP CE3  C Y N 426 
TRP CZ2  C Y N 427 
TRP CZ3  C Y N 428 
TRP CH2  C Y N 429 
TRP OXT  O N N 430 
TRP H    H N N 431 
TRP H2   H N N 432 
TRP HA   H N N 433 
TRP HB2  H N N 434 
TRP HB3  H N N 435 
TRP HD1  H N N 436 
TRP HE1  H N N 437 
TRP HE3  H N N 438 
TRP HZ2  H N N 439 
TRP HZ3  H N N 440 
TRP HH2  H N N 441 
TRP HXT  H N N 442 
TYR N    N N N 443 
TYR CA   C N S 444 
TYR C    C N N 445 
TYR O    O N N 446 
TYR CB   C N N 447 
TYR CG   C Y N 448 
TYR CD1  C Y N 449 
TYR CD2  C Y N 450 
TYR CE1  C Y N 451 
TYR CE2  C Y N 452 
TYR CZ   C Y N 453 
TYR OH   O N N 454 
TYR OXT  O N N 455 
TYR H    H N N 456 
TYR H2   H N N 457 
TYR HA   H N N 458 
TYR HB2  H N N 459 
TYR HB3  H N N 460 
TYR HD1  H N N 461 
TYR HD2  H N N 462 
TYR HE1  H N N 463 
TYR HE2  H N N 464 
TYR HH   H N N 465 
TYR HXT  H N N 466 
VAL N    N N N 467 
VAL CA   C N S 468 
VAL C    C N N 469 
VAL O    O N N 470 
VAL CB   C N N 471 
VAL CG1  C N N 472 
VAL CG2  C N N 473 
VAL OXT  O N N 474 
VAL H    H N N 475 
VAL H2   H N N 476 
VAL HA   H N N 477 
VAL HB   H N N 478 
VAL HG11 H N N 479 
VAL HG12 H N N 480 
VAL HG13 H N N 481 
VAL HG21 H N N 482 
VAL HG22 H N N 483 
VAL HG23 H N N 484 
VAL HXT  H N N 485 
# 
loop_
_chem_comp_bond.comp_id 
_chem_comp_bond.atom_id_1 
_chem_comp_bond.atom_id_2 
_chem_comp_bond.value_order 
_chem_comp_bond.pdbx_aromatic_flag 
_chem_comp_bond.pdbx_stereo_config 
_chem_comp_bond.pdbx_ordinal 
ALA N   CA   sing N N 1   
ALA N   H    sing N N 2   
ALA N   H2   sing N N 3   
ALA CA  C    sing N N 4   
ALA CA  CB   sing N N 5   
ALA CA  HA   sing N N 6   
ALA C   O    doub N N 7   
ALA C   OXT  sing N N 8   
ALA CB  HB1  sing N N 9   
ALA CB  HB2  sing N N 10  
ALA CB  HB3  sing N N 11  
ALA OXT HXT  sing N N 12  
ARG N   CA   sing N N 13  
ARG N   H    sing N N 14  
ARG N   H2   sing N N 15  
ARG CA  C    sing N N 16  
ARG CA  CB   sing N N 17  
ARG CA  HA   sing N N 18  
ARG C   O    doub N N 19  
ARG C   OXT  sing N N 20  
ARG CB  CG   sing N N 21  
ARG CB  HB2  sing N N 22  
ARG CB  HB3  sing N N 23  
ARG CG  CD   sing N N 24  
ARG CG  HG2  sing N N 25  
ARG CG  HG3  sing N N 26  
ARG CD  NE   sing N N 27  
ARG CD  HD2  sing N N 28  
ARG CD  HD3  sing N N 29  
ARG NE  CZ   sing N N 30  
ARG NE  HE   sing N N 31  
ARG CZ  NH1  sing N N 32  
ARG CZ  NH2  doub N N 33  
ARG NH1 HH11 sing N N 34  
ARG NH1 HH12 sing N N 35  
ARG NH2 HH21 sing N N 36  
ARG NH2 HH22 sing N N 37  
ARG OXT HXT  sing N N 38  
ASN N   CA   sing N N 39  
ASN N   H    sing N N 40  
ASN N   H2   sing N N 41  
ASN CA  C    sing N N 42  
ASN CA  CB   sing N N 43  
ASN CA  HA   sing N N 44  
ASN C   O    doub N N 45  
ASN C   OXT  sing N N 46  
ASN CB  CG   sing N N 47  
ASN CB  HB2  sing N N 48  
ASN CB  HB3  sing N N 49  
ASN CG  OD1  doub N N 50  
ASN CG  ND2  sing N N 51  
ASN ND2 HD21 sing N N 52  
ASN ND2 HD22 sing N N 53  
ASN OXT HXT  sing N N 54  
ASP N   CA   sing N N 55  
ASP N   H    sing N N 56  
ASP N   H2   sing N N 57  
ASP CA  C    sing N N 58  
ASP CA  CB   sing N N 59  
ASP CA  HA   sing N N 60  
ASP C   O    doub N N 61  
ASP C   OXT  sing N N 62  
ASP CB  CG   sing N N 63  
ASP CB  HB2  sing N N 64  
ASP CB  HB3  sing N N 65  
ASP CG  OD1  doub N N 66  
ASP CG  OD2  sing N N 67  
ASP OD2 HD2  sing N N 68  
ASP OXT HXT  sing N N 69  
CYS N   CA   sing N N 70  
CYS N   H    sing N N 71  
CYS N   H2   sing N N 72  
CYS CA  C    sing N N 73  
CYS CA  CB   sing N N 74  
CYS CA  HA   sing N N 75  
CYS C   O    doub N N 76  
CYS C   OXT  sing N N 77  
CYS CB  SG   sing N N 78  
CYS CB  HB2  sing N N 79  
CYS CB  HB3  sing N N 80  
CYS SG  HG   sing N N 81  
CYS OXT HXT  sing N N 82  
G85 C1  C2   doub Y N 83  
G85 C1  C10  sing Y N 84  
G85 C2  C4   sing Y N 85  
G85 C3  C5   sing N N 86  
G85 C3  O86  sing N N 87  
G85 C4  C6   doub Y N 88  
G85 C4  C13  sing N N 89  
G85 C6  C8   sing Y N 90  
G85 C7  C9   doub Y N 91  
G85 C7  C53  sing Y N 92  
G85 C8  C10  doub Y N 93  
G85 C9  C11  sing Y N 94  
G85 C11 C55  doub Y N 95  
G85 C12 C29  sing N N 96  
G85 C13 O15  sing N N 97  
G85 O15 C17  sing N N 98  
G85 C17 O19  doub N N 99  
G85 C17 N21  sing N N 100 
G85 N21 C23  sing N N 101 
G85 C23 C25  sing N N 102 
G85 C23 C31  sing N N 103 
G85 C25 O27  sing N N 104 
G85 O27 C29  sing N N 105 
G85 C29 C43  sing N N 106 
G85 C29 C45  sing N N 107 
G85 C31 N33  sing N N 108 
G85 C31 O35  doub N N 109 
G85 N33 C37  sing N N 110 
G85 C37 C39  sing N N 111 
G85 C37 C41  sing N N 112 
G85 C39 O47  doub N N 113 
G85 C39 N49  sing N N 114 
G85 C41 C51  sing N N 115 
G85 N49 C57  sing N N 116 
G85 C51 C53  doub Y N 117 
G85 C51 C55  sing Y N 118 
G85 C57 C59  sing N N 119 
G85 C57 C63  sing N N 120 
G85 C59 C61  sing N N 121 
G85 C61 C65  sing N N 122 
G85 C61 C73  sing N N 123 
G85 C63 C82  sing N N 124 
G85 C65 O66  doub N N 125 
G85 C65 N69  sing N N 126 
G85 N69 C71  sing N N 127 
G85 C71 C73  sing N N 128 
G85 C82 C84  sing N N 129 
G85 C84 O86  sing N N 130 
G85 C84 O88  doub N N 131 
G85 C1  H1   sing N N 132 
G85 C2  H2   sing N N 133 
G85 C3  H3   sing N N 134 
G85 C3  H3A  sing N N 135 
G85 C5  H5   sing N N 136 
G85 C5  H5A  sing N N 137 
G85 C5  H5B  sing N N 138 
G85 C6  H6   sing N N 139 
G85 C7  H7   sing N N 140 
G85 C8  H8   sing N N 141 
G85 C9  H9   sing N N 142 
G85 C10 H10  sing N N 143 
G85 C11 H11  sing N N 144 
G85 C12 H12  sing N N 145 
G85 C12 H12A sing N N 146 
G85 C12 H12B sing N N 147 
G85 C13 H13  sing N N 148 
G85 C13 H13A sing N N 149 
G85 N21 HN21 sing N N 150 
G85 C23 H23  sing N N 151 
G85 C25 H25  sing N N 152 
G85 C25 H25A sing N N 153 
G85 N33 HN33 sing N N 154 
G85 C37 H37  sing N N 155 
G85 C41 H41  sing N N 156 
G85 C41 H41A sing N N 157 
G85 C43 H43  sing N N 158 
G85 C43 H43A sing N N 159 
G85 C43 H43B sing N N 160 
G85 C45 H45  sing N N 161 
G85 C45 H45A sing N N 162 
G85 C45 H45B sing N N 163 
G85 N49 HN49 sing N N 164 
G85 C53 H53  sing N N 165 
G85 C55 H55  sing N N 166 
G85 C57 H57  sing N N 167 
G85 C59 H59  sing N N 168 
G85 C59 H59A sing N N 169 
G85 C61 H61  sing N N 170 
G85 C63 H63  sing N N 171 
G85 C63 H63A sing N N 172 
G85 N69 HN69 sing N N 173 
G85 C71 H71  sing N N 174 
G85 C71 H71A sing N N 175 
G85 C73 H73  sing N N 176 
G85 C73 H73A sing N N 177 
G85 C82 H82  sing N N 178 
G85 C82 H82A sing N N 179 
GLN N   CA   sing N N 180 
GLN N   H    sing N N 181 
GLN N   H2   sing N N 182 
GLN CA  C    sing N N 183 
GLN CA  CB   sing N N 184 
GLN CA  HA   sing N N 185 
GLN C   O    doub N N 186 
GLN C   OXT  sing N N 187 
GLN CB  CG   sing N N 188 
GLN CB  HB2  sing N N 189 
GLN CB  HB3  sing N N 190 
GLN CG  CD   sing N N 191 
GLN CG  HG2  sing N N 192 
GLN CG  HG3  sing N N 193 
GLN CD  OE1  doub N N 194 
GLN CD  NE2  sing N N 195 
GLN NE2 HE21 sing N N 196 
GLN NE2 HE22 sing N N 197 
GLN OXT HXT  sing N N 198 
GLU N   CA   sing N N 199 
GLU N   H    sing N N 200 
GLU N   H2   sing N N 201 
GLU CA  C    sing N N 202 
GLU CA  CB   sing N N 203 
GLU CA  HA   sing N N 204 
GLU C   O    doub N N 205 
GLU C   OXT  sing N N 206 
GLU CB  CG   sing N N 207 
GLU CB  HB2  sing N N 208 
GLU CB  HB3  sing N N 209 
GLU CG  CD   sing N N 210 
GLU CG  HG2  sing N N 211 
GLU CG  HG3  sing N N 212 
GLU CD  OE1  doub N N 213 
GLU CD  OE2  sing N N 214 
GLU OE2 HE2  sing N N 215 
GLU OXT HXT  sing N N 216 
GLY N   CA   sing N N 217 
GLY N   H    sing N N 218 
GLY N   H2   sing N N 219 
GLY CA  C    sing N N 220 
GLY CA  HA2  sing N N 221 
GLY CA  HA3  sing N N 222 
GLY C   O    doub N N 223 
GLY C   OXT  sing N N 224 
GLY OXT HXT  sing N N 225 
HIS N   CA   sing N N 226 
HIS N   H    sing N N 227 
HIS N   H2   sing N N 228 
HIS CA  C    sing N N 229 
HIS CA  CB   sing N N 230 
HIS CA  HA   sing N N 231 
HIS C   O    doub N N 232 
HIS C   OXT  sing N N 233 
HIS CB  CG   sing N N 234 
HIS CB  HB2  sing N N 235 
HIS CB  HB3  sing N N 236 
HIS CG  ND1  sing Y N 237 
HIS CG  CD2  doub Y N 238 
HIS ND1 CE1  doub Y N 239 
HIS ND1 HD1  sing N N 240 
HIS CD2 NE2  sing Y N 241 
HIS CD2 HD2  sing N N 242 
HIS CE1 NE2  sing Y N 243 
HIS CE1 HE1  sing N N 244 
HIS NE2 HE2  sing N N 245 
HIS OXT HXT  sing N N 246 
HOH O   H1   sing N N 247 
HOH O   H2   sing N N 248 
ILE N   CA   sing N N 249 
ILE N   H    sing N N 250 
ILE N   H2   sing N N 251 
ILE CA  C    sing N N 252 
ILE CA  CB   sing N N 253 
ILE CA  HA   sing N N 254 
ILE C   O    doub N N 255 
ILE C   OXT  sing N N 256 
ILE CB  CG1  sing N N 257 
ILE CB  CG2  sing N N 258 
ILE CB  HB   sing N N 259 
ILE CG1 CD1  sing N N 260 
ILE CG1 HG12 sing N N 261 
ILE CG1 HG13 sing N N 262 
ILE CG2 HG21 sing N N 263 
ILE CG2 HG22 sing N N 264 
ILE CG2 HG23 sing N N 265 
ILE CD1 HD11 sing N N 266 
ILE CD1 HD12 sing N N 267 
ILE CD1 HD13 sing N N 268 
ILE OXT HXT  sing N N 269 
LEU N   CA   sing N N 270 
LEU N   H    sing N N 271 
LEU N   H2   sing N N 272 
LEU CA  C    sing N N 273 
LEU CA  CB   sing N N 274 
LEU CA  HA   sing N N 275 
LEU C   O    doub N N 276 
LEU C   OXT  sing N N 277 
LEU CB  CG   sing N N 278 
LEU CB  HB2  sing N N 279 
LEU CB  HB3  sing N N 280 
LEU CG  CD1  sing N N 281 
LEU CG  CD2  sing N N 282 
LEU CG  HG   sing N N 283 
LEU CD1 HD11 sing N N 284 
LEU CD1 HD12 sing N N 285 
LEU CD1 HD13 sing N N 286 
LEU CD2 HD21 sing N N 287 
LEU CD2 HD22 sing N N 288 
LEU CD2 HD23 sing N N 289 
LEU OXT HXT  sing N N 290 
LYS N   CA   sing N N 291 
LYS N   H    sing N N 292 
LYS N   H2   sing N N 293 
LYS CA  C    sing N N 294 
LYS CA  CB   sing N N 295 
LYS CA  HA   sing N N 296 
LYS C   O    doub N N 297 
LYS C   OXT  sing N N 298 
LYS CB  CG   sing N N 299 
LYS CB  HB2  sing N N 300 
LYS CB  HB3  sing N N 301 
LYS CG  CD   sing N N 302 
LYS CG  HG2  sing N N 303 
LYS CG  HG3  sing N N 304 
LYS CD  CE   sing N N 305 
LYS CD  HD2  sing N N 306 
LYS CD  HD3  sing N N 307 
LYS CE  NZ   sing N N 308 
LYS CE  HE2  sing N N 309 
LYS CE  HE3  sing N N 310 
LYS NZ  HZ1  sing N N 311 
LYS NZ  HZ2  sing N N 312 
LYS NZ  HZ3  sing N N 313 
LYS OXT HXT  sing N N 314 
MET N   CA   sing N N 315 
MET N   H    sing N N 316 
MET N   H2   sing N N 317 
MET CA  C    sing N N 318 
MET CA  CB   sing N N 319 
MET CA  HA   sing N N 320 
MET C   O    doub N N 321 
MET C   OXT  sing N N 322 
MET CB  CG   sing N N 323 
MET CB  HB2  sing N N 324 
MET CB  HB3  sing N N 325 
MET CG  SD   sing N N 326 
MET CG  HG2  sing N N 327 
MET CG  HG3  sing N N 328 
MET SD  CE   sing N N 329 
MET CE  HE1  sing N N 330 
MET CE  HE2  sing N N 331 
MET CE  HE3  sing N N 332 
MET OXT HXT  sing N N 333 
PHE N   CA   sing N N 334 
PHE N   H    sing N N 335 
PHE N   H2   sing N N 336 
PHE CA  C    sing N N 337 
PHE CA  CB   sing N N 338 
PHE CA  HA   sing N N 339 
PHE C   O    doub N N 340 
PHE C   OXT  sing N N 341 
PHE CB  CG   sing N N 342 
PHE CB  HB2  sing N N 343 
PHE CB  HB3  sing N N 344 
PHE CG  CD1  doub Y N 345 
PHE CG  CD2  sing Y N 346 
PHE CD1 CE1  sing Y N 347 
PHE CD1 HD1  sing N N 348 
PHE CD2 CE2  doub Y N 349 
PHE CD2 HD2  sing N N 350 
PHE CE1 CZ   doub Y N 351 
PHE CE1 HE1  sing N N 352 
PHE CE2 CZ   sing Y N 353 
PHE CE2 HE2  sing N N 354 
PHE CZ  HZ   sing N N 355 
PHE OXT HXT  sing N N 356 
PRO N   CA   sing N N 357 
PRO N   CD   sing N N 358 
PRO N   H    sing N N 359 
PRO CA  C    sing N N 360 
PRO CA  CB   sing N N 361 
PRO CA  HA   sing N N 362 
PRO C   O    doub N N 363 
PRO C   OXT  sing N N 364 
PRO CB  CG   sing N N 365 
PRO CB  HB2  sing N N 366 
PRO CB  HB3  sing N N 367 
PRO CG  CD   sing N N 368 
PRO CG  HG2  sing N N 369 
PRO CG  HG3  sing N N 370 
PRO CD  HD2  sing N N 371 
PRO CD  HD3  sing N N 372 
PRO OXT HXT  sing N N 373 
SER N   CA   sing N N 374 
SER N   H    sing N N 375 
SER N   H2   sing N N 376 
SER CA  C    sing N N 377 
SER CA  CB   sing N N 378 
SER CA  HA   sing N N 379 
SER C   O    doub N N 380 
SER C   OXT  sing N N 381 
SER CB  OG   sing N N 382 
SER CB  HB2  sing N N 383 
SER CB  HB3  sing N N 384 
SER OG  HG   sing N N 385 
SER OXT HXT  sing N N 386 
THR N   CA   sing N N 387 
THR N   H    sing N N 388 
THR N   H2   sing N N 389 
THR CA  C    sing N N 390 
THR CA  CB   sing N N 391 
THR CA  HA   sing N N 392 
THR C   O    doub N N 393 
THR C   OXT  sing N N 394 
THR CB  OG1  sing N N 395 
THR CB  CG2  sing N N 396 
THR CB  HB   sing N N 397 
THR OG1 HG1  sing N N 398 
THR CG2 HG21 sing N N 399 
THR CG2 HG22 sing N N 400 
THR CG2 HG23 sing N N 401 
THR OXT HXT  sing N N 402 
TRP N   CA   sing N N 403 
TRP N   H    sing N N 404 
TRP N   H2   sing N N 405 
TRP CA  C    sing N N 406 
TRP CA  CB   sing N N 407 
TRP CA  HA   sing N N 408 
TRP C   O    doub N N 409 
TRP C   OXT  sing N N 410 
TRP CB  CG   sing N N 411 
TRP CB  HB2  sing N N 412 
TRP CB  HB3  sing N N 413 
TRP CG  CD1  doub Y N 414 
TRP CG  CD2  sing Y N 415 
TRP CD1 NE1  sing Y N 416 
TRP CD1 HD1  sing N N 417 
TRP CD2 CE2  doub Y N 418 
TRP CD2 CE3  sing Y N 419 
TRP NE1 CE2  sing Y N 420 
TRP NE1 HE1  sing N N 421 
TRP CE2 CZ2  sing Y N 422 
TRP CE3 CZ3  doub Y N 423 
TRP CE3 HE3  sing N N 424 
TRP CZ2 CH2  doub Y N 425 
TRP CZ2 HZ2  sing N N 426 
TRP CZ3 CH2  sing Y N 427 
TRP CZ3 HZ3  sing N N 428 
TRP CH2 HH2  sing N N 429 
TRP OXT HXT  sing N N 430 
TYR N   CA   sing N N 431 
TYR N   H    sing N N 432 
TYR N   H2   sing N N 433 
TYR CA  C    sing N N 434 
TYR CA  CB   sing N N 435 
TYR CA  HA   sing N N 436 
TYR C   O    doub N N 437 
TYR C   OXT  sing N N 438 
TYR CB  CG   sing N N 439 
TYR CB  HB2  sing N N 440 
TYR CB  HB3  sing N N 441 
TYR CG  CD1  doub Y N 442 
TYR CG  CD2  sing Y N 443 
TYR CD1 CE1  sing Y N 444 
TYR CD1 HD1  sing N N 445 
TYR CD2 CE2  doub Y N 446 
TYR CD2 HD2  sing N N 447 
TYR CE1 CZ   doub Y N 448 
TYR CE1 HE1  sing N N 449 
TYR CE2 CZ   sing Y N 450 
TYR CE2 HE2  sing N N 451 
TYR CZ  OH   sing N N 452 
TYR OH  HH   sing N N 453 
TYR OXT HXT  sing N N 454 
VAL N   CA   sing N N 455 
VAL N   H    sing N N 456 
VAL N   H2   sing N N 457 
VAL CA  C    sing N N 458 
VAL CA  CB   sing N N 459 
VAL CA  HA   sing N N 460 
VAL C   O    doub N N 461 
VAL C   OXT  sing N N 462 
VAL CB  CG1  sing N N 463 
VAL CB  CG2  sing N N 464 
VAL CB  HB   sing N N 465 
VAL CG1 HG11 sing N N 466 
VAL CG1 HG12 sing N N 467 
VAL CG1 HG13 sing N N 468 
VAL CG2 HG21 sing N N 469 
VAL CG2 HG22 sing N N 470 
VAL CG2 HG23 sing N N 471 
VAL OXT HXT  sing N N 472 
# 
_pdbx_initial_refinement_model.accession_code   ? 
_pdbx_initial_refinement_model.id               1 
_pdbx_initial_refinement_model.entity_id_list   ? 
_pdbx_initial_refinement_model.type             'experimental model' 
_pdbx_initial_refinement_model.source_name      Other 
_pdbx_initial_refinement_model.details          'CRYSTAL STRUCTURE OF COXSACKIEVIURS B3 3C PROTEASE' 
# 
_atom_sites.entry_id                    3ZZD 
_atom_sites.fract_transf_matrix[1][1]   0.00133919 
_atom_sites.fract_transf_matrix[1][2]   0.01434268 
_atom_sites.fract_transf_matrix[1][3]   -0.00479132 
_atom_sites.fract_transf_matrix[2][1]   0.00745074 
_atom_sites.fract_transf_matrix[2][2]   0.00327851 
_atom_sites.fract_transf_matrix[2][3]   0.01189664 
_atom_sites.fract_transf_matrix[3][1]   0.01124666 
_atom_sites.fract_transf_matrix[3][2]   -0.00311624 
_atom_sites.fract_transf_matrix[3][3]   -0.00618489 
_atom_sites.fract_transf_vector[1]      -0.226145 
_atom_sites.fract_transf_vector[2]      0.158353 
_atom_sites.fract_transf_vector[3]      -0.167407 
# 
loop_
_atom_type.symbol 
C 
N 
O 
S 
# 
loop_
_atom_site.group_PDB 
_atom_site.id 
_atom_site.type_symbol 
_atom_site.label_atom_id 
_atom_site.label_alt_id 
_atom_site.label_comp_id 
_atom_site.label_asym_id 
_atom_site.label_entity_id 
_atom_site.label_seq_id 
_atom_site.pdbx_PDB_ins_code 
_atom_site.Cartn_x 
_atom_site.Cartn_y 
_atom_site.Cartn_z 
_atom_site.occupancy 
_atom_site.B_iso_or_equiv 
_atom_site.pdbx_formal_charge 
_atom_site.auth_seq_id 
_atom_site.auth_comp_id 
_atom_site.auth_asym_id 
_atom_site.auth_atom_id 
_atom_site.pdbx_PDB_model_num 
ATOM   1    N N   . GLY A 1 1   ? -9.128  16.098  10.159  1.00 42.09 ? 1    GLY A N   1 
ATOM   2    C CA  . GLY A 1 1   ? -8.100  16.930  10.889  1.00 40.33 ? 1    GLY A CA  1 
ATOM   3    C C   . GLY A 1 1   ? -7.013  16.124  11.579  1.00 39.15 ? 1    GLY A C   1 
ATOM   4    O O   . GLY A 1 1   ? -5.842  16.347  11.329  1.00 40.05 ? 1    GLY A O   1 
ATOM   5    N N   . PRO A 1 2   ? -7.399  15.225  12.500  1.00 38.52 ? 2    PRO A N   1 
ATOM   6    C CA  . PRO A 1 2   ? -6.442  14.273  13.086  1.00 37.46 ? 2    PRO A CA  1 
ATOM   7    C C   . PRO A 1 2   ? -5.902  13.239  12.065  1.00 34.75 ? 2    PRO A C   1 
ATOM   8    O O   . PRO A 1 2   ? -4.697  12.996  12.061  1.00 34.47 ? 2    PRO A O   1 
ATOM   9    C CB  . PRO A 1 2   ? -7.252  13.583  14.208  1.00 37.09 ? 2    PRO A CB  1 
ATOM   10   C CG  . PRO A 1 2   ? -8.284  14.572  14.569  1.00 38.89 ? 2    PRO A CG  1 
ATOM   11   C CD  . PRO A 1 2   ? -8.655  15.270  13.283  1.00 39.13 ? 2    PRO A CD  1 
ATOM   12   N N   . ALA A 1 3   ? -6.766  12.667  11.207  1.00 31.30 ? 3    ALA A N   1 
ATOM   13   C CA  . ALA A 1 3   ? -6.278  11.634  10.264  1.00 28.68 ? 3    ALA A CA  1 
ATOM   14   C C   . ALA A 1 3   ? -5.091  12.199  9.472   1.00 26.43 ? 3    ALA A C   1 
ATOM   15   O O   . ALA A 1 3   ? -4.059  11.551  9.404   1.00 25.57 ? 3    ALA A O   1 
ATOM   16   C CB  . ALA A 1 3   ? -7.376  11.069  9.352   1.00 28.59 ? 3    ALA A CB  1 
ATOM   17   N N   . PHE A 1 4   ? -5.207  13.436  8.980   1.00 24.46 ? 4    PHE A N   1 
ATOM   18   C CA  . PHE A 1 4   ? -4.091  14.057  8.275   1.00 22.94 ? 4    PHE A CA  1 
ATOM   19   C C   . PHE A 1 4   ? -2.768  14.004  9.037   1.00 22.92 ? 4    PHE A C   1 
ATOM   20   O O   . PHE A 1 4   ? -1.755  13.570  8.469   1.00 22.30 ? 4    PHE A O   1 
ATOM   21   C CB  . PHE A 1 4   ? -4.422  15.462  7.818   1.00 22.80 ? 4    PHE A CB  1 
ATOM   22   C CG  . PHE A 1 4   ? -3.273  16.182  7.213   1.00 21.76 ? 4    PHE A CG  1 
ATOM   23   C CD1 . PHE A 1 4   ? -2.858  15.891  5.909   1.00 20.47 ? 4    PHE A CD1 1 
ATOM   24   C CD2 . PHE A 1 4   ? -2.613  17.157  7.944   1.00 20.87 ? 4    PHE A CD2 1 
ATOM   25   C CE1 . PHE A 1 4   ? -1.795  16.560  5.352   1.00 20.32 ? 4    PHE A CE1 1 
ATOM   26   C CE2 . PHE A 1 4   ? -1.553  17.864  7.379   1.00 23.22 ? 4    PHE A CE2 1 
ATOM   27   C CZ  . PHE A 1 4   ? -1.136  17.557  6.101   1.00 20.81 ? 4    PHE A CZ  1 
ATOM   28   N N   . GLU A 1 5   ? -2.779  14.411  10.310  1.00 23.04 ? 5    GLU A N   1 
ATOM   29   C CA  . GLU A 1 5   ? -1.549  14.442  11.146  1.00 22.98 ? 5    GLU A CA  1 
ATOM   30   C C   . GLU A 1 5   ? -0.914  13.073  11.421  1.00 21.63 ? 5    GLU A C   1 
ATOM   31   O O   . GLU A 1 5   ? 0.334   12.926  11.526  1.00 19.28 ? 5    GLU A O   1 
ATOM   32   C CB  . GLU A 1 5   ? -1.846  15.106  12.490  1.00 24.72 ? 5    GLU A CB  1 
ATOM   33   C CG  . GLU A 1 5   ? -1.993  16.612  12.425  1.00 32.37 ? 5    GLU A CG  1 
ATOM   34   C CD  . GLU A 1 5   ? -2.498  17.221  13.752  1.00 42.81 ? 5    GLU A CD  1 
ATOM   35   O OE1 . GLU A 1 5   ? -2.982  16.453  14.647  1.00 48.68 ? 5    GLU A OE1 1 
ATOM   36   O OE2 . GLU A 1 5   ? -2.438  18.477  13.891  1.00 45.33 ? 5    GLU A OE2 1 
ATOM   37   N N   . PHE A 1 6   ? -1.785  12.064  11.604  1.00 19.75 ? 6    PHE A N   1 
ATOM   38   C CA  . PHE A 1 6   ? -1.307  10.692  11.769  1.00 17.42 ? 6    PHE A CA  1 
ATOM   39   C C   . PHE A 1 6   ? -0.662  10.280  10.458  1.00 16.42 ? 6    PHE A C   1 
ATOM   40   O O   . PHE A 1 6   ? 0.415   9.683   10.439  1.00 15.08 ? 6    PHE A O   1 
ATOM   41   C CB  . PHE A 1 6   ? -2.474  9.716   12.069  1.00 17.60 ? 6    PHE A CB  1 
ATOM   42   C CG  . PHE A 1 6   ? -2.050  8.288   12.052  1.00 17.25 ? 6    PHE A CG  1 
ATOM   43   C CD1 . PHE A 1 6   ? -1.145  7.813   13.014  1.00 13.75 ? 6    PHE A CD1 1 
ATOM   44   C CD2 . PHE A 1 6   ? -2.525  7.407   11.074  1.00 14.23 ? 6    PHE A CD2 1 
ATOM   45   C CE1 . PHE A 1 6   ? -0.697  6.501   12.981  1.00 16.94 ? 6    PHE A CE1 1 
ATOM   46   C CE2 . PHE A 1 6   ? -2.076  6.086   11.072  1.00 13.03 ? 6    PHE A CE2 1 
ATOM   47   C CZ  . PHE A 1 6   ? -1.184  5.631   12.028  1.00 10.77 ? 6    PHE A CZ  1 
ATOM   48   N N   . ALA A 1 7   ? -1.360  10.595  9.360   1.00 14.92 ? 7    ALA A N   1 
ATOM   49   C CA  . ALA A 1 7   ? -0.886  10.207  8.060   1.00 14.13 ? 7    ALA A CA  1 
ATOM   50   C C   . ALA A 1 7   ? 0.483   10.814  7.747   1.00 13.79 ? 7    ALA A C   1 
ATOM   51   O O   . ALA A 1 7   ? 1.341   10.103  7.270   1.00 13.49 ? 7    ALA A O   1 
ATOM   52   C CB  . ALA A 1 7   ? -1.918  10.533  6.953   1.00 13.08 ? 7    ALA A CB  1 
ATOM   53   N N   . VAL A 1 8   ? 0.694   12.097  8.047   1.00 12.85 ? 8    VAL A N   1 
ATOM   54   C CA  . VAL A 1 8   ? 1.999   12.741  7.751   1.00 13.25 ? 8    VAL A CA  1 
ATOM   55   C C   . VAL A 1 8   ? 3.149   12.049  8.533   1.00 13.96 ? 8    VAL A C   1 
ATOM   56   O O   . VAL A 1 8   ? 4.231   11.784  7.978   1.00 12.28 ? 8    VAL A O   1 
ATOM   57   C CB  . VAL A 1 8   ? 1.954   14.297  7.949   1.00 13.57 ? 8    VAL A CB  1 
ATOM   58   C CG1 . VAL A 1 8   ? 3.324   14.987  7.648   1.00 15.86 ? 8    VAL A CG1 1 
ATOM   59   C CG2 . VAL A 1 8   ? 0.954   14.906  7.002   1.00 11.73 ? 8    VAL A CG2 1 
ATOM   60   N N   . ALA A 1 9   ? 2.899   11.713  9.794   1.00 13.21 ? 9    ALA A N   1 
ATOM   61   C CA  . ALA A 1 9   ? 3.960   11.152  10.663  1.00 14.75 ? 9    ALA A CA  1 
ATOM   62   C C   . ALA A 1 9   ? 4.314   9.784   10.144  1.00 14.66 ? 9    ALA A C   1 
ATOM   63   O O   . ALA A 1 9   ? 5.484   9.391   10.148  1.00 14.24 ? 9    ALA A O   1 
ATOM   64   C CB  . ALA A 1 9   ? 3.450   11.001  12.078  1.00 14.60 ? 9    ALA A CB  1 
ATOM   65   N N   . MET A 1 10  ? 3.288   9.045   9.714   1.00 13.74 ? 10   MET A N   1 
ATOM   66   C CA  . MET A 1 10  ? 3.497   7.696   9.210   1.00 13.56 ? 10   MET A CA  1 
ATOM   67   C C   . MET A 1 10  ? 4.337   7.737   7.929   1.00 12.41 ? 10   MET A C   1 
ATOM   68   O O   . MET A 1 10  ? 5.282   6.934   7.757   1.00 11.83 ? 10   MET A O   1 
ATOM   69   C CB  . MET A 1 10  ? 2.146   6.996   8.911   1.00 13.03 ? 10   MET A CB  1 
ATOM   70   C CG  . MET A 1 10  ? 2.246   5.553   8.374   1.00 16.47 ? 10   MET A CG  1 
ATOM   71   S SD  . MET A 1 10  ? 3.177   4.440   9.497   1.00 22.77 ? 10   MET A SD  1 
ATOM   72   C CE  . MET A 1 10  ? 2.054   4.335   10.887  1.00 19.78 ? 10   MET A CE  1 
ATOM   73   N N   . MET A 1 11  ? 3.934   8.595   7.002   1.00 11.03 ? 11   MET A N   1 
ATOM   74   C CA  . MET A 1 11  ? 4.657   8.688   5.689   1.00 11.78 ? 11   MET A CA  1 
ATOM   75   C C   . MET A 1 11  ? 6.085   9.181   5.925   1.00 12.60 ? 11   MET A C   1 
ATOM   76   O O   . MET A 1 11  ? 7.041   8.733   5.286   1.00 10.92 ? 11   MET A O   1 
ATOM   77   C CB  . MET A 1 11  ? 3.930   9.669   4.743   1.00 10.67 ? 11   MET A CB  1 
ATOM   78   C CG  . MET A 1 11  ? 2.494   9.243   4.361   1.00 9.93  ? 11   MET A CG  1 
ATOM   79   S SD  . MET A 1 11  ? 2.501   7.572   3.574   1.00 14.94 ? 11   MET A SD  1 
ATOM   80   C CE  . MET A 1 11  ? 3.269   7.937   2.014   1.00 11.40 ? 11   MET A CE  1 
ATOM   81   N N   . LYS A 1 12  ? 6.230   10.121  6.851   1.00 13.75 ? 12   LYS A N   1 
ATOM   82   C CA  . LYS A 1 12  ? 7.540   10.710  7.107   1.00 17.50 ? 12   LYS A CA  1 
ATOM   83   C C   . LYS A 1 12  ? 8.522   9.601   7.538   1.00 17.37 ? 12   LYS A C   1 
ATOM   84   O O   . LYS A 1 12  ? 9.673   9.581   7.148   1.00 18.06 ? 12   LYS A O   1 
ATOM   85   C CB  . LYS A 1 12  ? 7.412   11.800  8.193   1.00 18.57 ? 12   LYS A CB  1 
ATOM   86   C CG  . LYS A 1 12  ? 8.707   12.528  8.510   1.00 26.34 ? 12   LYS A CG  1 
ATOM   87   C CD  . LYS A 1 12  ? 8.449   13.778  9.388   1.00 32.43 ? 12   LYS A CD  1 
ATOM   88   C CE  . LYS A 1 12  ? 9.702   14.105  10.217  1.00 38.42 ? 12   LYS A CE  1 
ATOM   89   N NZ  . LYS A 1 12  ? 10.108  13.003  11.185  1.00 38.25 ? 12   LYS A NZ  1 
ATOM   90   N N   . ARG A 1 13  ? 8.017   8.668   8.322   1.00 16.90 ? 13   ARG A N   1 
ATOM   91   C CA  . ARG A 1 13  ? 8.858   7.774   9.073   1.00 18.25 ? 13   ARG A CA  1 
ATOM   92   C C   . ARG A 1 13  ? 8.903   6.419   8.369   1.00 17.03 ? 13   ARG A C   1 
ATOM   93   O O   . ARG A 1 13  ? 9.870   5.698   8.514   1.00 15.47 ? 13   ARG A O   1 
ATOM   94   C CB  . ARG A 1 13  ? 8.236   7.619   10.456  1.00 19.04 ? 13   ARG A CB  1 
ATOM   95   C CG  . ARG A 1 13  ? 9.072   6.879   11.471  1.00 26.19 ? 13   ARG A CG  1 
ATOM   96   C CD  . ARG A 1 13  ? 9.535   7.835   12.574  1.00 33.36 ? 13   ARG A CD  1 
ATOM   97   N NE  . ARG A 1 13  ? 10.268  7.148   13.652  1.00 40.37 ? 13   ARG A NE  1 
ATOM   98   C CZ  . ARG A 1 13  ? 9.995   7.263   14.969  1.00 40.73 ? 13   ARG A CZ  1 
ATOM   99   N NH1 . ARG A 1 13  ? 8.999   8.038   15.416  1.00 36.78 ? 13   ARG A NH1 1 
ATOM   100  N NH2 . ARG A 1 13  ? 10.740  6.602   15.846  1.00 41.34 ? 13   ARG A NH2 1 
ATOM   101  N N   . ASN A 1 14  ? 7.854   6.052   7.613   1.00 14.64 ? 14   ASN A N   1 
ATOM   102  C CA  . ASN A 1 14  ? 7.833   4.696   7.074   1.00 15.14 ? 14   ASN A CA  1 
ATOM   103  C C   . ASN A 1 14  ? 7.651   4.568   5.580   1.00 15.23 ? 14   ASN A C   1 
ATOM   104  O O   . ASN A 1 14  ? 7.711   3.461   5.066   1.00 16.47 ? 14   ASN A O   1 
ATOM   105  C CB  . ASN A 1 14  ? 6.762   3.842   7.763   1.00 14.76 ? 14   ASN A CB  1 
ATOM   106  C CG  . ASN A 1 14  ? 7.200   3.297   9.109   1.00 17.80 ? 14   ASN A CG  1 
ATOM   107  O OD1 . ASN A 1 14  ? 7.506   2.076   9.267   1.00 17.62 ? 14   ASN A OD1 1 
ATOM   108  N ND2 . ASN A 1 14  ? 7.229   4.168   10.087  1.00 14.46 ? 14   ASN A ND2 1 
ATOM   109  N N   . SER A 1 15  ? 7.369   5.658   4.873   1.00 15.23 ? 15   SER A N   1 
ATOM   110  C CA  . SER A 1 15  ? 7.191   5.551   3.438   1.00 16.97 ? 15   SER A CA  1 
ATOM   111  C C   . SER A 1 15  ? 8.448   5.929   2.637   1.00 17.05 ? 15   SER A C   1 
ATOM   112  O O   . SER A 1 15  ? 9.307   6.684   3.116   1.00 16.30 ? 15   SER A O   1 
ATOM   113  C CB  . SER A 1 15  ? 6.041   6.427   2.947   1.00 17.03 ? 15   SER A CB  1 
ATOM   114  O OG  . SER A 1 15  ? 6.418   7.803   2.940   1.00 16.86 ? 15   SER A OG  1 
ATOM   115  N N   . SER A 1 16  ? 8.493   5.428   1.409   1.00 15.85 ? 16   SER A N   1 
ATOM   116  C CA  . SER A 1 16  ? 9.580   5.729   0.472   1.00 17.73 ? 16   SER A CA  1 
ATOM   117  C C   . SER A 1 16  ? 9.022   5.675   -0.956  1.00 18.45 ? 16   SER A C   1 
ATOM   118  O O   . SER A 1 16  ? 7.932   5.170   -1.213  1.00 19.11 ? 16   SER A O   1 
ATOM   119  C CB  . SER A 1 16  ? 10.783  4.743   0.648   1.00 16.74 ? 16   SER A CB  1 
ATOM   120  O OG  . SER A 1 16  ? 10.386  3.380   0.366   1.00 18.22 ? 16   SER A OG  1 
ATOM   121  N N   . THR A 1 17  ? 9.764   6.276   -1.871  1.00 20.92 ? 17   THR A N   1 
ATOM   122  C CA  . THR A 1 17  ? 9.453   6.231   -3.267  1.00 21.89 ? 17   THR A CA  1 
ATOM   123  C C   . THR A 1 17  ? 10.171  5.054   -3.893  1.00 22.99 ? 17   THR A C   1 
ATOM   124  O O   . THR A 1 17  ? 11.367  4.916   -3.738  1.00 23.29 ? 17   THR A O   1 
ATOM   125  C CB  . THR A 1 17  ? 9.935   7.530   -3.925  1.00 22.81 ? 17   THR A CB  1 
ATOM   126  O OG1 . THR A 1 17  ? 9.331   8.618   -3.232  1.00 23.94 ? 17   THR A OG1 1 
ATOM   127  C CG2 . THR A 1 17  ? 9.543   7.576   -5.429  1.00 21.30 ? 17   THR A CG2 1 
ATOM   128  N N   . VAL A 1 18  ? 9.453   4.223   -4.645  1.00 24.40 ? 18   VAL A N   1 
ATOM   129  C CA  . VAL A 1 18  ? 10.092  3.070   -5.263  1.00 26.51 ? 18   VAL A CA  1 
ATOM   130  C C   . VAL A 1 18  ? 9.899   3.083   -6.782  1.00 27.92 ? 18   VAL A C   1 
ATOM   131  O O   . VAL A 1 18  ? 8.802   3.323   -7.265  1.00 27.74 ? 18   VAL A O   1 
ATOM   132  C CB  . VAL A 1 18  ? 9.567   1.733   -4.637  1.00 26.11 ? 18   VAL A CB  1 
ATOM   133  C CG1 . VAL A 1 18  ? 9.934   0.575   -5.487  1.00 26.30 ? 18   VAL A CG1 1 
ATOM   134  C CG2 . VAL A 1 18  ? 10.109  1.550   -3.241  1.00 24.98 ? 18   VAL A CG2 1 
ATOM   135  N N   . LYS A 1 19  ? 10.980  2.874   -7.521  1.00 30.04 ? 19   LYS A N   1 
ATOM   136  C CA  . LYS A 1 19  ? 10.887  2.583   -8.956  1.00 32.31 ? 19   LYS A CA  1 
ATOM   137  C C   . LYS A 1 19  ? 11.157  1.117   -9.266  1.00 33.38 ? 19   LYS A C   1 
ATOM   138  O O   . LYS A 1 19  ? 12.234  0.575   -8.930  1.00 33.72 ? 19   LYS A O   1 
ATOM   139  C CB  . LYS A 1 19  ? 11.900  3.422   -9.711  1.00 33.18 ? 19   LYS A CB  1 
ATOM   140  C CG  . LYS A 1 19  ? 11.544  4.880   -9.821  1.00 34.00 ? 19   LYS A CG  1 
ATOM   141  C CD  . LYS A 1 19  ? 12.133  5.479   -11.096 1.00 38.93 ? 19   LYS A CD  1 
ATOM   142  C CE  . LYS A 1 19  ? 11.352  5.017   -12.335 1.00 40.25 ? 19   LYS A CE  1 
ATOM   143  N NZ  . LYS A 1 19  ? 11.404  6.055   -13.426 1.00 44.52 ? 19   LYS A NZ  1 
ATOM   144  N N   . THR A 1 20  ? 10.195  0.445   -9.882  1.00 35.06 ? 20   THR A N   1 
ATOM   145  C CA  . THR A 1 20  ? 10.504  -0.837  -10.468 1.00 36.75 ? 20   THR A CA  1 
ATOM   146  C C   . THR A 1 20  ? 10.566  -0.668  -11.994 1.00 39.16 ? 20   THR A C   1 
ATOM   147  O O   . THR A 1 20  ? 10.293  0.431   -12.520 1.00 38.70 ? 20   THR A O   1 
ATOM   148  C CB  . THR A 1 20  ? 9.552   -2.022  -10.024 1.00 36.22 ? 20   THR A CB  1 
ATOM   149  O OG1 . THR A 1 20  ? 8.250   -1.913  -10.616 1.00 35.65 ? 20   THR A OG1 1 
ATOM   150  C CG2 . THR A 1 20  ? 9.407   -2.101  -8.510  1.00 35.64 ? 20   THR A CG2 1 
ATOM   151  N N   . GLU A 1 21  ? 10.916  -1.766  -12.678 1.00 41.20 ? 21   GLU A N   1 
ATOM   152  C CA  . GLU A 1 21  ? 10.937  -1.843  -14.143 1.00 43.66 ? 21   GLU A CA  1 
ATOM   153  C C   . GLU A 1 21  ? 9.508   -1.580  -14.652 1.00 44.27 ? 21   GLU A C   1 
ATOM   154  O O   . GLU A 1 21  ? 9.284   -1.411  -15.851 1.00 45.40 ? 21   GLU A O   1 
ATOM   155  C CB  . GLU A 1 21  ? 11.397  -3.249  -14.603 1.00 43.91 ? 21   GLU A CB  1 
ATOM   156  C CG  . GLU A 1 21  ? 12.713  -3.788  -13.957 1.00 46.46 ? 21   GLU A CG  1 
ATOM   157  C CD  . GLU A 1 21  ? 12.638  -5.286  -13.488 1.00 51.43 ? 21   GLU A CD  1 
ATOM   158  O OE1 . GLU A 1 21  ? 11.539  -5.723  -13.035 1.00 52.61 ? 21   GLU A OE1 1 
ATOM   159  O OE2 . GLU A 1 21  ? 13.685  -6.021  -13.542 1.00 50.06 ? 21   GLU A OE2 1 
ATOM   160  N N   . TYR A 1 22  ? 8.540   -1.550  -13.736 1.00 43.98 ? 22   TYR A N   1 
ATOM   161  C CA  . TYR A 1 22  ? 7.140   -1.414  -14.112 1.00 43.79 ? 22   TYR A CA  1 
ATOM   162  C C   . TYR A 1 22  ? 6.483   -0.085  -13.743 1.00 41.90 ? 22   TYR A C   1 
ATOM   163  O O   . TYR A 1 22  ? 5.321   0.117   -14.051 1.00 42.11 ? 22   TYR A O   1 
ATOM   164  C CB  . TYR A 1 22  ? 6.365   -2.679  -13.695 1.00 44.86 ? 22   TYR A CB  1 
ATOM   165  C CG  . TYR A 1 22  ? 7.144   -3.833  -14.280 1.00 50.38 ? 22   TYR A CG  1 
ATOM   166  C CD1 . TYR A 1 22  ? 7.201   -4.009  -15.674 1.00 55.78 ? 22   TYR A CD1 1 
ATOM   167  C CD2 . TYR A 1 22  ? 7.959   -4.637  -13.480 1.00 54.31 ? 22   TYR A CD2 1 
ATOM   168  C CE1 . TYR A 1 22  ? 7.987   -5.013  -16.248 1.00 58.41 ? 22   TYR A CE1 1 
ATOM   169  C CE2 . TYR A 1 22  ? 8.745   -5.652  -14.042 1.00 57.09 ? 22   TYR A CE2 1 
ATOM   170  C CZ  . TYR A 1 22  ? 8.763   -5.832  -15.427 1.00 59.13 ? 22   TYR A CZ  1 
ATOM   171  O OH  . TYR A 1 22  ? 9.538   -6.833  -15.995 1.00 60.08 ? 22   TYR A OH  1 
ATOM   172  N N   . GLY A 1 23  ? 7.246   0.817   -13.129 1.00 39.10 ? 23   GLY A N   1 
ATOM   173  C CA  . GLY A 1 23  ? 6.744   2.136   -12.760 1.00 37.25 ? 23   GLY A CA  1 
ATOM   174  C C   . GLY A 1 23  ? 7.250   2.758   -11.456 1.00 35.24 ? 23   GLY A C   1 
ATOM   175  O O   . GLY A 1 23  ? 8.187   2.246   -10.813 1.00 35.79 ? 23   GLY A O   1 
ATOM   176  N N   . GLU A 1 24  ? 6.637   3.876   -11.065 1.00 32.37 ? 24   GLU A N   1 
ATOM   177  C CA  . GLU A 1 24  ? 6.924   4.497   -9.770  1.00 29.29 ? 24   GLU A CA  1 
ATOM   178  C C   . GLU A 1 24  ? 5.781   4.259   -8.768  1.00 26.41 ? 24   GLU A C   1 
ATOM   179  O O   . GLU A 1 24  ? 4.610   4.536   -9.089  1.00 25.68 ? 24   GLU A O   1 
ATOM   180  C CB  . GLU A 1 24  ? 7.212   5.991   -9.943  1.00 29.95 ? 24   GLU A CB  1 
ATOM   181  C CG  . GLU A 1 24  ? 8.141   6.532   -8.864  1.00 32.04 ? 24   GLU A CG  1 
ATOM   182  C CD  . GLU A 1 24  ? 8.359   8.032   -8.916  1.00 33.95 ? 24   GLU A CD  1 
ATOM   183  O OE1 . GLU A 1 24  ? 7.690   8.736   -9.712  1.00 39.39 ? 24   GLU A OE1 1 
ATOM   184  O OE2 . GLU A 1 24  ? 9.209   8.530   -8.143  1.00 35.74 ? 24   GLU A OE2 1 
ATOM   185  N N   . PHE A 1 25  ? 6.123   3.786   -7.556  1.00 23.14 ? 25   PHE A N   1 
ATOM   186  C CA  . PHE A 1 25  ? 5.150   3.476   -6.501  1.00 20.37 ? 25   PHE A CA  1 
ATOM   187  C C   . PHE A 1 25  ? 5.530   4.083   -5.167  1.00 20.32 ? 25   PHE A C   1 
ATOM   188  O O   . PHE A 1 25  ? 6.692   4.427   -4.932  1.00 19.79 ? 25   PHE A O   1 
ATOM   189  C CB  . PHE A 1 25  ? 4.969   1.987   -6.300  1.00 20.92 ? 25   PHE A CB  1 
ATOM   190  C CG  . PHE A 1 25  ? 4.696   1.254   -7.563  1.00 20.70 ? 25   PHE A CG  1 
ATOM   191  C CD1 . PHE A 1 25  ? 5.742   0.980   -8.460  1.00 19.89 ? 25   PHE A CD1 1 
ATOM   192  C CD2 . PHE A 1 25  ? 3.415   0.842   -7.873  1.00 20.47 ? 25   PHE A CD2 1 
ATOM   193  C CE1 . PHE A 1 25  ? 5.491   0.306   -9.650  1.00 20.21 ? 25   PHE A CE1 1 
ATOM   194  C CE2 . PHE A 1 25  ? 3.154   0.159   -9.090  1.00 21.69 ? 25   PHE A CE2 1 
ATOM   195  C CZ  . PHE A 1 25  ? 4.195   -0.084  -9.965  1.00 19.17 ? 25   PHE A CZ  1 
ATOM   196  N N   . THR A 1 26  ? 4.518   4.231   -4.307  1.00 17.59 ? 26   THR A N   1 
ATOM   197  C CA  . THR A 1 26  ? 4.750   4.513   -2.892  1.00 14.77 ? 26   THR A CA  1 
ATOM   198  C C   . THR A 1 26  ? 5.027   3.188   -2.224  1.00 14.02 ? 26   THR A C   1 
ATOM   199  O O   . THR A 1 26  ? 4.331   2.214   -2.473  1.00 13.07 ? 26   THR A O   1 
ATOM   200  C CB  . THR A 1 26  ? 3.511   5.168   -2.253  1.00 14.91 ? 26   THR A CB  1 
ATOM   201  O OG1 . THR A 1 26  ? 3.230   6.357   -2.990  1.00 14.93 ? 26   THR A OG1 1 
ATOM   202  C CG2 . THR A 1 26  ? 3.794   5.591   -0.762  1.00 14.52 ? 26   THR A CG2 1 
ATOM   203  N N   . MET A 1 27  ? 6.026   3.133   -1.353  1.00 14.71 ? 27   MET A N   1 
ATOM   204  C CA  . MET A 1 27  ? 6.247   1.891   -0.612  1.00 14.16 ? 27   MET A CA  1 
ATOM   205  C C   . MET A 1 27  ? 6.163   2.106   0.898   1.00 13.89 ? 27   MET A C   1 
ATOM   206  O O   . MET A 1 27  ? 6.711   3.048   1.421   1.00 13.32 ? 27   MET A O   1 
ATOM   207  C CB  . MET A 1 27  ? 7.647   1.313   -0.943  1.00 14.18 ? 27   MET A CB  1 
ATOM   208  C CG  . MET A 1 27  ? 7.869   -0.069  -0.275  1.00 16.25 ? 27   MET A CG  1 
ATOM   209  S SD  . MET A 1 27  ? 9.352   -0.906  -0.949  1.00 21.28 ? 27   MET A SD  1 
ATOM   210  C CE  . MET A 1 27  ? 10.614  -0.105  0.013   1.00 15.34 ? 27   MET A CE  1 
ATOM   211  N N   . LEU A 1 28  ? 5.531   1.188   1.618   1.00 14.31 ? 28   LEU A N   1 
ATOM   212  C CA  . LEU A 1 28  ? 5.474   1.362   3.046   1.00 13.46 ? 28   LEU A CA  1 
ATOM   213  C C   . LEU A 1 28  ? 6.332   0.303   3.683   1.00 13.34 ? 28   LEU A C   1 
ATOM   214  O O   . LEU A 1 28  ? 6.142   -0.892  3.412   1.00 13.03 ? 28   LEU A O   1 
ATOM   215  C CB  . LEU A 1 28  ? 4.022   1.219   3.517   1.00 12.77 ? 28   LEU A CB  1 
ATOM   216  C CG  . LEU A 1 28  ? 3.732   1.499   5.011   1.00 13.80 ? 28   LEU A CG  1 
ATOM   217  C CD1 . LEU A 1 28  ? 3.968   2.951   5.435   1.00 10.24 ? 28   LEU A CD1 1 
ATOM   218  C CD2 . LEU A 1 28  ? 2.279   1.053   5.398   1.00 12.08 ? 28   LEU A CD2 1 
ATOM   219  N N   . GLY A 1 29  ? 7.262   0.728   4.543   1.00 12.66 ? 29   GLY A N   1 
ATOM   220  C CA  . GLY A 1 29  ? 8.016   -0.225  5.373   1.00 12.81 ? 29   GLY A CA  1 
ATOM   221  C C   . GLY A 1 29  ? 7.221   -0.607  6.608   1.00 12.88 ? 29   GLY A C   1 
ATOM   222  O O   . GLY A 1 29  ? 6.495   0.230   7.195   1.00 11.75 ? 29   GLY A O   1 
ATOM   223  N N   . ILE A 1 30  ? 7.312   -1.878  6.975   1.00 12.89 ? 30   ILE A N   1 
ATOM   224  C CA  . ILE A 1 30  ? 6.425   -2.409  7.984   1.00 14.56 ? 30   ILE A CA  1 
ATOM   225  C C   . ILE A 1 30  ? 7.163   -2.670  9.316   1.00 14.91 ? 30   ILE A C   1 
ATOM   226  O O   . ILE A 1 30  ? 6.769   -2.133  10.342  1.00 16.59 ? 30   ILE A O   1 
ATOM   227  C CB  . ILE A 1 30  ? 5.629   -3.657  7.490   1.00 13.27 ? 30   ILE A CB  1 
ATOM   228  C CG1 . ILE A 1 30  ? 4.864   -3.334  6.178   1.00 11.25 ? 30   ILE A CG1 1 
ATOM   229  C CG2 . ILE A 1 30  ? 4.707   -4.187  8.652   1.00 13.40 ? 30   ILE A CG2 1 
ATOM   230  C CD1 . ILE A 1 30  ? 3.752   -2.312  6.370   1.00 10.33 ? 30   ILE A CD1 1 
ATOM   231  N N   . TYR A 1 31  ? 8.178   -3.520  9.286   1.00 15.75 ? 31   TYR A N   1 
ATOM   232  C CA  . TYR A 1 31  ? 9.055   -3.795  10.433  1.00 16.36 ? 31   TYR A CA  1 
ATOM   233  C C   . TYR A 1 31  ? 10.337  -4.441  9.894   1.00 17.04 ? 31   TYR A C   1 
ATOM   234  O O   . TYR A 1 31  ? 10.326  -4.990  8.749   1.00 16.11 ? 31   TYR A O   1 
ATOM   235  C CB  . TYR A 1 31  ? 8.350   -4.764  11.403  1.00 15.64 ? 31   TYR A CB  1 
ATOM   236  C CG  . TYR A 1 31  ? 8.360   -6.243  10.989  1.00 17.99 ? 31   TYR A CG  1 
ATOM   237  C CD1 . TYR A 1 31  ? 7.585   -6.723  9.922   1.00 18.93 ? 31   TYR A CD1 1 
ATOM   238  C CD2 . TYR A 1 31  ? 9.164   -7.158  11.664  1.00 20.99 ? 31   TYR A CD2 1 
ATOM   239  C CE1 . TYR A 1 31  ? 7.603   -8.078  9.556   1.00 19.38 ? 31   TYR A CE1 1 
ATOM   240  C CE2 . TYR A 1 31  ? 9.208   -8.502  11.306  1.00 18.14 ? 31   TYR A CE2 1 
ATOM   241  C CZ  . TYR A 1 31  ? 8.422   -8.968  10.257  1.00 22.26 ? 31   TYR A CZ  1 
ATOM   242  O OH  . TYR A 1 31  ? 8.477   -10.339 9.926   1.00 18.14 ? 31   TYR A OH  1 
ATOM   243  N N   . ASP A 1 32  ? 11.419  -4.402  10.685  1.00 15.82 ? 32   ASP A N   1 
ATOM   244  C CA  . ASP A 1 32  ? 12.628  -5.144  10.331  1.00 17.54 ? 32   ASP A CA  1 
ATOM   245  C C   . ASP A 1 32  ? 13.002  -4.679  8.917   1.00 15.41 ? 32   ASP A C   1 
ATOM   246  O O   . ASP A 1 32  ? 13.171  -3.500  8.706   1.00 15.65 ? 32   ASP A O   1 
ATOM   247  C CB  . ASP A 1 32  ? 12.395  -6.694  10.428  1.00 17.94 ? 32   ASP A CB  1 
ATOM   248  C CG  . ASP A 1 32  ? 13.631  -7.514  10.008  1.00 26.44 ? 32   ASP A CG  1 
ATOM   249  O OD1 . ASP A 1 32  ? 14.640  -7.372  10.739  1.00 32.15 ? 32   ASP A OD1 1 
ATOM   250  O OD2 . ASP A 1 32  ? 13.619  -8.267  8.955   1.00 29.58 ? 32   ASP A OD2 1 
ATOM   251  N N   . ARG A 1 33  ? 13.119  -5.587  7.950   1.00 14.79 ? 33   ARG A N   1 
ATOM   252  C CA  . ARG A 1 33  ? 13.460  -5.198  6.583   1.00 14.92 ? 33   ARG A CA  1 
ATOM   253  C C   . ARG A 1 33  ? 12.317  -5.480  5.574   1.00 15.46 ? 33   ARG A C   1 
ATOM   254  O O   . ARG A 1 33  ? 12.526  -5.559  4.339   1.00 15.23 ? 33   ARG A O   1 
ATOM   255  C CB  . ARG A 1 33  ? 14.751  -5.954  6.192   1.00 16.25 ? 33   ARG A CB  1 
ATOM   256  C CG  . ARG A 1 33  ? 15.918  -5.580  7.120   1.00 17.32 ? 33   ARG A CG  1 
ATOM   257  C CD  . ARG A 1 33  ? 17.090  -6.483  7.061   1.00 24.18 ? 33   ARG A CD  1 
ATOM   258  N NE  . ARG A 1 33  ? 18.156  -5.743  7.741   1.00 29.58 ? 33   ARG A NE  1 
ATOM   259  C CZ  . ARG A 1 33  ? 18.522  -5.923  9.004   1.00 25.35 ? 33   ARG A CZ  1 
ATOM   260  N NH1 . ARG A 1 33  ? 17.972  -6.869  9.747   1.00 25.57 ? 33   ARG A NH1 1 
ATOM   261  N NH2 . ARG A 1 33  ? 19.471  -5.156  9.505   1.00 28.94 ? 33   ARG A NH2 1 
ATOM   262  N N   . TRP A 1 34  ? 11.120  -5.702  6.112   1.00 14.30 ? 34   TRP A N   1 
ATOM   263  C CA  . TRP A 1 34  ? 9.982   -6.077  5.332   1.00 12.97 ? 34   TRP A CA  1 
ATOM   264  C C   . TRP A 1 34  ? 9.171   -4.839  4.980   1.00 13.96 ? 34   TRP A C   1 
ATOM   265  O O   . TRP A 1 34  ? 8.834   -4.010  5.863   1.00 14.01 ? 34   TRP A O   1 
ATOM   266  C CB  . TRP A 1 34  ? 9.147   -7.150  6.040   1.00 12.52 ? 34   TRP A CB  1 
ATOM   267  C CG  . TRP A 1 34  ? 9.744   -8.527  5.985   1.00 14.34 ? 34   TRP A CG  1 
ATOM   268  C CD1 . TRP A 1 34  ? 10.549  -9.142  6.969   1.00 20.66 ? 34   TRP A CD1 1 
ATOM   269  C CD2 . TRP A 1 34  ? 9.648   -9.466  4.917   1.00 16.76 ? 34   TRP A CD2 1 
ATOM   270  N NE1 . TRP A 1 34  ? 10.929  -10.409 6.547   1.00 19.84 ? 34   TRP A NE1 1 
ATOM   271  C CE2 . TRP A 1 34  ? 10.385  -10.634 5.301   1.00 22.44 ? 34   TRP A CE2 1 
ATOM   272  C CE3 . TRP A 1 34  ? 9.025   -9.450  3.652   1.00 19.20 ? 34   TRP A CE3 1 
ATOM   273  C CZ2 . TRP A 1 34  ? 10.477  -11.766 4.469   1.00 21.60 ? 34   TRP A CZ2 1 
ATOM   274  C CZ3 . TRP A 1 34  ? 9.113   -10.587 2.832   1.00 19.74 ? 34   TRP A CZ3 1 
ATOM   275  C CH2 . TRP A 1 34  ? 9.845   -11.724 3.242   1.00 21.38 ? 34   TRP A CH2 1 
ATOM   276  N N   . ALA A 1 35  ? 8.889   -4.702  3.683   1.00 12.65 ? 35   ALA A N   1 
ATOM   277  C CA  . ALA A 1 35  ? 8.082   -3.602  3.138   1.00 13.83 ? 35   ALA A CA  1 
ATOM   278  C C   . ALA A 1 35  ? 7.002   -4.180  2.261   1.00 14.15 ? 35   ALA A C   1 
ATOM   279  O O   . ALA A 1 35  ? 7.019   -5.398  1.979   1.00 15.38 ? 35   ALA A O   1 
ATOM   280  C CB  . ALA A 1 35  ? 8.993   -2.619  2.291   1.00 13.55 ? 35   ALA A CB  1 
ATOM   281  N N   . VAL A 1 36  ? 6.082   -3.330  1.790   1.00 14.84 ? 36   VAL A N   1 
ATOM   282  C CA  . VAL A 1 36  ? 4.945   -3.807  0.985   1.00 14.29 ? 36   VAL A CA  1 
ATOM   283  C C   . VAL A 1 36  ? 4.747   -2.955  -0.268  1.00 15.17 ? 36   VAL A C   1 
ATOM   284  O O   . VAL A 1 36  ? 4.879   -1.732  -0.222  1.00 15.05 ? 36   VAL A O   1 
ATOM   285  C CB  . VAL A 1 36  ? 3.644   -3.887  1.795   1.00 13.83 ? 36   VAL A CB  1 
ATOM   286  C CG1 . VAL A 1 36  ? 3.218   -2.511  2.366   1.00 14.20 ? 36   VAL A CG1 1 
ATOM   287  C CG2 . VAL A 1 36  ? 2.535   -4.516  0.969   1.00 13.85 ? 36   VAL A CG2 1 
ATOM   288  N N   . LEU A 1 37  ? 4.490   -3.633  -1.389  1.00 15.41 ? 37   LEU A N   1 
ATOM   289  C CA  . LEU A 1 37  ? 4.089   -2.989  -2.647  1.00 15.45 ? 37   LEU A CA  1 
ATOM   290  C C   . LEU A 1 37  ? 2.870   -3.666  -3.264  1.00 14.92 ? 37   LEU A C   1 
ATOM   291  O O   . LEU A 1 37  ? 2.588   -4.800  -2.941  1.00 14.64 ? 37   LEU A O   1 
ATOM   292  C CB  . LEU A 1 37  ? 5.225   -3.040  -3.650  1.00 16.34 ? 37   LEU A CB  1 
ATOM   293  C CG  . LEU A 1 37  ? 6.352   -2.049  -3.461  1.00 17.87 ? 37   LEU A CG  1 
ATOM   294  C CD1 . LEU A 1 37  ? 7.532   -2.539  -4.362  1.00 18.98 ? 37   LEU A CD1 1 
ATOM   295  C CD2 . LEU A 1 37  ? 5.862   -0.620  -3.800  1.00 17.22 ? 37   LEU A CD2 1 
ATOM   296  N N   . PRO A 1 38  ? 2.137   -2.969  -4.168  1.00 16.44 ? 38   PRO A N   1 
ATOM   297  C CA  . PRO A 1 38  ? 1.106   -3.718  -4.937  1.00 18.27 ? 38   PRO A CA  1 
ATOM   298  C C   . PRO A 1 38  ? 1.769   -4.916  -5.686  1.00 19.00 ? 38   PRO A C   1 
ATOM   299  O O   . PRO A 1 38  ? 2.951   -4.810  -6.074  1.00 18.72 ? 38   PRO A O   1 
ATOM   300  C CB  . PRO A 1 38  ? 0.610   -2.695  -5.948  1.00 18.51 ? 38   PRO A CB  1 
ATOM   301  C CG  . PRO A 1 38  ? 1.150   -1.340  -5.500  1.00 17.62 ? 38   PRO A CG  1 
ATOM   302  C CD  . PRO A 1 38  ? 2.298   -1.576  -4.619  1.00 15.58 ? 38   PRO A CD  1 
ATOM   303  N N   . ARG A 1 39  ? 1.054   -6.025  -5.849  1.00 20.03 ? 39   ARG A N   1 
ATOM   304  C CA  . ARG A 1 39  ? 1.588   -7.207  -6.601  1.00 23.15 ? 39   ARG A CA  1 
ATOM   305  C C   . ARG A 1 39  ? 2.088   -6.788  -7.989  1.00 23.85 ? 39   ARG A C   1 
ATOM   306  O O   . ARG A 1 39  ? 3.199   -7.121  -8.412  1.00 25.13 ? 39   ARG A O   1 
ATOM   307  C CB  . ARG A 1 39  ? 0.550   -8.370  -6.685  1.00 23.16 ? 39   ARG A CB  1 
ATOM   308  C CG  . ARG A 1 39  ? 1.065   -9.725  -7.283  1.00 25.80 ? 39   ARG A CG  1 
ATOM   309  C CD  . ARG A 1 39  ? -0.073  -10.587 -7.925  1.00 28.69 ? 39   ARG A CD  1 
ATOM   310  N NE  . ARG A 1 39  ? -0.843  -9.689  -8.785  1.00 31.92 ? 39   ARG A NE  1 
ATOM   311  C CZ  . ARG A 1 39  ? -0.505  -9.353  -10.030 1.00 32.42 ? 39   ARG A CZ  1 
ATOM   312  N NH1 . ARG A 1 39  ? 0.548   -9.935  -10.631 1.00 32.61 ? 39   ARG A NH1 1 
ATOM   313  N NH2 . ARG A 1 39  ? -1.239  -8.448  -10.679 1.00 28.69 ? 39   ARG A NH2 1 
ATOM   314  N N   . HIS A 1 40  ? 1.287   -6.000  -8.674  1.00 25.18 ? 40   HIS A N   1 
ATOM   315  C CA  . HIS A 1 40  ? 1.637   -5.584  -10.032 1.00 25.52 ? 40   HIS A CA  1 
ATOM   316  C C   . HIS A 1 40  ? 2.909   -4.714  -10.149 1.00 25.74 ? 40   HIS A C   1 
ATOM   317  O O   . HIS A 1 40  ? 3.477   -4.586  -11.224 1.00 25.37 ? 40   HIS A O   1 
ATOM   318  C CB  . HIS A 1 40  ? 0.421   -4.934  -10.694 1.00 26.14 ? 40   HIS A CB  1 
ATOM   319  C CG  . HIS A 1 40  ? 0.011   -3.640  -10.059 1.00 26.29 ? 40   HIS A CG  1 
ATOM   320  N ND1 . HIS A 1 40  ? -0.979  -3.563  -9.096  1.00 26.30 ? 40   HIS A ND1 1 
ATOM   321  C CD2 . HIS A 1 40  ? 0.459   -2.376  -10.246 1.00 26.36 ? 40   HIS A CD2 1 
ATOM   322  C CE1 . HIS A 1 40  ? -1.142  -2.301  -8.736  1.00 27.63 ? 40   HIS A CE1 1 
ATOM   323  N NE2 . HIS A 1 40  ? -0.278  -1.560  -9.412  1.00 29.26 ? 40   HIS A NE2 1 
ATOM   324  N N   . ALA A 1 41  ? 3.408   -4.148  -9.047  1.00 25.57 ? 41   ALA A N   1 
ATOM   325  C CA  . ALA A 1 41  ? 4.752   -3.520  -9.088  1.00 25.70 ? 41   ALA A CA  1 
ATOM   326  C C   . ALA A 1 41  ? 5.893   -4.525  -9.460  1.00 26.63 ? 41   ALA A C   1 
ATOM   327  O O   . ALA A 1 41  ? 6.943   -4.108  -9.963  1.00 25.90 ? 41   ALA A O   1 
ATOM   328  C CB  . ALA A 1 41  ? 5.076   -2.833  -7.760  1.00 25.51 ? 41   ALA A CB  1 
ATOM   329  N N   . LYS A 1 42  ? 5.686   -5.816  -9.207  1.00 27.72 ? 42   LYS A N   1 
ATOM   330  C CA  . LYS A 1 42  ? 6.679   -6.852  -9.586  1.00 30.59 ? 42   LYS A CA  1 
ATOM   331  C C   . LYS A 1 42  ? 8.128   -6.370  -9.407  1.00 31.38 ? 42   LYS A C   1 
ATOM   332  O O   . LYS A 1 42  ? 8.859   -6.186  -10.401 1.00 31.78 ? 42   LYS A O   1 
ATOM   333  C CB  . LYS A 1 42  ? 6.472   -7.339  -11.045 1.00 31.17 ? 42   LYS A CB  1 
ATOM   334  C CG  . LYS A 1 42  ? 5.582   -8.590  -11.191 1.00 31.83 ? 42   LYS A CG  1 
ATOM   335  C CD  . LYS A 1 42  ? 4.196   -8.223  -11.637 1.00 35.52 ? 42   LYS A CD  1 
ATOM   336  C CE  . LYS A 1 42  ? 4.234   -7.182  -12.783 1.00 37.74 ? 42   LYS A CE  1 
ATOM   337  N NZ  . LYS A 1 42  ? 2.936   -6.510  -13.178 1.00 30.69 ? 42   LYS A NZ  1 
ATOM   338  N N   . PRO A 1 43  ? 8.542   -6.123  -8.143  1.00 31.45 ? 43   PRO A N   1 
ATOM   339  C CA  . PRO A 1 43  ? 9.932   -5.704  -7.882  1.00 31.60 ? 43   PRO A CA  1 
ATOM   340  C C   . PRO A 1 43  ? 10.921  -6.819  -8.299  1.00 32.16 ? 43   PRO A C   1 
ATOM   341  O O   . PRO A 1 43  ? 10.669  -7.988  -8.015  1.00 32.50 ? 43   PRO A O   1 
ATOM   342  C CB  . PRO A 1 43  ? 9.957   -5.530  -6.354  1.00 31.10 ? 43   PRO A CB  1 
ATOM   343  C CG  . PRO A 1 43  ? 8.830   -6.411  -5.832  1.00 30.47 ? 43   PRO A CG  1 
ATOM   344  C CD  . PRO A 1 43  ? 7.757   -6.249  -6.896  1.00 31.73 ? 43   PRO A CD  1 
ATOM   345  N N   . GLY A 1 44  ? 12.016  -6.469  -8.969  1.00 32.40 ? 44   GLY A N   1 
ATOM   346  C CA  . GLY A 1 44  ? 13.054  -7.457  -9.230  1.00 32.23 ? 44   GLY A CA  1 
ATOM   347  C C   . GLY A 1 44  ? 14.044  -7.478  -8.074  1.00 32.90 ? 44   GLY A C   1 
ATOM   348  O O   . GLY A 1 44  ? 13.816  -6.826  -7.041  1.00 32.20 ? 44   GLY A O   1 
ATOM   349  N N   . PRO A 1 45  ? 15.149  -8.237  -8.232  1.00 33.07 ? 45   PRO A N   1 
ATOM   350  C CA  . PRO A 1 45  ? 16.240  -8.323  -7.244  1.00 32.40 ? 45   PRO A CA  1 
ATOM   351  C C   . PRO A 1 45  ? 16.903  -7.013  -6.850  1.00 31.28 ? 45   PRO A C   1 
ATOM   352  O O   . PRO A 1 45  ? 17.649  -6.968  -5.878  1.00 29.70 ? 45   PRO A O   1 
ATOM   353  C CB  . PRO A 1 45  ? 17.232  -9.279  -7.926  1.00 33.48 ? 45   PRO A CB  1 
ATOM   354  C CG  . PRO A 1 45  ? 16.281  -10.322 -8.508  1.00 32.71 ? 45   PRO A CG  1 
ATOM   355  C CD  . PRO A 1 45  ? 15.137  -9.440  -9.106  1.00 33.64 ? 45   PRO A CD  1 
ATOM   356  N N   . THR A 1 46  ? 16.639  -5.949  -7.592  1.00 31.20 ? 46   THR A N   1 
ATOM   357  C CA  . THR A 1 46  ? 17.045  -4.617  -7.133  1.00 31.15 ? 46   THR A CA  1 
ATOM   358  C C   . THR A 1 46  ? 15.948  -3.601  -7.485  1.00 29.69 ? 46   THR A C   1 
ATOM   359  O O   . THR A 1 46  ? 15.218  -3.748  -8.497  1.00 29.39 ? 46   THR A O   1 
ATOM   360  C CB  . THR A 1 46  ? 18.456  -4.251  -7.633  1.00 31.75 ? 46   THR A CB  1 
ATOM   361  O OG1 . THR A 1 46  ? 18.704  -2.850  -7.466  1.00 34.60 ? 46   THR A OG1 1 
ATOM   362  C CG2 . THR A 1 46  ? 18.607  -4.636  -9.086  1.00 35.92 ? 46   THR A CG2 1 
ATOM   363  N N   . ILE A 1 47  ? 15.794  -2.610  -6.625  1.00 27.53 ? 47   ILE A N   1 
ATOM   364  C CA  . ILE A 1 47  ? 14.771  -1.584  -6.826  1.00 26.92 ? 47   ILE A CA  1 
ATOM   365  C C   . ILE A 1 47  ? 15.486  -0.315  -6.565  1.00 26.59 ? 47   ILE A C   1 
ATOM   366  O O   . ILE A 1 47  ? 16.514  -0.333  -5.927  1.00 25.64 ? 47   ILE A O   1 
ATOM   367  C CB  . ILE A 1 47  ? 13.580  -1.701  -5.811  1.00 25.83 ? 47   ILE A CB  1 
ATOM   368  C CG1 . ILE A 1 47  ? 14.110  -1.600  -4.370  1.00 24.96 ? 47   ILE A CG1 1 
ATOM   369  C CG2 . ILE A 1 47  ? 12.763  -2.968  -6.098  1.00 25.98 ? 47   ILE A CG2 1 
ATOM   370  C CD1 . ILE A 1 47  ? 13.020  -1.377  -3.279  1.00 28.34 ? 47   ILE A CD1 1 
ATOM   371  N N   . LEU A 1 48  ? 14.940  0.787   -7.050  1.00 27.45 ? 48   LEU A N   1 
ATOM   372  C CA  . LEU A 1 48  ? 15.436  2.090   -6.707  1.00 28.74 ? 48   LEU A CA  1 
ATOM   373  C C   . LEU A 1 48  ? 14.476  2.572   -5.624  1.00 28.85 ? 48   LEU A C   1 
ATOM   374  O O   . LEU A 1 48  ? 13.265  2.689   -5.866  1.00 30.07 ? 48   LEU A O   1 
ATOM   375  C CB  . LEU A 1 48  ? 15.384  2.993   -7.932  1.00 29.62 ? 48   LEU A CB  1 
ATOM   376  C CG  . LEU A 1 48  ? 16.463  4.051   -8.227  1.00 33.08 ? 48   LEU A CG  1 
ATOM   377  C CD1 . LEU A 1 48  ? 17.881  3.520   -8.134  1.00 33.89 ? 48   LEU A CD1 1 
ATOM   378  C CD2 . LEU A 1 48  ? 16.232  4.596   -9.636  1.00 34.33 ? 48   LEU A CD2 1 
ATOM   379  N N   . MET A 1 49  ? 15.020  2.835   -4.448  1.00 27.91 ? 49   MET A N   1 
ATOM   380  C CA  . MET A 1 49  ? 14.283  3.237   -3.284  1.00 28.20 ? 49   MET A CA  1 
ATOM   381  C C   . MET A 1 49  ? 14.830  4.606   -2.927  1.00 28.81 ? 49   MET A C   1 
ATOM   382  O O   . MET A 1 49  ? 16.004  4.728   -2.561  1.00 29.92 ? 49   MET A O   1 
ATOM   383  C CB  . MET A 1 49  ? 14.488  2.202   -2.155  1.00 27.42 ? 49   MET A CB  1 
ATOM   384  C CG  . MET A 1 49  ? 13.760  2.524   -0.840  1.00 24.35 ? 49   MET A CG  1 
ATOM   385  S SD  . MET A 1 49  ? 14.259  1.437   0.528   1.00 21.69 ? 49   MET A SD  1 
ATOM   386  C CE  . MET A 1 49  ? 13.279  2.142   1.901   1.00 21.08 ? 49   MET A CE  1 
ATOM   387  N N   . ASN A 1 50  ? 14.008  5.647   -3.096  1.00 29.15 ? 50   ASN A N   1 
ATOM   388  C CA  . ASN A 1 50  ? 14.456  7.038   -2.899  1.00 30.93 ? 50   ASN A CA  1 
ATOM   389  C C   . ASN A 1 50  ? 15.695  7.403   -3.722  1.00 32.16 ? 50   ASN A C   1 
ATOM   390  O O   . ASN A 1 50  ? 16.625  8.042   -3.205  1.00 32.04 ? 50   ASN A O   1 
ATOM   391  C CB  . ASN A 1 50  ? 14.752  7.314   -1.416  1.00 30.36 ? 50   ASN A CB  1 
ATOM   392  C CG  . ASN A 1 50  ? 13.510  7.373   -0.590  1.00 32.36 ? 50   ASN A CG  1 
ATOM   393  O OD1 . ASN A 1 50  ? 12.427  7.665   -1.106  1.00 29.99 ? 50   ASN A OD1 1 
ATOM   394  N ND2 . ASN A 1 50  ? 13.641  7.068   0.695   1.00 33.15 ? 50   ASN A ND2 1 
ATOM   395  N N   . ASP A 1 51  ? 15.746  6.957   -4.973  1.00 33.72 ? 51   ASP A N   1 
ATOM   396  C CA  . ASP A 1 51  ? 16.882  7.335   -5.846  1.00 36.06 ? 51   ASP A CA  1 
ATOM   397  C C   . ASP A 1 51  ? 18.142  6.486   -5.675  1.00 35.76 ? 51   ASP A C   1 
ATOM   398  O O   . ASP A 1 51  ? 19.180  6.816   -6.246  1.00 36.02 ? 51   ASP A O   1 
ATOM   399  C CB  . ASP A 1 51  ? 17.307  8.794   -5.593  1.00 36.19 ? 51   ASP A CB  1 
ATOM   400  C CG  . ASP A 1 51  ? 16.358  9.787   -6.199  1.00 39.69 ? 51   ASP A CG  1 
ATOM   401  O OD1 . ASP A 1 51  ? 15.593  9.411   -7.131  1.00 40.45 ? 51   ASP A OD1 1 
ATOM   402  O OD2 . ASP A 1 51  ? 16.401  10.955  -5.744  1.00 43.64 ? 51   ASP A OD2 1 
ATOM   403  N N   . GLN A 1 52  ? 18.042  5.426   -4.885  1.00 34.57 ? 52   GLN A N   1 
ATOM   404  C CA  . GLN A 1 52  ? 19.196  4.669   -4.451  1.00 34.17 ? 52   GLN A CA  1 
ATOM   405  C C   . GLN A 1 52  ? 18.884  3.201   -4.713  1.00 32.42 ? 52   GLN A C   1 
ATOM   406  O O   . GLN A 1 52  ? 17.747  2.738   -4.452  1.00 31.46 ? 52   GLN A O   1 
ATOM   407  C CB  . GLN A 1 52  ? 19.420  4.944   -2.964  1.00 34.22 ? 52   GLN A CB  1 
ATOM   408  C CG  . GLN A 1 52  ? 20.883  5.072   -2.580  1.00 40.17 ? 52   GLN A CG  1 
ATOM   409  C CD  . GLN A 1 52  ? 21.096  5.249   -1.080  1.00 45.48 ? 52   GLN A CD  1 
ATOM   410  O OE1 . GLN A 1 52  ? 20.581  6.203   -0.469  1.00 45.05 ? 52   GLN A OE1 1 
ATOM   411  N NE2 . GLN A 1 52  ? 21.864  4.320   -0.475  1.00 46.55 ? 52   GLN A NE2 1 
ATOM   412  N N   . GLU A 1 53  ? 19.843  2.470   -5.262  1.00 30.83 ? 53   GLU A N   1 
ATOM   413  C CA  . GLU A 1 53  ? 19.602  1.039   -5.538  1.00 30.81 ? 53   GLU A CA  1 
ATOM   414  C C   . GLU A 1 53  ? 19.616  0.273   -4.232  1.00 29.50 ? 53   GLU A C   1 
ATOM   415  O O   . GLU A 1 53  ? 20.415  0.559   -3.357  1.00 29.92 ? 53   GLU A O   1 
ATOM   416  C CB  . GLU A 1 53  ? 20.662  0.477   -6.461  1.00 31.65 ? 53   GLU A CB  1 
ATOM   417  C CG  . GLU A 1 53  ? 20.336  0.694   -7.889  1.00 34.78 ? 53   GLU A CG  1 
ATOM   418  C CD  . GLU A 1 53  ? 21.297  -0.035  -8.809  1.00 39.56 ? 53   GLU A CD  1 
ATOM   419  O OE1 . GLU A 1 53  ? 21.780  -1.140  -8.462  1.00 40.54 ? 53   GLU A OE1 1 
ATOM   420  O OE2 . GLU A 1 53  ? 21.560  0.503   -9.895  1.00 40.58 ? 53   GLU A OE2 1 
ATOM   421  N N   . VAL A 1 54  ? 18.713  -0.680  -4.077  1.00 28.59 ? 54   VAL A N   1 
ATOM   422  C CA  . VAL A 1 54  ? 18.622  -1.436  -2.837  1.00 26.29 ? 54   VAL A CA  1 
ATOM   423  C C   . VAL A 1 54  ? 18.285  -2.826  -3.261  1.00 25.54 ? 54   VAL A C   1 
ATOM   424  O O   . VAL A 1 54  ? 17.361  -3.024  -4.054  1.00 25.77 ? 54   VAL A O   1 
ATOM   425  C CB  . VAL A 1 54  ? 17.503  -0.889  -1.888  1.00 26.77 ? 54   VAL A CB  1 
ATOM   426  C CG1 . VAL A 1 54  ? 17.227  -1.876  -0.746  1.00 23.83 ? 54   VAL A CG1 1 
ATOM   427  C CG2 . VAL A 1 54  ? 17.874  0.487   -1.312  1.00 26.74 ? 54   VAL A CG2 1 
ATOM   428  N N   . GLY A 1 55  ? 19.044  -3.805  -2.769  1.00 24.47 ? 55   GLY A N   1 
ATOM   429  C CA  . GLY A 1 55  ? 18.743  -5.200  -3.066  1.00 22.48 ? 55   GLY A CA  1 
ATOM   430  C C   . GLY A 1 55  ? 17.463  -5.680  -2.433  1.00 22.42 ? 55   GLY A C   1 
ATOM   431  O O   . GLY A 1 55  ? 17.108  -5.279  -1.333  1.00 21.38 ? 55   GLY A O   1 
ATOM   432  N N   . VAL A 1 56  ? 16.785  -6.585  -3.112  1.00 22.87 ? 56   VAL A N   1 
ATOM   433  C CA  . VAL A 1 56  ? 15.634  -7.238  -2.544  1.00 24.29 ? 56   VAL A CA  1 
ATOM   434  C C   . VAL A 1 56  ? 16.086  -8.670  -2.274  1.00 25.40 ? 56   VAL A C   1 
ATOM   435  O O   . VAL A 1 56  ? 16.633  -9.292  -3.188  1.00 27.19 ? 56   VAL A O   1 
ATOM   436  C CB  . VAL A 1 56  ? 14.457  -7.202  -3.568  1.00 25.16 ? 56   VAL A CB  1 
ATOM   437  C CG1 . VAL A 1 56  ? 13.287  -8.145  -3.148  1.00 22.09 ? 56   VAL A CG1 1 
ATOM   438  C CG2 . VAL A 1 56  ? 14.007  -5.754  -3.851  1.00 22.56 ? 56   VAL A CG2 1 
ATOM   439  N N   . LEU A 1 57  ? 15.914  -9.178  -1.041  1.00 25.04 ? 57   LEU A N   1 
ATOM   440  C CA  . LEU A 1 57  ? 16.327  -10.555 -0.695  1.00 25.30 ? 57   LEU A CA  1 
ATOM   441  C C   . LEU A 1 57  ? 15.266  -11.614 -0.934  1.00 25.77 ? 57   LEU A C   1 
ATOM   442  O O   . LEU A 1 57  ? 15.596  -12.786 -1.146  1.00 24.60 ? 57   LEU A O   1 
ATOM   443  C CB  . LEU A 1 57  ? 16.803  -10.663 0.764   1.00 24.62 ? 57   LEU A CB  1 
ATOM   444  C CG  . LEU A 1 57  ? 18.141  -10.003 1.076   1.00 23.00 ? 57   LEU A CG  1 
ATOM   445  C CD1 . LEU A 1 57  ? 18.257  -9.877  2.551   1.00 20.25 ? 57   LEU A CD1 1 
ATOM   446  C CD2 . LEU A 1 57  ? 19.360  -10.736 0.435   1.00 21.24 ? 57   LEU A CD2 1 
ATOM   447  N N   . ASP A 1 58  ? 13.996  -11.197 -0.890  1.00 26.59 ? 58   ASP A N   1 
ATOM   448  C CA  . ASP A 1 58  ? 12.848  -12.107 -1.067  1.00 27.84 ? 58   ASP A CA  1 
ATOM   449  C C   . ASP A 1 58  ? 11.623  -11.274 -1.307  1.00 28.11 ? 58   ASP A C   1 
ATOM   450  O O   . ASP A 1 58  ? 11.563  -10.124 -0.846  1.00 28.22 ? 58   ASP A O   1 
ATOM   451  C CB  . ASP A 1 58  ? 12.632  -12.966 0.169   1.00 28.08 ? 58   ASP A CB  1 
ATOM   452  C CG  . ASP A 1 58  ? 11.656  -14.124 -0.067  1.00 31.01 ? 58   ASP A CG  1 
ATOM   453  O OD1 . ASP A 1 58  ? 11.502  -14.578 -1.237  1.00 31.95 ? 58   ASP A OD1 1 
ATOM   454  O OD2 . ASP A 1 58  ? 11.049  -14.584 0.936   1.00 32.85 ? 58   ASP A OD2 1 
ATOM   455  N N   . ALA A 1 59  ? 10.663  -11.838 -2.036  1.00 28.31 ? 59   ALA A N   1 
ATOM   456  C CA  . ALA A 1 59  ? 9.436   -11.118 -2.419  1.00 29.19 ? 59   ALA A CA  1 
ATOM   457  C C   . ALA A 1 59  ? 8.287   -12.109 -2.492  1.00 29.91 ? 59   ALA A C   1 
ATOM   458  O O   . ALA A 1 59  ? 8.336   -13.029 -3.310  1.00 32.43 ? 59   ALA A O   1 
ATOM   459  C CB  . ALA A 1 59  ? 9.637   -10.440 -3.767  1.00 29.25 ? 59   ALA A CB  1 
ATOM   460  N N   . LYS A 1 60  ? 7.284   -11.961 -1.630  1.00 28.72 ? 60   LYS A N   1 
ATOM   461  C CA  . LYS A 1 60  ? 6.188   -12.920 -1.510  1.00 28.36 ? 60   LYS A CA  1 
ATOM   462  C C   . LYS A 1 60  ? 4.863   -12.277 -2.012  1.00 27.71 ? 60   LYS A C   1 
ATOM   463  O O   . LYS A 1 60  ? 4.365   -11.298 -1.419  1.00 24.83 ? 60   LYS A O   1 
ATOM   464  C CB  . LYS A 1 60  ? 5.955   -13.328 -0.029  1.00 28.52 ? 60   LYS A CB  1 
ATOM   465  C CG  . LYS A 1 60  ? 7.058   -14.078 0.689   1.00 32.53 ? 60   LYS A CG  1 
ATOM   466  C CD  . LYS A 1 60  ? 6.494   -14.772 1.961   1.00 36.09 ? 60   LYS A CD  1 
ATOM   467  C CE  . LYS A 1 60  ? 7.552   -15.609 2.697   1.00 39.41 ? 60   LYS A CE  1 
ATOM   468  N NZ  . LYS A 1 60  ? 8.563   -16.258 1.760   1.00 41.38 ? 60   LYS A NZ  1 
ATOM   469  N N   . GLU A 1 61  ? 4.288   -12.846 -3.075  1.00 27.26 ? 61   GLU A N   1 
ATOM   470  C CA  . GLU A 1 61  ? 2.995   -12.379 -3.587  1.00 26.50 ? 61   GLU A CA  1 
ATOM   471  C C   . GLU A 1 61  ? 1.936   -13.038 -2.742  1.00 26.87 ? 61   GLU A C   1 
ATOM   472  O O   . GLU A 1 61  ? 1.880   -14.278 -2.627  1.00 27.74 ? 61   GLU A O   1 
ATOM   473  C CB  . GLU A 1 61  ? 2.862   -12.723 -5.055  1.00 27.74 ? 61   GLU A CB  1 
ATOM   474  C CG  . GLU A 1 61  ? 3.995   -12.119 -5.875  1.00 25.58 ? 61   GLU A CG  1 
ATOM   475  C CD  . GLU A 1 61  ? 3.779   -12.201 -7.390  1.00 29.36 ? 61   GLU A CD  1 
ATOM   476  O OE1 . GLU A 1 61  ? 3.069   -13.127 -7.835  1.00 29.42 ? 61   GLU A OE1 1 
ATOM   477  O OE2 . GLU A 1 61  ? 4.335   -11.346 -8.137  1.00 30.57 ? 61   GLU A OE2 1 
ATOM   478  N N   . LEU A 1 62  ? 1.117   -12.237 -2.081  1.00 25.13 ? 62   LEU A N   1 
ATOM   479  C CA  . LEU A 1 62  ? 0.162   -12.810 -1.133  1.00 24.85 ? 62   LEU A CA  1 
ATOM   480  C C   . LEU A 1 62  ? -1.075  -13.377 -1.851  1.00 25.25 ? 62   LEU A C   1 
ATOM   481  O O   . LEU A 1 62  ? -1.526  -12.784 -2.824  1.00 24.65 ? 62   LEU A O   1 
ATOM   482  C CB  . LEU A 1 62  ? -0.258  -11.743 -0.113  1.00 24.21 ? 62   LEU A CB  1 
ATOM   483  C CG  . LEU A 1 62  ? 0.826   -11.139 0.784   1.00 24.20 ? 62   LEU A CG  1 
ATOM   484  C CD1 . LEU A 1 62  ? 0.201   -10.236 1.845   1.00 18.64 ? 62   LEU A CD1 1 
ATOM   485  C CD2 . LEU A 1 62  ? 1.655   -12.267 1.476   1.00 25.86 ? 62   LEU A CD2 1 
ATOM   486  N N   . VAL A 1 63  ? -1.604  -14.516 -1.368  1.00 25.31 ? 63   VAL A N   1 
ATOM   487  C CA  . VAL A 1 63  ? -2.878  -15.094 -1.854  1.00 26.08 ? 63   VAL A CA  1 
ATOM   488  C C   . VAL A 1 63  ? -3.610  -15.612 -0.655  1.00 26.98 ? 63   VAL A C   1 
ATOM   489  O O   . VAL A 1 63  ? -2.993  -15.808 0.398   1.00 26.79 ? 63   VAL A O   1 
ATOM   490  C CB  . VAL A 1 63  ? -2.684  -16.224 -2.916  1.00 25.71 ? 63   VAL A CB  1 
ATOM   491  C CG1 . VAL A 1 63  ? -1.820  -15.751 -4.076  1.00 24.68 ? 63   VAL A CG1 1 
ATOM   492  C CG2 . VAL A 1 63  ? -2.064  -17.434 -2.305  1.00 28.71 ? 63   VAL A CG2 1 
ATOM   493  N N   . ASP A 1 64  ? -4.924  -15.809 -0.758  1.00 28.48 ? 64   ASP A N   1 
ATOM   494  C CA  . ASP A 1 64  ? -5.649  -16.346 0.388   1.00 29.63 ? 64   ASP A CA  1 
ATOM   495  C C   . ASP A 1 64  ? -5.574  -17.880 0.469   1.00 31.50 ? 64   ASP A C   1 
ATOM   496  O O   . ASP A 1 64  ? -4.931  -18.533 -0.362  1.00 31.61 ? 64   ASP A O   1 
ATOM   497  C CB  . ASP A 1 64  ? -7.103  -15.873 0.414   1.00 29.26 ? 64   ASP A CB  1 
ATOM   498  C CG  . ASP A 1 64  ? -7.959  -16.489 -0.697  1.00 28.02 ? 64   ASP A CG  1 
ATOM   499  O OD1 . ASP A 1 64  ? -7.508  -17.328 -1.486  1.00 29.16 ? 64   ASP A OD1 1 
ATOM   500  O OD2 . ASP A 1 64  ? -9.109  -16.085 -0.807  1.00 28.86 ? 64   ASP A OD2 1 
ATOM   501  N N   . LYS A 1 65  ? -6.285  -18.421 1.462   1.00 33.63 ? 65   LYS A N   1 
ATOM   502  C CA  . LYS A 1 65  ? -6.422  -19.867 1.708   1.00 35.55 ? 65   LYS A CA  1 
ATOM   503  C C   . LYS A 1 65  ? -6.817  -20.762 0.529   1.00 36.07 ? 65   LYS A C   1 
ATOM   504  O O   . LYS A 1 65  ? -6.663  -21.968 0.658   1.00 37.36 ? 65   LYS A O   1 
ATOM   505  C CB  . LYS A 1 65  ? -7.381  -20.101 2.874   1.00 35.82 ? 65   LYS A CB  1 
ATOM   506  C CG  . LYS A 1 65  ? -6.795  -19.659 4.235   1.00 37.82 ? 65   LYS A CG  1 
ATOM   507  C CD  . LYS A 1 65  ? -5.515  -20.412 4.626   1.00 39.91 ? 65   LYS A CD  1 
ATOM   508  C CE  . LYS A 1 65  ? -5.278  -20.392 6.167   1.00 42.34 ? 65   LYS A CE  1 
ATOM   509  N NZ  . LYS A 1 65  ? -6.484  -20.893 6.946   1.00 41.99 ? 65   LYS A NZ  1 
ATOM   510  N N   . ASP A 1 66  ? -7.345  -20.194 -0.574  1.00 36.03 ? 66   ASP A N   1 
ATOM   511  C CA  . ASP A 1 66  ? -7.640  -20.937 -1.827  1.00 34.96 ? 66   ASP A CA  1 
ATOM   512  C C   . ASP A 1 66  ? -6.801  -20.420 -2.984  1.00 34.05 ? 66   ASP A C   1 
ATOM   513  O O   . ASP A 1 66  ? -7.150  -20.656 -4.153  1.00 34.50 ? 66   ASP A O   1 
ATOM   514  C CB  . ASP A 1 66  ? -9.119  -20.831 -2.310  1.00 36.57 ? 66   ASP A CB  1 
ATOM   515  C CG  . ASP A 1 66  ? -10.161 -20.771 -1.170  1.00 36.62 ? 66   ASP A CG  1 
ATOM   516  O OD1 . ASP A 1 66  ? -10.230 -21.687 -0.330  1.00 40.92 ? 66   ASP A OD1 1 
ATOM   517  O OD2 . ASP A 1 66  ? -10.947 -19.807 -1.146  1.00 37.87 ? 66   ASP A OD2 1 
ATOM   518  N N   . GLY A 1 67  ? -5.722  -19.689 -2.711  1.00 31.94 ? 67   GLY A N   1 
ATOM   519  C CA  . GLY A 1 67  ? -4.899  -19.175 -3.827  1.00 29.88 ? 67   GLY A CA  1 
ATOM   520  C C   . GLY A 1 67  ? -5.407  -17.963 -4.613  1.00 28.08 ? 67   GLY A C   1 
ATOM   521  O O   . GLY A 1 67  ? -4.777  -17.550 -5.597  1.00 27.63 ? 67   GLY A O   1 
ATOM   522  N N   . ALA A 1 68  ? -6.525  -17.375 -4.188  1.00 25.72 ? 68   ALA A N   1 
ATOM   523  C CA  . ALA A 1 68  ? -6.997  -16.105 -4.799  1.00 24.23 ? 68   ALA A CA  1 
ATOM   524  C C   . ALA A 1 68  ? -5.981  -14.951 -4.537  1.00 23.21 ? 68   ALA A C   1 
ATOM   525  O O   . ALA A 1 68  ? -5.441  -14.819 -3.422  1.00 22.76 ? 68   ALA A O   1 
ATOM   526  C CB  . ALA A 1 68  ? -8.408  -15.752 -4.305  1.00 22.75 ? 68   ALA A CB  1 
ATOM   527  N N   . ASN A 1 69  ? -5.706  -14.165 -5.575  1.00 21.10 ? 69   ASN A N   1 
ATOM   528  C CA  . ASN A 1 69  ? -4.860  -12.984 -5.494  1.00 21.23 ? 69   ASN A CA  1 
ATOM   529  C C   . ASN A 1 69  ? -5.321  -11.929 -4.448  1.00 20.66 ? 69   ASN A C   1 
ATOM   530  O O   . ASN A 1 69  ? -6.484  -11.524 -4.379  1.00 19.76 ? 69   ASN A O   1 
ATOM   531  C CB  . ASN A 1 69  ? -4.753  -12.332 -6.887  1.00 20.74 ? 69   ASN A CB  1 
ATOM   532  C CG  . ASN A 1 69  ? -3.943  -11.055 -6.874  1.00 19.89 ? 69   ASN A CG  1 
ATOM   533  O OD1 . ASN A 1 69  ? -2.804  -11.047 -6.467  1.00 20.06 ? 69   ASN A OD1 1 
ATOM   534  N ND2 . ASN A 1 69  ? -4.512  -9.979  -7.386  1.00 21.20 ? 69   ASN A ND2 1 
ATOM   535  N N   . LEU A 1 70  ? -4.370  -11.439 -3.668  1.00 21.53 ? 70   LEU A N   1 
ATOM   536  C CA  . LEU A 1 70  ? -4.662  -10.378 -2.716  1.00 18.86 ? 70   LEU A CA  1 
ATOM   537  C C   . LEU A 1 70  ? -4.066  -9.069  -3.169  1.00 19.25 ? 70   LEU A C   1 
ATOM   538  O O   . LEU A 1 70  ? -4.320  -8.010  -2.543  1.00 17.42 ? 70   LEU A O   1 
ATOM   539  C CB  . LEU A 1 70  ? -4.136  -10.762 -1.347  1.00 20.23 ? 70   LEU A CB  1 
ATOM   540  C CG  . LEU A 1 70  ? -4.847  -11.987 -0.744  1.00 21.54 ? 70   LEU A CG  1 
ATOM   541  C CD1 . LEU A 1 70  ? -4.247  -12.400 0.629   1.00 22.52 ? 70   LEU A CD1 1 
ATOM   542  C CD2 . LEU A 1 70  ? -6.410  -11.863 -0.702  1.00 20.88 ? 70   LEU A CD2 1 
ATOM   543  N N   . GLU A 1 71  ? -3.291  -9.151  -4.256  1.00 17.26 ? 71   GLU A N   1 
ATOM   544  C CA  . GLU A 1 71  ? -2.714  -7.999  -4.956  1.00 17.20 ? 71   GLU A CA  1 
ATOM   545  C C   . GLU A 1 71  ? -1.607  -7.253  -4.138  1.00 17.02 ? 71   GLU A C   1 
ATOM   546  O O   . GLU A 1 71  ? -1.333  -6.097  -4.335  1.00 14.46 ? 71   GLU A O   1 
ATOM   547  C CB  . GLU A 1 71  ? -3.830  -7.050  -5.495  1.00 16.83 ? 71   GLU A CB  1 
ATOM   548  C CG  . GLU A 1 71  ? -3.319  -6.006  -6.522  1.00 18.10 ? 71   GLU A CG  1 
ATOM   549  C CD  . GLU A 1 71  ? -2.515  -6.636  -7.675  1.00 23.55 ? 71   GLU A CD  1 
ATOM   550  O OE1 . GLU A 1 71  ? -2.847  -7.772  -8.079  1.00 19.76 ? 71   GLU A OE1 1 
ATOM   551  O OE2 . GLU A 1 71  ? -1.559  -5.992  -8.181  1.00 22.20 ? 71   GLU A OE2 1 
ATOM   552  N N   . LEU A 1 72  ? -0.976  -7.943  -3.205  1.00 17.66 ? 72   LEU A N   1 
ATOM   553  C CA  . LEU A 1 72  ? 0.117   -7.304  -2.476  1.00 17.86 ? 72   LEU A CA  1 
ATOM   554  C C   . LEU A 1 72  ? 1.357   -8.139  -2.642  1.00 18.28 ? 72   LEU A C   1 
ATOM   555  O O   . LEU A 1 72  ? 1.245   -9.352  -2.605  1.00 17.33 ? 72   LEU A O   1 
ATOM   556  C CB  . LEU A 1 72  ? -0.211  -7.237  -0.983  1.00 17.28 ? 72   LEU A CB  1 
ATOM   557  C CG  . LEU A 1 72  ? -1.355  -6.298  -0.598  1.00 16.53 ? 72   LEU A CG  1 
ATOM   558  C CD1 . LEU A 1 72  ? -1.871  -6.632  0.770   1.00 15.67 ? 72   LEU A CD1 1 
ATOM   559  C CD2 . LEU A 1 72  ? -0.871  -4.851  -0.684  1.00 13.01 ? 72   LEU A CD2 1 
ATOM   560  N N   . THR A 1 73  ? 2.512   -7.479  -2.801  1.00 18.65 ? 73   THR A N   1 
ATOM   561  C CA  . THR A 1 73  ? 3.820   -8.122  -2.575  1.00 19.38 ? 73   THR A CA  1 
ATOM   562  C C   . THR A 1 73  ? 4.584   -7.639  -1.310  1.00 19.69 ? 73   THR A C   1 
ATOM   563  O O   . THR A 1 73  ? 4.843   -6.440  -1.141  1.00 19.73 ? 73   THR A O   1 
ATOM   564  C CB  . THR A 1 73  ? 4.703   -8.035  -3.821  1.00 19.86 ? 73   THR A CB  1 
ATOM   565  O OG1 . THR A 1 73  ? 4.002   -8.704  -4.872  1.00 20.75 ? 73   THR A OG1 1 
ATOM   566  C CG2 . THR A 1 73  ? 6.027   -8.792  -3.619  1.00 20.28 ? 73   THR A CG2 1 
ATOM   567  N N   . LEU A 1 74  ? 4.893   -8.587  -0.418  1.00 19.10 ? 74   LEU A N   1 
ATOM   568  C CA  . LEU A 1 74  ? 5.808   -8.340  0.706   1.00 19.74 ? 74   LEU A CA  1 
ATOM   569  C C   . LEU A 1 74  ? 7.259   -8.545  0.238   1.00 19.52 ? 74   LEU A C   1 
ATOM   570  O O   . LEU A 1 74  ? 7.577   -9.581  -0.329  1.00 20.46 ? 74   LEU A O   1 
ATOM   571  C CB  . LEU A 1 74  ? 5.466   -9.298  1.842   1.00 18.44 ? 74   LEU A CB  1 
ATOM   572  C CG  . LEU A 1 74  ? 3.987   -9.282  2.252   1.00 21.22 ? 74   LEU A CG  1 
ATOM   573  C CD1 . LEU A 1 74  ? 3.782   -10.073 3.572   1.00 20.67 ? 74   LEU A CD1 1 
ATOM   574  C CD2 . LEU A 1 74  ? 3.459   -7.843  2.349   1.00 16.89 ? 74   LEU A CD2 1 
ATOM   575  N N   . LEU A 1 75  ? 8.122   -7.569  0.459   1.00 19.17 ? 75   LEU A N   1 
ATOM   576  C CA  . LEU A 1 75  ? 9.484   -7.636  0.003   1.00 18.68 ? 75   LEU A CA  1 
ATOM   577  C C   . LEU A 1 75  ? 10.405  -7.471  1.197   1.00 18.73 ? 75   LEU A C   1 
ATOM   578  O O   . LEU A 1 75  ? 10.190  -6.583  2.059   1.00 17.04 ? 75   LEU A O   1 
ATOM   579  C CB  . LEU A 1 75  ? 9.862   -6.413  -0.826  1.00 18.97 ? 75   LEU A CB  1 
ATOM   580  C CG  . LEU A 1 75  ? 9.111   -5.690  -1.892  1.00 23.70 ? 75   LEU A CG  1 
ATOM   581  C CD1 . LEU A 1 75  ? 7.885   -4.908  -1.334  1.00 22.97 ? 75   LEU A CD1 1 
ATOM   582  C CD2 . LEU A 1 75  ? 10.177  -4.815  -2.594  1.00 17.84 ? 75   LEU A CD2 1 
ATOM   583  N N   . LYS A 1 76  ? 11.504  -8.210  1.168   1.00 18.43 ? 76   LYS A N   1 
ATOM   584  C CA  . LYS A 1 76  ? 12.512  -8.088  2.231   1.00 19.21 ? 76   LYS A CA  1 
ATOM   585  C C   . LYS A 1 76  ? 13.738  -7.436  1.637   1.00 18.82 ? 76   LYS A C   1 
ATOM   586  O O   . LYS A 1 76  ? 14.308  -7.948  0.675   1.00 20.22 ? 76   LYS A O   1 
ATOM   587  C CB  . LYS A 1 76  ? 12.866  -9.435  2.829   1.00 19.28 ? 76   LYS A CB  1 
ATOM   588  C CG  . LYS A 1 76  ? 13.863  -9.339  3.982   1.00 19.07 ? 76   LYS A CG  1 
ATOM   589  C CD  . LYS A 1 76  ? 14.240  -10.706 4.444   1.00 26.01 ? 76   LYS A CD  1 
ATOM   590  C CE  . LYS A 1 76  ? 15.016  -10.606 5.761   1.00 29.01 ? 76   LYS A CE  1 
ATOM   591  N NZ  . LYS A 1 76  ? 15.657  -11.915 6.040   1.00 33.08 ? 76   LYS A NZ  1 
ATOM   592  N N   . LEU A 1 77  ? 14.126  -6.310  2.197   1.00 17.68 ? 77   LEU A N   1 
ATOM   593  C CA  . LEU A 1 77  ? 15.181  -5.520  1.616   1.00 19.10 ? 77   LEU A CA  1 
ATOM   594  C C   . LEU A 1 77  ? 16.561  -5.912  2.129   1.00 19.44 ? 77   LEU A C   1 
ATOM   595  O O   . LEU A 1 77  ? 16.705  -6.287  3.299   1.00 20.10 ? 77   LEU A O   1 
ATOM   596  C CB  . LEU A 1 77  ? 14.953  -4.057  1.902   1.00 18.60 ? 77   LEU A CB  1 
ATOM   597  C CG  . LEU A 1 77  ? 13.635  -3.424  1.460   1.00 21.36 ? 77   LEU A CG  1 
ATOM   598  C CD1 . LEU A 1 77  ? 13.715  -1.924  1.759   1.00 20.05 ? 77   LEU A CD1 1 
ATOM   599  C CD2 . LEU A 1 77  ? 13.343  -3.678  -0.063  1.00 21.29 ? 77   LEU A CD2 1 
ATOM   600  N N   . ASN A 1 78  ? 17.556  -5.820  1.252   1.00 19.07 ? 78   ASN A N   1 
ATOM   601  C CA  . ASN A 1 78  ? 18.926  -6.202  1.587   1.00 21.48 ? 78   ASN A CA  1 
ATOM   602  C C   . ASN A 1 78  ? 19.674  -4.953  2.104   1.00 22.24 ? 78   ASN A C   1 
ATOM   603  O O   . ASN A 1 78  ? 20.599  -4.450  1.472   1.00 22.44 ? 78   ASN A O   1 
ATOM   604  C CB  . ASN A 1 78  ? 19.642  -6.800  0.356   1.00 21.38 ? 78   ASN A CB  1 
ATOM   605  C CG  . ASN A 1 78  ? 20.991  -7.457  0.706   1.00 21.96 ? 78   ASN A CG  1 
ATOM   606  O OD1 . ASN A 1 78  ? 21.406  -7.470  1.865   1.00 20.11 ? 78   ASN A OD1 1 
ATOM   607  N ND2 . ASN A 1 78  ? 21.659  -8.031  -0.312  1.00 21.56 ? 78   ASN A ND2 1 
ATOM   608  N N   . ARG A 1 79  ? 19.233  -4.431  3.244   1.00 23.07 ? 79   ARG A N   1 
ATOM   609  C CA  . ARG A 1 79  ? 19.790  -3.198  3.721   1.00 23.82 ? 79   ARG A CA  1 
ATOM   610  C C   . ARG A 1 79  ? 19.964  -3.384  5.175   1.00 23.95 ? 79   ARG A C   1 
ATOM   611  O O   . ARG A 1 79  ? 19.301  -4.232  5.795   1.00 24.28 ? 79   ARG A O   1 
ATOM   612  C CB  . ARG A 1 79  ? 18.860  -2.017  3.435   1.00 25.51 ? 79   ARG A CB  1 
ATOM   613  C CG  . ARG A 1 79  ? 17.616  -1.949  4.293   1.00 25.20 ? 79   ARG A CG  1 
ATOM   614  C CD  . ARG A 1 79  ? 16.573  -1.046  3.643   1.00 30.37 ? 79   ARG A CD  1 
ATOM   615  N NE  . ARG A 1 79  ? 16.876  0.367   3.693   1.00 30.35 ? 79   ARG A NE  1 
ATOM   616  C CZ  . ARG A 1 79  ? 16.240  1.255   4.448   1.00 31.56 ? 79   ARG A CZ  1 
ATOM   617  N NH1 . ARG A 1 79  ? 15.257  0.886   5.277   1.00 29.58 ? 79   ARG A NH1 1 
ATOM   618  N NH2 . ARG A 1 79  ? 16.605  2.529   4.386   1.00 28.62 ? 79   ARG A NH2 1 
ATOM   619  N N   . ASN A 1 80  ? 20.854  -2.592  5.744   1.00 24.11 ? 80   ASN A N   1 
ATOM   620  C CA  . ASN A 1 80  ? 21.162  -2.787  7.169   1.00 24.72 ? 80   ASN A CA  1 
ATOM   621  C C   . ASN A 1 80  ? 20.167  -2.090  8.094   1.00 23.48 ? 80   ASN A C   1 
ATOM   622  O O   . ASN A 1 80  ? 19.879  -2.574  9.172   1.00 22.44 ? 80   ASN A O   1 
ATOM   623  C CB  . ASN A 1 80  ? 22.610  -2.349  7.436   1.00 24.49 ? 80   ASN A CB  1 
ATOM   624  C CG  . ASN A 1 80  ? 23.643  -3.284  6.728   1.00 30.01 ? 80   ASN A CG  1 
ATOM   625  O OD1 . ASN A 1 80  ? 23.537  -4.530  6.827   1.00 30.16 ? 80   ASN A OD1 1 
ATOM   626  N ND2 . ASN A 1 80  ? 24.655  -2.679  6.032   1.00 31.19 ? 80   ASN A ND2 1 
ATOM   627  N N   . GLU A 1 81  ? 19.638  -0.956  7.648   1.00 24.26 ? 81   GLU A N   1 
ATOM   628  C CA  . GLU A 1 81  ? 18.670  -0.180  8.439   1.00 25.07 ? 81   GLU A CA  1 
ATOM   629  C C   . GLU A 1 81  ? 17.339  -0.954  8.548   1.00 23.57 ? 81   GLU A C   1 
ATOM   630  O O   . GLU A 1 81  ? 16.881  -1.584  7.587   1.00 22.43 ? 81   GLU A O   1 
ATOM   631  C CB  . GLU A 1 81  ? 18.479  1.205   7.791   1.00 26.91 ? 81   GLU A CB  1 
ATOM   632  C CG  . GLU A 1 81  ? 17.390  2.117   8.421   1.00 33.45 ? 81   GLU A CG  1 
ATOM   633  C CD  . GLU A 1 81  ? 17.837  3.588   8.470   1.00 42.46 ? 81   GLU A CD  1 
ATOM   634  O OE1 . GLU A 1 81  ? 17.748  4.272   7.423   1.00 46.31 ? 81   GLU A OE1 1 
ATOM   635  O OE2 . GLU A 1 81  ? 18.282  4.065   9.560   1.00 45.88 ? 81   GLU A OE2 1 
ATOM   636  N N   . LYS A 1 82  ? 16.755  -0.946  9.744   1.00 21.68 ? 82   LYS A N   1 
ATOM   637  C CA  . LYS A 1 82  ? 15.471  -1.538  9.975   1.00 20.45 ? 82   LYS A CA  1 
ATOM   638  C C   . LYS A 1 82  ? 14.386  -0.470  9.877   1.00 19.95 ? 82   LYS A C   1 
ATOM   639  O O   . LYS A 1 82  ? 14.650  0.695   10.148  1.00 19.12 ? 82   LYS A O   1 
ATOM   640  C CB  . LYS A 1 82  ? 15.474  -2.232  11.329  1.00 21.64 ? 82   LYS A CB  1 
ATOM   641  C CG  . LYS A 1 82  ? 16.227  -3.577  11.248  1.00 21.31 ? 82   LYS A CG  1 
ATOM   642  C CD  . LYS A 1 82  ? 15.896  -4.455  12.431  1.00 28.38 ? 82   LYS A CD  1 
ATOM   643  C CE  . LYS A 1 82  ? 17.006  -4.481  13.460  1.00 31.08 ? 82   LYS A CE  1 
ATOM   644  N NZ  . LYS A 1 82  ? 16.905  -5.802  14.156  1.00 29.20 ? 82   LYS A NZ  1 
ATOM   645  N N   . PHE A 1 83  ? 13.174  -0.863  9.480   1.00 18.84 ? 83   PHE A N   1 
ATOM   646  C CA  . PHE A 1 83  ? 12.045  0.053   9.583   1.00 18.45 ? 83   PHE A CA  1 
ATOM   647  C C   . PHE A 1 83  ? 11.540  0.143   11.002  1.00 18.31 ? 83   PHE A C   1 
ATOM   648  O O   . PHE A 1 83  ? 11.625  -0.841  11.766  1.00 19.37 ? 83   PHE A O   1 
ATOM   649  C CB  . PHE A 1 83  ? 10.867  -0.383  8.721   1.00 18.19 ? 83   PHE A CB  1 
ATOM   650  C CG  . PHE A 1 83  ? 11.159  -0.412  7.256   1.00 16.82 ? 83   PHE A CG  1 
ATOM   651  C CD1 . PHE A 1 83  ? 11.435  0.749   6.558   1.00 17.29 ? 83   PHE A CD1 1 
ATOM   652  C CD2 . PHE A 1 83  ? 11.159  -1.622  6.579   1.00 15.77 ? 83   PHE A CD2 1 
ATOM   653  C CE1 . PHE A 1 83  ? 11.655  0.712   5.166   1.00 15.92 ? 83   PHE A CE1 1 
ATOM   654  C CE2 . PHE A 1 83  ? 11.381  -1.680  5.215   1.00 13.20 ? 83   PHE A CE2 1 
ATOM   655  C CZ  . PHE A 1 83  ? 11.631  -0.517  4.517   1.00 15.06 ? 83   PHE A CZ  1 
ATOM   656  N N   . ARG A 1 84  ? 11.012  1.318   11.339  1.00 17.88 ? 84   ARG A N   1 
ATOM   657  C CA  . ARG A 1 84  ? 10.200  1.487   12.535  1.00 18.60 ? 84   ARG A CA  1 
ATOM   658  C C   . ARG A 1 84  ? 9.031   0.500   12.473  1.00 18.36 ? 84   ARG A C   1 
ATOM   659  O O   . ARG A 1 84  ? 8.278   0.462   11.474  1.00 17.16 ? 84   ARG A O   1 
ATOM   660  C CB  . ARG A 1 84  ? 9.686   2.934   12.637  1.00 18.07 ? 84   ARG A CB  1 
ATOM   661  C CG  . ARG A 1 84  ? 9.035   3.286   13.958  1.00 21.73 ? 84   ARG A CG  1 
ATOM   662  C CD  . ARG A 1 84  ? 7.506   3.089   13.921  1.00 27.78 ? 84   ARG A CD  1 
ATOM   663  N NE  . ARG A 1 84  ? 6.806   3.997   12.988  1.00 27.09 ? 84   ARG A NE  1 
ATOM   664  C CZ  . ARG A 1 84  ? 5.955   4.976   13.332  1.00 29.22 ? 84   ARG A CZ  1 
ATOM   665  N NH1 . ARG A 1 84  ? 5.669   5.265   14.627  1.00 22.41 ? 84   ARG A NH1 1 
ATOM   666  N NH2 . ARG A 1 84  ? 5.369   5.667   12.359  1.00 25.93 ? 84   ARG A NH2 1 
ATOM   667  N N   . ASP A 1 85  ? 8.852   -0.279  13.544  1.00 17.23 ? 85   ASP A N   1 
ATOM   668  C CA  . ASP A 1 85  ? 7.864   -1.331  13.486  1.00 16.94 ? 85   ASP A CA  1 
ATOM   669  C C   . ASP A 1 85  ? 6.444   -0.712  13.646  1.00 17.40 ? 85   ASP A C   1 
ATOM   670  O O   . ASP A 1 85  ? 6.126   -0.115  14.681  1.00 16.67 ? 85   ASP A O   1 
ATOM   671  C CB  . ASP A 1 85  ? 8.189   -2.341  14.578  1.00 17.77 ? 85   ASP A CB  1 
ATOM   672  C CG  . ASP A 1 85  ? 7.253   -3.526  14.598  1.00 17.95 ? 85   ASP A CG  1 
ATOM   673  O OD1 . ASP A 1 85  ? 6.228   -3.565  13.887  1.00 16.07 ? 85   ASP A OD1 1 
ATOM   674  O OD2 . ASP A 1 85  ? 7.554   -4.452  15.335  1.00 18.14 ? 85   ASP A OD2 1 
ATOM   675  N N   . ILE A 1 86  ? 5.612   -0.837  12.605  1.00 16.35 ? 86   ILE A N   1 
ATOM   676  C CA  . ILE A 1 86  ? 4.240   -0.299  12.638  1.00 15.87 ? 86   ILE A CA  1 
ATOM   677  C C   . ILE A 1 86  ? 3.191   -1.392  12.586  1.00 15.91 ? 86   ILE A C   1 
ATOM   678  O O   . ILE A 1 86  ? 1.993   -1.118  12.283  1.00 15.88 ? 86   ILE A O   1 
ATOM   679  C CB  . ILE A 1 86  ? 3.984   0.741   11.499  1.00 16.10 ? 86   ILE A CB  1 
ATOM   680  C CG1 . ILE A 1 86  ? 4.196   0.107   10.112  1.00 14.14 ? 86   ILE A CG1 1 
ATOM   681  C CG2 . ILE A 1 86  ? 4.860   1.922   11.702  1.00 14.01 ? 86   ILE A CG2 1 
ATOM   682  C CD1 . ILE A 1 86  ? 3.776   1.001   8.952   1.00 17.29 ? 86   ILE A CD1 1 
ATOM   683  N N   . ARG A 1 87  ? 3.600   -2.634  12.877  1.00 15.37 ? 87   ARG A N   1 
ATOM   684  C CA  . ARG A 1 87  ? 2.600   -3.700  12.887  1.00 16.24 ? 87   ARG A CA  1 
ATOM   685  C C   . ARG A 1 87  ? 1.441   -3.422  13.814  1.00 16.56 ? 87   ARG A C   1 
ATOM   686  O O   . ARG A 1 87  ? 0.301   -3.826  13.530  1.00 15.86 ? 87   ARG A O   1 
ATOM   687  C CB  . ARG A 1 87  ? 3.177   -5.076  13.203  1.00 16.09 ? 87   ARG A CB  1 
ATOM   688  C CG  . ARG A 1 87  ? 3.971   -5.654  12.069  1.00 17.10 ? 87   ARG A CG  1 
ATOM   689  C CD  . ARG A 1 87  ? 4.675   -6.929  12.525  1.00 20.34 ? 87   ARG A CD  1 
ATOM   690  N NE  . ARG A 1 87  ? 5.745   -6.636  13.507  1.00 18.88 ? 87   ARG A NE  1 
ATOM   691  C CZ  . ARG A 1 87  ? 6.598   -7.547  13.963  1.00 22.93 ? 87   ARG A CZ  1 
ATOM   692  N NH1 . ARG A 1 87  ? 6.524   -8.826  13.536  1.00 19.40 ? 87   ARG A NH1 1 
ATOM   693  N NH2 . ARG A 1 87  ? 7.550   -7.182  14.821  1.00 19.30 ? 87   ARG A NH2 1 
ATOM   694  N N   . GLY A 1 88  ? 1.723   -2.759  14.928  1.00 17.62 ? 88   GLY A N   1 
ATOM   695  C CA  . GLY A 1 88  ? 0.676   -2.345  15.867  1.00 17.45 ? 88   GLY A CA  1 
ATOM   696  C C   . GLY A 1 88  ? -0.367  -1.411  15.272  1.00 18.66 ? 88   GLY A C   1 
ATOM   697  O O   . GLY A 1 88  ? -1.475  -1.288  15.828  1.00 19.11 ? 88   GLY A O   1 
ATOM   698  N N   . PHE A 1 89  ? -0.039  -0.739  14.162  1.00 18.17 ? 89   PHE A N   1 
ATOM   699  C CA  . PHE A 1 89  ? -0.966  0.229   13.561  1.00 18.24 ? 89   PHE A CA  1 
ATOM   700  C C   . PHE A 1 89  ? -1.804  -0.424  12.455  1.00 18.84 ? 89   PHE A C   1 
ATOM   701  O O   . PHE A 1 89  ? -2.695  0.217   11.892  1.00 17.51 ? 89   PHE A O   1 
ATOM   702  C CB  . PHE A 1 89  ? -0.222  1.447   12.986  1.00 18.10 ? 89   PHE A CB  1 
ATOM   703  C CG  . PHE A 1 89  ? 0.327   2.380   14.027  1.00 17.24 ? 89   PHE A CG  1 
ATOM   704  C CD1 . PHE A 1 89  ? -0.530  3.075   14.886  1.00 17.36 ? 89   PHE A CD1 1 
ATOM   705  C CD2 . PHE A 1 89  ? 1.705   2.539   14.174  1.00 21.56 ? 89   PHE A CD2 1 
ATOM   706  C CE1 . PHE A 1 89  ? -0.028  3.924   15.846  1.00 15.46 ? 89   PHE A CE1 1 
ATOM   707  C CE2 . PHE A 1 89  ? 2.227   3.426   15.126  1.00 20.35 ? 89   PHE A CE2 1 
ATOM   708  C CZ  . PHE A 1 89  ? 1.346   4.121   15.960  1.00 16.62 ? 89   PHE A CZ  1 
ATOM   709  N N   . LEU A 1 90  ? -1.511  -1.689  12.146  1.00 19.82 ? 90   LEU A N   1 
ATOM   710  C CA  . LEU A 1 90  ? -2.240  -2.371  11.077  1.00 21.49 ? 90   LEU A CA  1 
ATOM   711  C C   . LEU A 1 90  ? -3.611  -2.897  11.545  1.00 22.02 ? 90   LEU A C   1 
ATOM   712  O O   . LEU A 1 90  ? -3.758  -3.394  12.650  1.00 21.91 ? 90   LEU A O   1 
ATOM   713  C CB  . LEU A 1 90  ? -1.396  -3.499  10.479  1.00 21.33 ? 90   LEU A CB  1 
ATOM   714  C CG  . LEU A 1 90  ? -0.016  -3.179  9.879   1.00 20.16 ? 90   LEU A CG  1 
ATOM   715  C CD1 . LEU A 1 90  ? 0.643   -4.438  9.354   1.00 20.97 ? 90   LEU A CD1 1 
ATOM   716  C CD2 . LEU A 1 90  ? -0.094  -2.147  8.783   1.00 21.51 ? 90   LEU A CD2 1 
ATOM   717  N N   . ALA A 1 91  ? -4.597  -2.793  10.666  1.00 23.24 ? 91   ALA A N   1 
ATOM   718  C CA  . ALA A 1 91  ? -5.923  -3.341  10.880  1.00 24.19 ? 91   ALA A CA  1 
ATOM   719  C C   . ALA A 1 91  ? -5.816  -4.859  10.982  1.00 25.02 ? 91   ALA A C   1 
ATOM   720  O O   . ALA A 1 91  ? -5.007  -5.475  10.281  1.00 23.77 ? 91   ALA A O   1 
ATOM   721  C CB  . ALA A 1 91  ? -6.880  -2.943  9.690   1.00 24.15 ? 91   ALA A CB  1 
ATOM   722  N N   . LYS A 1 92  ? -6.616  -5.447  11.864  1.00 24.63 ? 92   LYS A N   1 
ATOM   723  C CA  . LYS A 1 92  ? -6.626  -6.888  12.030  1.00 26.56 ? 92   LYS A CA  1 
ATOM   724  C C   . LYS A 1 92  ? -7.521  -7.588  10.978  1.00 26.18 ? 92   LYS A C   1 
ATOM   725  O O   . LYS A 1 92  ? -7.325  -8.766  10.653  1.00 25.49 ? 92   LYS A O   1 
ATOM   726  C CB  . LYS A 1 92  ? -7.102  -7.235  13.435  1.00 27.09 ? 92   LYS A CB  1 
ATOM   727  C CG  . LYS A 1 92  ? -7.188  -8.755  13.647  1.00 34.39 ? 92   LYS A CG  1 
ATOM   728  C CD  . LYS A 1 92  ? -8.037  -9.185  14.897  1.00 42.08 ? 92   LYS A CD  1 
ATOM   729  C CE  . LYS A 1 92  ? -7.440  -10.452 15.514  1.00 43.03 ? 92   LYS A CE  1 
ATOM   730  N NZ  . LYS A 1 92  ? -6.129  -10.091 16.158  1.00 46.62 ? 92   LYS A NZ  1 
ATOM   731  N N   . GLU A 1 93  ? -8.481  -6.838  10.442  1.00 26.03 ? 93   GLU A N   1 
ATOM   732  C CA  . GLU A 1 93  ? -9.416  -7.350  9.430   1.00 27.52 ? 93   GLU A CA  1 
ATOM   733  C C   . GLU A 1 93  ? -9.795  -6.216  8.430   1.00 26.61 ? 93   GLU A C   1 
ATOM   734  O O   . GLU A 1 93  ? -9.311  -5.063  8.548   1.00 25.21 ? 93   GLU A O   1 
ATOM   735  C CB  . GLU A 1 93  ? -10.659 -7.960  10.113  1.00 27.61 ? 93   GLU A CB  1 
ATOM   736  C CG  . GLU A 1 93  ? -11.320 -6.999  11.089  1.00 32.41 ? 93   GLU A CG  1 
ATOM   737  C CD  . GLU A 1 93  ? -12.667 -7.477  11.644  1.00 40.29 ? 93   GLU A CD  1 
ATOM   738  O OE1 . GLU A 1 93  ? -12.762 -8.633  12.137  1.00 42.02 ? 93   GLU A OE1 1 
ATOM   739  O OE2 . GLU A 1 93  ? -13.633 -6.673  11.592  1.00 43.78 ? 93   GLU A OE2 1 
ATOM   740  N N   . GLU A 1 94  ? -10.632 -6.532  7.442   1.00 26.26 ? 94   GLU A N   1 
ATOM   741  C CA  . GLU A 1 94  ? -11.095 -5.496  6.531   1.00 27.28 ? 94   GLU A CA  1 
ATOM   742  C C   . GLU A 1 94  ? -11.876 -4.449  7.317   1.00 27.33 ? 94   GLU A C   1 
ATOM   743  O O   . GLU A 1 94  ? -12.767 -4.785  8.100   1.00 27.74 ? 94   GLU A O   1 
ATOM   744  C CB  . GLU A 1 94  ? -11.982 -6.049  5.430   1.00 27.54 ? 94   GLU A CB  1 
ATOM   745  C CG  . GLU A 1 94  ? -11.236 -6.812  4.355   1.00 30.23 ? 94   GLU A CG  1 
ATOM   746  C CD  . GLU A 1 94  ? -11.326 -8.307  4.555   1.00 32.98 ? 94   GLU A CD  1 
ATOM   747  O OE1 . GLU A 1 94  ? -11.010 -8.791  5.668   1.00 33.66 ? 94   GLU A OE1 1 
ATOM   748  O OE2 . GLU A 1 94  ? -11.735 -8.983  3.589   1.00 36.07 ? 94   GLU A OE2 1 
ATOM   749  N N   . VAL A 1 95  ? -11.550 -3.187  7.082   1.00 26.91 ? 95   VAL A N   1 
ATOM   750  C CA  . VAL A 1 95  ? -12.139 -2.086  7.844   1.00 27.78 ? 95   VAL A CA  1 
ATOM   751  C C   . VAL A 1 95  ? -12.958 -1.169  6.942   1.00 27.11 ? 95   VAL A C   1 
ATOM   752  O O   . VAL A 1 95  ? -12.476 -0.736  5.881   1.00 28.06 ? 95   VAL A O   1 
ATOM   753  C CB  . VAL A 1 95  ? -11.035 -1.215  8.544   1.00 28.03 ? 95   VAL A CB  1 
ATOM   754  C CG1 . VAL A 1 95  ? -11.628 0.075   9.150   1.00 28.41 ? 95   VAL A CG1 1 
ATOM   755  C CG2 . VAL A 1 95  ? -10.296 -2.003  9.586   1.00 27.83 ? 95   VAL A CG2 1 
ATOM   756  N N   . GLU A 1 96  ? -14.166 -0.846  7.389   1.00 25.56 ? 96   GLU A N   1 
ATOM   757  C CA  . GLU A 1 96  ? -15.021 0.162   6.738   1.00 24.92 ? 96   GLU A CA  1 
ATOM   758  C C   . GLU A 1 96  ? -15.088 1.384   7.624   1.00 23.19 ? 96   GLU A C   1 
ATOM   759  O O   . GLU A 1 96  ? -15.169 1.236   8.837   1.00 23.34 ? 96   GLU A O   1 
ATOM   760  C CB  . GLU A 1 96  ? -16.419 -0.393  6.521   1.00 25.13 ? 96   GLU A CB  1 
ATOM   761  C CG  . GLU A 1 96  ? -16.377 -1.677  5.726   1.00 29.15 ? 96   GLU A CG  1 
ATOM   762  C CD  . GLU A 1 96  ? -17.733 -2.321  5.630   1.00 36.50 ? 96   GLU A CD  1 
ATOM   763  O OE1 . GLU A 1 96  ? -18.103 -3.009  6.611   1.00 40.82 ? 96   GLU A OE1 1 
ATOM   764  O OE2 . GLU A 1 96  ? -18.427 -2.130  4.596   1.00 37.08 ? 96   GLU A OE2 1 
ATOM   765  N N   . VAL A 1 97  ? -15.017 2.575   7.026   1.00 19.95 ? 97   VAL A N   1 
ATOM   766  C CA  . VAL A 1 97  ? -14.991 3.814   7.771   1.00 17.60 ? 97   VAL A CA  1 
ATOM   767  C C   . VAL A 1 97  ? -15.724 4.802   6.929   1.00 17.33 ? 97   VAL A C   1 
ATOM   768  O O   . VAL A 1 97  ? -15.871 4.581   5.726   1.00 17.13 ? 97   VAL A O   1 
ATOM   769  C CB  . VAL A 1 97  ? -13.560 4.411   8.122   1.00 18.01 ? 97   VAL A CB  1 
ATOM   770  C CG1 . VAL A 1 97  ? -12.852 3.712   9.335   1.00 17.12 ? 97   VAL A CG1 1 
ATOM   771  C CG2 . VAL A 1 97  ? -12.577 4.532   6.891   1.00 15.16 ? 97   VAL A CG2 1 
ATOM   772  N N   . ASN A 1 98  ? -16.150 5.902   7.540   1.00 15.90 ? 98   ASN A N   1 
ATOM   773  C CA  . ASN A 1 98  ? -16.763 6.986   6.781   1.00 16.46 ? 98   ASN A CA  1 
ATOM   774  C C   . ASN A 1 98  ? -15.797 7.989   6.121   1.00 16.22 ? 98   ASN A C   1 
ATOM   775  O O   . ASN A 1 98  ? -16.171 8.663   5.160   1.00 16.52 ? 98   ASN A O   1 
ATOM   776  C CB  . ASN A 1 98  ? -17.814 7.763   7.605   1.00 15.85 ? 98   ASN A CB  1 
ATOM   777  C CG  . ASN A 1 98  ? -18.806 8.464   6.707   1.00 20.74 ? 98   ASN A CG  1 
ATOM   778  O OD1 . ASN A 1 98  ? -19.514 7.810   5.926   1.00 22.78 ? 98   ASN A OD1 1 
ATOM   779  N ND2 . ASN A 1 98  ? -18.852 9.786   6.789   1.00 22.58 ? 98   ASN A ND2 1 
ATOM   780  N N   . GLU A 1 99  ? -14.584 8.080   6.660   1.00 14.26 ? 99   GLU A N   1 
ATOM   781  C CA  . GLU A 1 99  ? -13.608 9.029   6.242   1.00 15.80 ? 99   GLU A CA  1 
ATOM   782  C C   . GLU A 1 99  ? -12.231 8.398   6.431   1.00 15.87 ? 99   GLU A C   1 
ATOM   783  O O   . GLU A 1 99  ? -11.976 7.783   7.482   1.00 14.95 ? 99   GLU A O   1 
ATOM   784  C CB  . GLU A 1 99  ? -13.698 10.295  7.132   1.00 16.72 ? 99   GLU A CB  1 
ATOM   785  C CG  . GLU A 1 99  ? -14.754 11.319  6.675   1.00 18.80 ? 99   GLU A CG  1 
ATOM   786  C CD  . GLU A 1 99  ? -14.768 12.550  7.626   1.00 26.42 ? 99   GLU A CD  1 
ATOM   787  O OE1 . GLU A 1 99  ? -13.680 12.985  8.097   1.00 27.75 ? 99   GLU A OE1 1 
ATOM   788  O OE2 . GLU A 1 99  ? -15.857 13.050  7.957   1.00 30.44 ? 99   GLU A OE2 1 
ATOM   789  N N   . ALA A 1 100 ? -11.376 8.533   5.401   1.00 14.78 ? 100  ALA A N   1 
ATOM   790  C CA  . ALA A 1 100 ? -10.046 7.979   5.396   1.00 13.96 ? 100  ALA A CA  1 
ATOM   791  C C   . ALA A 1 100 ? -9.190  8.918   4.565   1.00 13.93 ? 100  ALA A C   1 
ATOM   792  O O   . ALA A 1 100 ? -9.718  9.771   3.861   1.00 14.84 ? 100  ALA A O   1 
ATOM   793  C CB  . ALA A 1 100 ? -10.040 6.545   4.858   1.00 12.77 ? 100  ALA A CB  1 
ATOM   794  N N   . VAL A 1 101 ? -7.869  8.794   4.695   1.00 12.69 ? 101  VAL A N   1 
ATOM   795  C CA  . VAL A 1 101 ? -6.914  9.612   3.947   1.00 12.22 ? 101  VAL A CA  1 
ATOM   796  C C   . VAL A 1 101 ? -6.136  8.641   3.040   1.00 11.65 ? 101  VAL A C   1 
ATOM   797  O O   . VAL A 1 101 ? -5.728  7.538   3.482   1.00 11.51 ? 101  VAL A O   1 
ATOM   798  C CB  . VAL A 1 101 ? -5.889  10.352  4.852   1.00 11.57 ? 101  VAL A CB  1 
ATOM   799  C CG1 . VAL A 1 101 ? -4.855  11.088  3.986   1.00 16.03 ? 101  VAL A CG1 1 
ATOM   800  C CG2 . VAL A 1 101 ? -6.600  11.387  5.731   1.00 15.87 ? 101  VAL A CG2 1 
ATOM   801  N N   . LEU A 1 102 ? -5.932  9.030   1.782   1.00 10.48 ? 102  LEU A N   1 
ATOM   802  C CA  . LEU A 1 102 ? -4.985  8.262   0.971   1.00 11.16 ? 102  LEU A CA  1 
ATOM   803  C C   . LEU A 1 102 ? -3.709  9.093   0.749   1.00 10.41 ? 102  LEU A C   1 
ATOM   804  O O   . LEU A 1 102 ? -3.755  10.217  0.217   1.00 10.93 ? 102  LEU A O   1 
ATOM   805  C CB  . LEU A 1 102 ? -5.635  7.823   -0.362  1.00 10.72 ? 102  LEU A CB  1 
ATOM   806  C CG  . LEU A 1 102 ? -4.708  7.072   -1.322  1.00 12.10 ? 102  LEU A CG  1 
ATOM   807  C CD1 . LEU A 1 102 ? -4.412  5.767   -0.730  1.00 11.54 ? 102  LEU A CD1 1 
ATOM   808  C CD2 . LEU A 1 102 ? -5.461  6.902   -2.695  1.00 12.52 ? 102  LEU A CD2 1 
ATOM   809  N N   . ALA A 1 103 ? -2.577  8.530   1.172   1.00 10.80 ? 103  ALA A N   1 
ATOM   810  C CA  . ALA A 1 103 ? -1.290  9.224   1.141   1.00 10.38 ? 103  ALA A CA  1 
ATOM   811  C C   . ALA A 1 103 ? -0.395  8.591   0.109   1.00 11.15 ? 103  ALA A C   1 
ATOM   812  O O   . ALA A 1 103 ? -0.085  7.384   0.174   1.00 10.59 ? 103  ALA A O   1 
ATOM   813  C CB  . ALA A 1 103 ? -0.605  9.134   2.497   1.00 10.66 ? 103  ALA A CB  1 
ATOM   814  N N   . ILE A 1 104 ? 0.059   9.414   -0.821  1.00 11.72 ? 104  ILE A N   1 
ATOM   815  C CA  . ILE A 1 104 ? 0.799   8.933   -1.971  1.00 13.27 ? 104  ILE A CA  1 
ATOM   816  C C   . ILE A 1 104 ? 2.102   9.773   -1.883  1.00 14.81 ? 104  ILE A C   1 
ATOM   817  O O   . ILE A 1 104 ? 2.047   10.945  -1.572  1.00 13.95 ? 104  ILE A O   1 
ATOM   818  C CB  . ILE A 1 104 ? -0.032  9.228   -3.277  1.00 13.48 ? 104  ILE A CB  1 
ATOM   819  C CG1 . ILE A 1 104 ? -1.157  8.203   -3.475  1.00 14.19 ? 104  ILE A CG1 1 
ATOM   820  C CG2 . ILE A 1 104 ? 0.862   9.374   -4.511  1.00 10.14 ? 104  ILE A CG2 1 
ATOM   821  C CD1 . ILE A 1 104 ? -2.468  8.875   -3.866  1.00 18.98 ? 104  ILE A CD1 1 
ATOM   822  N N   . ASN A 1 105 ? 3.258   9.159   -2.123  1.00 16.54 ? 105  ASN A N   1 
ATOM   823  C CA  . ASN A 1 105 ? 4.511   9.906   -2.132  1.00 18.80 ? 105  ASN A CA  1 
ATOM   824  C C   . ASN A 1 105 ? 5.466   9.405   -3.207  1.00 18.90 ? 105  ASN A C   1 
ATOM   825  O O   . ASN A 1 105 ? 6.223   8.464   -2.978  1.00 19.42 ? 105  ASN A O   1 
ATOM   826  C CB  . ASN A 1 105 ? 5.183   9.888   -0.731  1.00 20.23 ? 105  ASN A CB  1 
ATOM   827  C CG  . ASN A 1 105 ? 6.283   10.923  -0.612  1.00 25.62 ? 105  ASN A CG  1 
ATOM   828  O OD1 . ASN A 1 105 ? 6.210   12.021  -1.212  1.00 28.99 ? 105  ASN A OD1 1 
ATOM   829  N ND2 . ASN A 1 105 ? 7.330   10.585  0.132   1.00 30.80 ? 105  ASN A ND2 1 
ATOM   830  N N   . THR A 1 106 ? 5.456   10.034  -4.386  1.00 18.84 ? 106  THR A N   1 
ATOM   831  C CA  . THR A 1 106 ? 6.469   9.683   -5.395  1.00 18.48 ? 106  THR A CA  1 
ATOM   832  C C   . THR A 1 106 ? 7.173   10.944  -5.894  1.00 20.46 ? 106  THR A C   1 
ATOM   833  O O   . THR A 1 106 ? 6.811   12.072  -5.517  1.00 19.63 ? 106  THR A O   1 
ATOM   834  C CB  . THR A 1 106 ? 5.845   8.888   -6.562  1.00 17.38 ? 106  THR A CB  1 
ATOM   835  O OG1 . THR A 1 106 ? 4.984   9.742   -7.310  1.00 15.78 ? 106  THR A OG1 1 
ATOM   836  C CG2 . THR A 1 106 ? 5.008   7.755   -6.058  1.00 15.76 ? 106  THR A CG2 1 
ATOM   837  N N   . SER A 1 107 ? 8.162   10.784  -6.786  1.00 21.42 ? 107  SER A N   1 
ATOM   838  C CA  . SER A 1 107 ? 8.790   11.965  -7.396  1.00 22.80 ? 107  SER A CA  1 
ATOM   839  C C   . SER A 1 107 ? 7.813   12.674  -8.297  1.00 23.03 ? 107  SER A C   1 
ATOM   840  O O   . SER A 1 107 ? 7.894   13.870  -8.493  1.00 25.51 ? 107  SER A O   1 
ATOM   841  C CB  . SER A 1 107 ? 10.058  11.583  -8.217  1.00 23.76 ? 107  SER A CB  1 
ATOM   842  O OG  . SER A 1 107 ? 9.663   10.906  -9.414  1.00 24.83 ? 107  SER A OG  1 
ATOM   843  N N   . LYS A 1 108 ? 6.884   11.948  -8.867  1.00 23.51 ? 108  LYS A N   1 
ATOM   844  C CA  . LYS A 1 108 ? 5.872   12.586  -9.659  1.00 24.19 ? 108  LYS A CA  1 
ATOM   845  C C   . LYS A 1 108 ? 4.729   13.229  -8.840  1.00 23.35 ? 108  LYS A C   1 
ATOM   846  O O   . LYS A 1 108 ? 4.223   14.307  -9.210  1.00 23.78 ? 108  LYS A O   1 
ATOM   847  C CB  . LYS A 1 108 ? 5.267   11.583  -10.610 1.00 24.54 ? 108  LYS A CB  1 
ATOM   848  C CG  . LYS A 1 108 ? 4.150   12.190  -11.423 1.00 30.30 ? 108  LYS A CG  1 
ATOM   849  C CD  . LYS A 1 108 ? 3.399   11.178  -12.276 1.00 36.51 ? 108  LYS A CD  1 
ATOM   850  C CE  . LYS A 1 108 ? 2.515   11.937  -13.260 1.00 41.14 ? 108  LYS A CE  1 
ATOM   851  N NZ  . LYS A 1 108 ? 2.002   11.026  -14.328 1.00 43.85 ? 108  LYS A NZ  1 
ATOM   852  N N   . PHE A 1 109 ? 4.260   12.534  -7.792  1.00 21.87 ? 109  PHE A N   1 
ATOM   853  C CA  . PHE A 1 109 ? 3.233   13.090  -6.892  1.00 18.86 ? 109  PHE A CA  1 
ATOM   854  C C   . PHE A 1 109 ? 3.812   13.158  -5.471  1.00 17.19 ? 109  PHE A C   1 
ATOM   855  O O   . PHE A 1 109 ? 3.532   12.274  -4.637  1.00 15.78 ? 109  PHE A O   1 
ATOM   856  C CB  . PHE A 1 109 ? 1.957   12.238  -6.909  1.00 20.00 ? 109  PHE A CB  1 
ATOM   857  C CG  . PHE A 1 109 ? 1.386   11.963  -8.302  1.00 23.16 ? 109  PHE A CG  1 
ATOM   858  C CD1 . PHE A 1 109 ? 1.240   12.995  -9.242  1.00 27.88 ? 109  PHE A CD1 1 
ATOM   859  C CD2 . PHE A 1 109 ? 0.937   10.666  -8.635  1.00 27.94 ? 109  PHE A CD2 1 
ATOM   860  C CE1 . PHE A 1 109 ? 0.721   12.745  -10.523 1.00 31.46 ? 109  PHE A CE1 1 
ATOM   861  C CE2 . PHE A 1 109 ? 0.378   10.364  -9.920  1.00 25.45 ? 109  PHE A CE2 1 
ATOM   862  C CZ  . PHE A 1 109 ? 0.265   11.404  -10.862 1.00 31.11 ? 109  PHE A CZ  1 
ATOM   863  N N   . PRO A 1 110 ? 4.645   14.174  -5.187  1.00 16.58 ? 110  PRO A N   1 
ATOM   864  C CA  . PRO A 1 110 ? 5.209   14.212  -3.852  1.00 17.06 ? 110  PRO A CA  1 
ATOM   865  C C   . PRO A 1 110 ? 4.180   14.724  -2.811  1.00 16.94 ? 110  PRO A C   1 
ATOM   866  O O   . PRO A 1 110 ? 3.378   15.678  -3.083  1.00 16.66 ? 110  PRO A O   1 
ATOM   867  C CB  . PRO A 1 110 ? 6.373   15.226  -3.984  1.00 18.38 ? 110  PRO A CB  1 
ATOM   868  C CG  . PRO A 1 110 ? 6.338   15.710  -5.393  1.00 17.80 ? 110  PRO A CG  1 
ATOM   869  C CD  . PRO A 1 110 ? 5.090   15.316  -6.006  1.00 16.82 ? 110  PRO A CD  1 
ATOM   870  N N   . ASN A 1 111 ? 4.220   14.110  -1.638  1.00 15.12 ? 111  ASN A N   1 
ATOM   871  C CA  . ASN A 1 111 ? 3.462   14.602  -0.504  1.00 14.43 ? 111  ASN A CA  1 
ATOM   872  C C   . ASN A 1 111 ? 1.991   14.900  -0.849  1.00 13.33 ? 111  ASN A C   1 
ATOM   873  O O   . ASN A 1 111 ? 1.487   15.962  -0.513  1.00 12.37 ? 111  ASN A O   1 
ATOM   874  C CB  . ASN A 1 111 ? 4.121   15.847  0.047   1.00 15.59 ? 111  ASN A CB  1 
ATOM   875  C CG  . ASN A 1 111 ? 5.566   15.606  0.459   1.00 19.47 ? 111  ASN A CG  1 
ATOM   876  O OD1 . ASN A 1 111 ? 5.878   14.618  1.136   1.00 24.43 ? 111  ASN A OD1 1 
ATOM   877  N ND2 . ASN A 1 111 ? 6.458   16.485  0.013   1.00 18.29 ? 111  ASN A ND2 1 
ATOM   878  N N   . MET A 1 112 ? 1.306   13.905  -1.432  1.00 12.20 ? 112  MET A N   1 
ATOM   879  C CA  . MET A 1 112 ? -0.075  14.030  -1.804  1.00 12.11 ? 112  MET A CA  1 
ATOM   880  C C   . MET A 1 112 ? -0.918  13.357  -0.752  1.00 10.98 ? 112  MET A C   1 
ATOM   881  O O   . MET A 1 112 ? -0.711  12.192  -0.497  1.00 11.70 ? 112  MET A O   1 
ATOM   882  C CB  . MET A 1 112 ? -0.331  13.353  -3.171  1.00 11.13 ? 112  MET A CB  1 
ATOM   883  C CG  . MET A 1 112 ? -1.755  13.363  -3.656  1.00 10.17 ? 112  MET A CG  1 
ATOM   884  S SD  . MET A 1 112 ? -1.716  12.837  -5.412  1.00 21.00 ? 112  MET A SD  1 
ATOM   885  C CE  . MET A 1 112 ? -3.404  13.159  -5.924  1.00 26.14 ? 112  MET A CE  1 
ATOM   886  N N   . TYR A 1 113 ? -1.855  14.102  -0.174  1.00 10.85 ? 113  TYR A N   1 
ATOM   887  C CA  . TYR A 1 113 ? -2.807  13.608  0.825   1.00 12.44 ? 113  TYR A CA  1 
ATOM   888  C C   . TYR A 1 113 ? -4.258  13.841  0.333   1.00 12.71 ? 113  TYR A C   1 
ATOM   889  O O   . TYR A 1 113 ? -4.667  14.970  0.104   1.00 12.21 ? 113  TYR A O   1 
ATOM   890  C CB  . TYR A 1 113 ? -2.584  14.265  2.188   1.00 11.40 ? 113  TYR A CB  1 
ATOM   891  C CG  . TYR A 1 113 ? -1.183  13.934  2.754   1.00 13.13 ? 113  TYR A CG  1 
ATOM   892  C CD1 . TYR A 1 113 ? -0.054  14.678  2.397   1.00 13.03 ? 113  TYR A CD1 1 
ATOM   893  C CD2 . TYR A 1 113 ? -1.005  12.874  3.614   1.00 11.85 ? 113  TYR A CD2 1 
ATOM   894  C CE1 . TYR A 1 113 ? 1.261   14.363  2.933   1.00 10.65 ? 113  TYR A CE1 1 
ATOM   895  C CE2 . TYR A 1 113 ? 0.300   12.551  4.123   1.00 12.63 ? 113  TYR A CE2 1 
ATOM   896  C CZ  . TYR A 1 113 ? 1.387   13.282  3.778   1.00 12.21 ? 113  TYR A CZ  1 
ATOM   897  O OH  . TYR A 1 113 ? 2.617   12.917  4.304   1.00 15.69 ? 113  TYR A OH  1 
ATOM   898  N N   . ILE A 1 114 ? -5.001  12.747  0.168   1.00 13.63 ? 114  ILE A N   1 
ATOM   899  C CA  . ILE A 1 114 ? -6.365  12.810  -0.388  1.00 15.42 ? 114  ILE A CA  1 
ATOM   900  C C   . ILE A 1 114 ? -7.392  12.255  0.639   1.00 15.00 ? 114  ILE A C   1 
ATOM   901  O O   . ILE A 1 114 ? -7.356  11.079  0.988   1.00 14.31 ? 114  ILE A O   1 
ATOM   902  C CB  . ILE A 1 114 ? -6.474  11.992  -1.729  1.00 15.05 ? 114  ILE A CB  1 
ATOM   903  C CG1 . ILE A 1 114 ? -5.397  12.417  -2.722  1.00 19.48 ? 114  ILE A CG1 1 
ATOM   904  C CG2 . ILE A 1 114 ? -7.841  12.162  -2.414  1.00 16.56 ? 114  ILE A CG2 1 
ATOM   905  C CD1 . ILE A 1 114 ? -5.153  11.234  -3.769  1.00 24.26 ? 114  ILE A CD1 1 
ATOM   906  N N   . PRO A 1 115 ? -8.338  13.097  1.084   1.00 15.88 ? 115  PRO A N   1 
ATOM   907  C CA  . PRO A 1 115 ? -9.436  12.596  1.882   1.00 16.64 ? 115  PRO A CA  1 
ATOM   908  C C   . PRO A 1 115 ? -10.349 11.776  0.947   1.00 18.08 ? 115  PRO A C   1 
ATOM   909  O O   . PRO A 1 115 ? -10.865 12.318  -0.012  1.00 18.78 ? 115  PRO A O   1 
ATOM   910  C CB  . PRO A 1 115 ? -10.144 13.874  2.360   1.00 16.84 ? 115  PRO A CB  1 
ATOM   911  C CG  . PRO A 1 115 ? -9.818  14.926  1.328   1.00 17.34 ? 115  PRO A CG  1 
ATOM   912  C CD  . PRO A 1 115 ? -8.519  14.500  0.650   1.00 16.34 ? 115  PRO A CD  1 
ATOM   913  N N   . VAL A 1 116 ? -10.487 10.471  1.150   1.00 18.64 ? 116  VAL A N   1 
ATOM   914  C CA  . VAL A 1 116 ? -11.273 9.702   0.162   1.00 20.04 ? 116  VAL A CA  1 
ATOM   915  C C   . VAL A 1 116 ? -12.724 9.418   0.552   1.00 22.58 ? 116  VAL A C   1 
ATOM   916  O O   . VAL A 1 116 ? -13.493 8.874   -0.257  1.00 24.25 ? 116  VAL A O   1 
ATOM   917  C CB  . VAL A 1 116 ? -10.628 8.420   -0.280  1.00 18.40 ? 116  VAL A CB  1 
ATOM   918  C CG1 . VAL A 1 116 ? -9.441  8.719   -1.154  1.00 18.37 ? 116  VAL A CG1 1 
ATOM   919  C CG2 . VAL A 1 116 ? -10.290 7.569   0.907   1.00 17.83 ? 116  VAL A CG2 1 
ATOM   920  N N   . GLY A 1 117 ? -13.088 9.751   1.787   1.00 24.38 ? 117  GLY A N   1 
ATOM   921  C CA  . GLY A 1 117 ? -14.488 9.661   2.196   1.00 25.37 ? 117  GLY A CA  1 
ATOM   922  C C   . GLY A 1 117 ? -14.763 8.236   2.591   1.00 25.69 ? 117  GLY A C   1 
ATOM   923  O O   . GLY A 1 117 ? -13.892 7.542   3.092   1.00 26.37 ? 117  GLY A O   1 
ATOM   924  N N   . GLN A 1 118 ? -15.981 7.792   2.342   1.00 25.13 ? 118  GLN A N   1 
ATOM   925  C CA  . GLN A 1 118 ? -16.427 6.493   2.756   1.00 24.93 ? 118  GLN A CA  1 
ATOM   926  C C   . GLN A 1 118 ? -15.607 5.394   2.093   1.00 23.15 ? 118  GLN A C   1 
ATOM   927  O O   . GLN A 1 118 ? -15.362 5.473   0.880   1.00 23.88 ? 118  GLN A O   1 
ATOM   928  C CB  . GLN A 1 118 ? -17.889 6.379   2.367   1.00 26.41 ? 118  GLN A CB  1 
ATOM   929  C CG  . GLN A 1 118 ? -18.536 5.089   2.669   1.00 33.30 ? 118  GLN A CG  1 
ATOM   930  C CD  . GLN A 1 118 ? -20.008 5.161   2.272   1.00 41.40 ? 118  GLN A CD  1 
ATOM   931  O OE1 . GLN A 1 118 ? -20.765 5.947   2.838   1.00 44.33 ? 118  GLN A OE1 1 
ATOM   932  N NE2 . GLN A 1 118 ? -20.401 4.377   1.266   1.00 43.37 ? 118  GLN A NE2 1 
ATOM   933  N N   . VAL A 1 119 ? -15.198 4.401   2.896   1.00 20.06 ? 119  VAL A N   1 
ATOM   934  C CA  . VAL A 1 119 ? -14.391 3.241   2.496   1.00 18.71 ? 119  VAL A CA  1 
ATOM   935  C C   . VAL A 1 119 ? -15.229 2.011   2.843   1.00 19.43 ? 119  VAL A C   1 
ATOM   936  O O   . VAL A 1 119 ? -15.636 1.836   4.006   1.00 18.38 ? 119  VAL A O   1 
ATOM   937  C CB  . VAL A 1 119 ? -13.112 3.134   3.307   1.00 18.00 ? 119  VAL A CB  1 
ATOM   938  C CG1 . VAL A 1 119 ? -12.356 1.820   2.994   1.00 18.83 ? 119  VAL A CG1 1 
ATOM   939  C CG2 . VAL A 1 119 ? -12.215 4.355   3.069   1.00 14.46 ? 119  VAL A CG2 1 
ATOM   940  N N   . THR A 1 120 ? -15.531 1.174   1.858   1.00 19.80 ? 120  THR A N   1 
ATOM   941  C CA  . THR A 1 120 ? -16.438 0.050   2.151   1.00 20.97 ? 120  THR A CA  1 
ATOM   942  C C   . THR A 1 120 ? -15.748 -1.246  1.821   1.00 21.95 ? 120  THR A C   1 
ATOM   943  O O   . THR A 1 120 ? -14.791 -1.257  1.060   1.00 21.55 ? 120  THR A O   1 
ATOM   944  C CB  . THR A 1 120 ? -17.765 0.156   1.378   1.00 22.49 ? 120  THR A CB  1 
ATOM   945  O OG1 . THR A 1 120 ? -17.514 0.064   -0.023  1.00 23.63 ? 120  THR A OG1 1 
ATOM   946  C CG2 . THR A 1 120 ? -18.522 1.484   1.690   1.00 21.51 ? 120  THR A CG2 1 
ATOM   947  N N   . GLU A 1 121 ? -16.218 -2.338  2.411   1.00 23.19 ? 121  GLU A N   1 
ATOM   948  C CA  . GLU A 1 121 ? -15.702 -3.659  2.149   1.00 24.15 ? 121  GLU A CA  1 
ATOM   949  C C   . GLU A 1 121 ? -16.382 -4.168  0.891   1.00 24.85 ? 121  GLU A C   1 
ATOM   950  O O   . GLU A 1 121 ? -17.484 -4.708  0.941   1.00 25.75 ? 121  GLU A O   1 
ATOM   951  C CB  . GLU A 1 121 ? -15.945 -4.594  3.343   1.00 24.49 ? 121  GLU A CB  1 
ATOM   952  C CG  . GLU A 1 121 ? -15.019 -5.783  3.334   1.00 27.75 ? 121  GLU A CG  1 
ATOM   953  C CD  . GLU A 1 121 ? -15.442 -6.929  4.285   1.00 35.52 ? 121  GLU A CD  1 
ATOM   954  O OE1 . GLU A 1 121 ? -15.862 -6.643  5.447   1.00 35.61 ? 121  GLU A OE1 1 
ATOM   955  O OE2 . GLU A 1 121 ? -15.312 -8.122  3.850   1.00 35.66 ? 121  GLU A OE2 1 
ATOM   956  N N   . TYR A 1 122 ? -15.705 -3.949  -0.230  1.00 24.98 ? 122  TYR A N   1 
ATOM   957  C CA  . TYR A 1 122 ? -16.113 -4.369  -1.564  1.00 24.88 ? 122  TYR A CA  1 
ATOM   958  C C   . TYR A 1 122 ? -15.937 -5.879  -1.781  1.00 24.42 ? 122  TYR A C   1 
ATOM   959  O O   . TYR A 1 122 ? -16.781 -6.556  -2.391  1.00 23.34 ? 122  TYR A O   1 
ATOM   960  C CB  . TYR A 1 122 ? -15.281 -3.560  -2.570  1.00 24.65 ? 122  TYR A CB  1 
ATOM   961  C CG  . TYR A 1 122 ? -15.774 -3.521  -3.998  1.00 24.84 ? 122  TYR A CG  1 
ATOM   962  C CD1 . TYR A 1 122 ? -15.367 -4.500  -4.917  1.00 25.67 ? 122  TYR A CD1 1 
ATOM   963  C CD2 . TYR A 1 122 ? -16.610 -2.500  -4.444  1.00 21.36 ? 122  TYR A CD2 1 
ATOM   964  C CE1 . TYR A 1 122 ? -15.806 -4.480  -6.257  1.00 25.99 ? 122  TYR A CE1 1 
ATOM   965  C CE2 . TYR A 1 122 ? -17.057 -2.452  -5.809  1.00 21.93 ? 122  TYR A CE2 1 
ATOM   966  C CZ  . TYR A 1 122 ? -16.648 -3.446  -6.698  1.00 25.09 ? 122  TYR A CZ  1 
ATOM   967  O OH  . TYR A 1 122 ? -17.031 -3.423  -8.029  1.00 23.07 ? 122  TYR A OH  1 
ATOM   968  N N   . GLY A 1 123 ? -14.826 -6.416  -1.293  1.00 24.10 ? 123  GLY A N   1 
ATOM   969  C CA  . GLY A 1 123 ? -14.664 -7.856  -1.300  1.00 23.29 ? 123  GLY A CA  1 
ATOM   970  C C   . GLY A 1 123 ? -14.006 -8.317  -2.583  1.00 23.11 ? 123  GLY A C   1 
ATOM   971  O O   . GLY A 1 123 ? -12.791 -8.052  -2.814  1.00 22.10 ? 123  GLY A O   1 
ATOM   972  N N   . PHE A 1 124 ? -14.783 -9.008  -3.428  1.00 22.31 ? 124  PHE A N   1 
ATOM   973  C CA  . PHE A 1 124 ? -14.222 -9.588  -4.650  1.00 22.51 ? 124  PHE A CA  1 
ATOM   974  C C   . PHE A 1 124 ? -14.293 -8.603  -5.797  1.00 22.18 ? 124  PHE A C   1 
ATOM   975  O O   . PHE A 1 124 ? -15.302 -7.919  -5.971  1.00 21.18 ? 124  PHE A O   1 
ATOM   976  C CB  . PHE A 1 124 ? -14.928 -10.901 -4.979  1.00 23.29 ? 124  PHE A CB  1 
ATOM   977  C CG  . PHE A 1 124 ? -14.425 -11.564 -6.222  1.00 25.19 ? 124  PHE A CG  1 
ATOM   978  C CD1 . PHE A 1 124 ? -14.854 -11.138 -7.490  1.00 25.43 ? 124  PHE A CD1 1 
ATOM   979  C CD2 . PHE A 1 124 ? -13.517 -12.616 -6.142  1.00 27.74 ? 124  PHE A CD2 1 
ATOM   980  C CE1 . PHE A 1 124 ? -14.407 -11.781 -8.650  1.00 25.88 ? 124  PHE A CE1 1 
ATOM   981  C CE2 . PHE A 1 124 ? -13.043 -13.253 -7.316  1.00 29.77 ? 124  PHE A CE2 1 
ATOM   982  C CZ  . PHE A 1 124 ? -13.495 -12.832 -8.566  1.00 25.05 ? 124  PHE A CZ  1 
ATOM   983  N N   . LEU A 1 125 ? -13.200 -8.491  -6.552  1.00 22.70 ? 125  LEU A N   1 
ATOM   984  C CA  . LEU A 1 125 ? -13.154 -7.591  -7.711  1.00 23.63 ? 125  LEU A CA  1 
ATOM   985  C C   . LEU A 1 125 ? -12.339 -8.200  -8.827  1.00 25.42 ? 125  LEU A C   1 
ATOM   986  O O   . LEU A 1 125 ? -11.275 -8.805  -8.600  1.00 24.59 ? 125  LEU A O   1 
ATOM   987  C CB  . LEU A 1 125 ? -12.567 -6.203  -7.391  1.00 23.38 ? 125  LEU A CB  1 
ATOM   988  C CG  . LEU A 1 125 ? -12.351 -5.214  -8.579  1.00 23.78 ? 125  LEU A CG  1 
ATOM   989  C CD1 . LEU A 1 125 ? -13.652 -4.718  -9.226  1.00 20.69 ? 125  LEU A CD1 1 
ATOM   990  C CD2 . LEU A 1 125 ? -11.475 -4.004  -8.196  1.00 19.92 ? 125  LEU A CD2 1 
ATOM   991  N N   . TYR A 1 126 ? -12.848 -8.029  -10.037 1.00 26.49 ? 126  TYR A N   1 
ATOM   992  C CA  . TYR A 1 126 ? -12.070 -8.359  -11.206 1.00 28.03 ? 126  TYR A CA  1 
ATOM   993  C C   . TYR A 1 126 ? -11.173 -7.229  -11.566 1.00 29.26 ? 126  TYR A C   1 
ATOM   994  O O   . TYR A 1 126 ? -11.546 -6.362  -12.337 1.00 29.40 ? 126  TYR A O   1 
ATOM   995  C CB  . TYR A 1 126 ? -12.944 -8.699  -12.397 1.00 28.08 ? 126  TYR A CB  1 
ATOM   996  C CG  . TYR A 1 126 ? -12.860 -10.138 -12.625 1.00 27.93 ? 126  TYR A CG  1 
ATOM   997  C CD1 . TYR A 1 126 ? -13.605 -11.008 -11.831 1.00 30.23 ? 126  TYR A CD1 1 
ATOM   998  C CD2 . TYR A 1 126 ? -11.969 -10.668 -13.558 1.00 28.82 ? 126  TYR A CD2 1 
ATOM   999  C CE1 . TYR A 1 126 ? -13.511 -12.365 -11.986 1.00 32.29 ? 126  TYR A CE1 1 
ATOM   1000 C CE2 . TYR A 1 126 ? -11.867 -12.042 -13.724 1.00 30.68 ? 126  TYR A CE2 1 
ATOM   1001 C CZ  . TYR A 1 126 ? -12.654 -12.880 -12.932 1.00 32.51 ? 126  TYR A CZ  1 
ATOM   1002 O OH  . TYR A 1 126 ? -12.623 -14.257 -13.061 1.00 37.67 ? 126  TYR A OH  1 
ATOM   1003 N N   . LEU A 1 127 ? -9.967  -7.255  -11.007 1.00 30.18 ? 127  LEU A N   1 
ATOM   1004 C CA  . LEU A 1 127 ? -9.108  -6.109  -11.130 1.00 30.51 ? 127  LEU A CA  1 
ATOM   1005 C C   . LEU A 1 127 ? -8.070  -6.368  -12.196 1.00 30.69 ? 127  LEU A C   1 
ATOM   1006 O O   . LEU A 1 127 ? -7.227  -7.277  -12.045 1.00 29.51 ? 127  LEU A O   1 
ATOM   1007 C CB  . LEU A 1 127 ? -8.474  -5.774  -9.777  1.00 30.56 ? 127  LEU A CB  1 
ATOM   1008 C CG  . LEU A 1 127 ? -7.669  -4.488  -9.742  1.00 30.90 ? 127  LEU A CG  1 
ATOM   1009 C CD1 . LEU A 1 127 ? -8.546  -3.307  -10.126 1.00 29.82 ? 127  LEU A CD1 1 
ATOM   1010 C CD2 . LEU A 1 127 ? -7.067  -4.320  -8.307  1.00 30.31 ? 127  LEU A CD2 1 
ATOM   1011 N N   . GLY A 1 128 ? -8.141  -5.564  -13.257 1.00 30.35 ? 128  GLY A N   1 
ATOM   1012 C CA  . GLY A 1 128 ? -7.258  -5.686  -14.393 1.00 31.74 ? 128  GLY A CA  1 
ATOM   1013 C C   . GLY A 1 128 ? -7.267  -7.119  -14.905 1.00 33.39 ? 128  GLY A C   1 
ATOM   1014 O O   . GLY A 1 128 ? -6.198  -7.693  -15.199 1.00 33.87 ? 128  GLY A O   1 
ATOM   1015 N N   . GLY A 1 129 ? -8.467  -7.704  -14.969 1.00 33.23 ? 129  GLY A N   1 
ATOM   1016 C CA  . GLY A 1 129 ? -8.667  -9.078  -15.432 1.00 32.82 ? 129  GLY A CA  1 
ATOM   1017 C C   . GLY A 1 129 ? -8.352  -10.166 -14.433 1.00 32.27 ? 129  GLY A C   1 
ATOM   1018 O O   . GLY A 1 129 ? -8.539  -11.343 -14.738 1.00 33.23 ? 129  GLY A O   1 
ATOM   1019 N N   . THR A 1 130 ? -7.878  -9.794  -13.245 1.00 30.49 ? 130  THR A N   1 
ATOM   1020 C CA  . THR A 1 130 ? -7.407  -10.772 -12.291 1.00 29.09 ? 130  THR A CA  1 
ATOM   1021 C C   . THR A 1 130 ? -8.421  -10.848 -11.146 1.00 27.93 ? 130  THR A C   1 
ATOM   1022 O O   . THR A 1 130 ? -8.699  -9.814  -10.507 1.00 27.82 ? 130  THR A O   1 
ATOM   1023 C CB  . THR A 1 130 ? -6.027  -10.375 -11.660 1.00 29.82 ? 130  THR A CB  1 
ATOM   1024 O OG1 . THR A 1 130 ? -5.005  -10.324 -12.657 1.00 31.41 ? 130  THR A OG1 1 
ATOM   1025 C CG2 . THR A 1 130 ? -5.613  -11.363 -10.565 1.00 27.62 ? 130  THR A CG2 1 
ATOM   1026 N N   . PRO A 1 131 ? -8.932  -12.055 -10.840 1.00 25.85 ? 131  PRO A N   1 
ATOM   1027 C CA  . PRO A 1 131 ? -9.848  -12.192 -9.686  1.00 25.36 ? 131  PRO A CA  1 
ATOM   1028 C C   . PRO A 1 131 ? -9.113  -11.858 -8.368  1.00 24.82 ? 131  PRO A C   1 
ATOM   1029 O O   . PRO A 1 131 ? -8.086  -12.470 -8.056  1.00 23.74 ? 131  PRO A O   1 
ATOM   1030 C CB  . PRO A 1 131 ? -10.260 -13.671 -9.722  1.00 25.11 ? 131  PRO A CB  1 
ATOM   1031 C CG  . PRO A 1 131 ? -9.659  -14.235 -10.899 1.00 25.50 ? 131  PRO A CG  1 
ATOM   1032 C CD  . PRO A 1 131 ? -8.595  -13.354 -11.430 1.00 26.19 ? 131  PRO A CD  1 
ATOM   1033 N N   . THR A 1 132 ? -9.597  -10.848 -7.649  1.00 24.32 ? 132  THR A N   1 
ATOM   1034 C CA  . THR A 1 132 ? -8.872  -10.321 -6.509  1.00 23.17 ? 132  THR A CA  1 
ATOM   1035 C C   . THR A 1 132 ? -9.799  -10.281 -5.310  1.00 23.18 ? 132  THR A C   1 
ATOM   1036 O O   . THR A 1 132 ? -10.998 -10.046 -5.470  1.00 22.29 ? 132  THR A O   1 
ATOM   1037 C CB  . THR A 1 132 ? -8.348  -8.946  -6.836  1.00 23.66 ? 132  THR A CB  1 
ATOM   1038 O OG1 . THR A 1 132 ? -7.462  -9.058  -7.951  1.00 24.22 ? 132  THR A OG1 1 
ATOM   1039 C CG2 . THR A 1 132 ? -7.592  -8.301  -5.618  1.00 22.10 ? 132  THR A CG2 1 
ATOM   1040 N N   . LYS A 1 133 ? -9.248  -10.514 -4.117  1.00 21.63 ? 133  LYS A N   1 
ATOM   1041 C CA  . LYS A 1 133 ? -10.072 -10.526 -2.914  1.00 21.83 ? 133  LYS A CA  1 
ATOM   1042 C C   . LYS A 1 133 ? -9.669  -9.444  -1.896  1.00 20.63 ? 133  LYS A C   1 
ATOM   1043 O O   . LYS A 1 133 ? -8.582  -8.888  -1.995  1.00 18.16 ? 133  LYS A O   1 
ATOM   1044 C CB  . LYS A 1 133 ? -10.067 -11.913 -2.257  1.00 22.13 ? 133  LYS A CB  1 
ATOM   1045 C CG  . LYS A 1 133 ? -10.698 -13.019 -3.129  1.00 27.79 ? 133  LYS A CG  1 
ATOM   1046 C CD  . LYS A 1 133 ? -11.713 -13.791 -2.355  1.00 31.78 ? 133  LYS A CD  1 
ATOM   1047 C CE  . LYS A 1 133 ? -12.589 -14.647 -3.306  1.00 34.46 ? 133  LYS A CE  1 
ATOM   1048 N NZ  . LYS A 1 133 ? -13.563 -15.518 -2.536  1.00 32.66 ? 133  LYS A NZ  1 
ATOM   1049 N N   . ARG A 1 134 ? -10.567 -9.188  -0.930  1.00 20.70 ? 134  ARG A N   1 
ATOM   1050 C CA  . ARG A 1 134 ? -10.325 -8.313  0.231   1.00 20.75 ? 134  ARG A CA  1 
ATOM   1051 C C   . ARG A 1 134 ? -10.018 -6.911  -0.228  1.00 19.54 ? 134  ARG A C   1 
ATOM   1052 O O   . ARG A 1 134 ? -9.114  -6.264  0.287   1.00 19.61 ? 134  ARG A O   1 
ATOM   1053 C CB  . ARG A 1 134 ? -9.148  -8.823  1.089   1.00 20.33 ? 134  ARG A CB  1 
ATOM   1054 C CG  . ARG A 1 134 ? -9.345  -10.258 1.521   1.00 22.22 ? 134  ARG A CG  1 
ATOM   1055 C CD  . ARG A 1 134 ? -8.390  -10.628 2.631   1.00 25.61 ? 134  ARG A CD  1 
ATOM   1056 N NE  . ARG A 1 134 ? -8.580  -12.037 2.948   1.00 27.00 ? 134  ARG A NE  1 
ATOM   1057 C CZ  . ARG A 1 134 ? -7.628  -12.880 3.337   1.00 30.39 ? 134  ARG A CZ  1 
ATOM   1058 N NH1 . ARG A 1 134 ? -6.366  -12.481 3.503   1.00 28.57 ? 134  ARG A NH1 1 
ATOM   1059 N NH2 . ARG A 1 134 ? -7.945  -14.155 3.536   1.00 30.44 ? 134  ARG A NH2 1 
ATOM   1060 N N   . MET A 1 135 ? -10.794 -6.465  -1.193  1.00 16.70 ? 135  MET A N   1 
ATOM   1061 C CA  . MET A 1 135 ? -10.727 -5.121  -1.681  1.00 16.85 ? 135  MET A CA  1 
ATOM   1062 C C   . MET A 1 135 ? -11.533 -4.138  -0.806  1.00 15.47 ? 135  MET A C   1 
ATOM   1063 O O   . MET A 1 135 ? -12.670 -4.433  -0.399  1.00 14.71 ? 135  MET A O   1 
ATOM   1064 C CB  . MET A 1 135 ? -11.327 -5.072  -3.105  1.00 15.12 ? 135  MET A CB  1 
ATOM   1065 C CG  . MET A 1 135 ? -10.531 -5.795  -4.171  1.00 16.83 ? 135  MET A CG  1 
ATOM   1066 S SD  . MET A 1 135 ? -9.024  -5.014  -4.753  1.00 24.28 ? 135  MET A SD  1 
ATOM   1067 C CE  . MET A 1 135 ? -7.828  -5.683  -3.593  1.00 13.99 ? 135  MET A CE  1 
ATOM   1068 N N   . LEU A 1 136 ? -11.003 -2.928  -0.668  1.00 15.39 ? 136  LEU A N   1 
ATOM   1069 C CA  . LEU A 1 136 ? -11.724 -1.838  0.017   1.00 15.96 ? 136  LEU A CA  1 
ATOM   1070 C C   . LEU A 1 136 ? -11.981 -0.808  -1.038  1.00 16.05 ? 136  LEU A C   1 
ATOM   1071 O O   . LEU A 1 136 ? -11.047 -0.370  -1.740  1.00 15.92 ? 136  LEU A O   1 
ATOM   1072 C CB  . LEU A 1 136 ? -10.838 -1.190  1.107   1.00 16.22 ? 136  LEU A CB  1 
ATOM   1073 C CG  . LEU A 1 136 ? -10.326 -2.223  2.114   1.00 18.24 ? 136  LEU A CG  1 
ATOM   1074 C CD1 . LEU A 1 136 ? -9.400  -1.540  3.108   1.00 17.94 ? 136  LEU A CD1 1 
ATOM   1075 C CD2 . LEU A 1 136 ? -11.515 -2.907  2.829   1.00 21.11 ? 136  LEU A CD2 1 
ATOM   1076 N N   . MET A 1 137 ? -13.220 -0.360  -1.132  1.00 15.45 ? 137  MET A N   1 
ATOM   1077 C CA  . MET A 1 137 ? -13.530 0.585   -2.185  1.00 16.77 ? 137  MET A CA  1 
ATOM   1078 C C   . MET A 1 137 ? -13.786 1.976   -1.606  1.00 15.84 ? 137  MET A C   1 
ATOM   1079 O O   . MET A 1 137 ? -14.371 2.093   -0.539  1.00 14.94 ? 137  MET A O   1 
ATOM   1080 C CB  . MET A 1 137 ? -14.748 0.103   -2.994  1.00 16.93 ? 137  MET A CB  1 
ATOM   1081 C CG  . MET A 1 137 ? -15.110 1.047   -4.173  1.00 20.47 ? 137  MET A CG  1 
ATOM   1082 S SD  . MET A 1 137 ? -16.349 2.288   -3.758  1.00 32.77 ? 137  MET A SD  1 
ATOM   1083 C CE  . MET A 1 137 ? -17.769 1.204   -3.442  1.00 28.05 ? 137  MET A CE  1 
ATOM   1084 N N   . TYR A 1 138 ? -13.352 3.001   -2.316  1.00 15.02 ? 138  TYR A N   1 
ATOM   1085 C CA  . TYR A 1 138 ? -13.709 4.358   -1.975  1.00 19.08 ? 138  TYR A CA  1 
ATOM   1086 C C   . TYR A 1 138 ? -13.947 5.180   -3.227  1.00 21.44 ? 138  TYR A C   1 
ATOM   1087 O O   . TYR A 1 138 ? -13.523 4.810   -4.332  1.00 20.31 ? 138  TYR A O   1 
ATOM   1088 C CB  . TYR A 1 138 ? -12.596 5.015   -1.133  1.00 19.53 ? 138  TYR A CB  1 
ATOM   1089 C CG  . TYR A 1 138 ? -11.175 4.505   -1.473  1.00 17.86 ? 138  TYR A CG  1 
ATOM   1090 C CD1 . TYR A 1 138 ? -10.662 3.359   -0.851  1.00 17.07 ? 138  TYR A CD1 1 
ATOM   1091 C CD2 . TYR A 1 138 ? -10.372 5.166   -2.407  1.00 16.31 ? 138  TYR A CD2 1 
ATOM   1092 C CE1 . TYR A 1 138 ? -9.369  2.869   -1.171  1.00 16.14 ? 138  TYR A CE1 1 
ATOM   1093 C CE2 . TYR A 1 138 ? -9.079  4.671   -2.747  1.00 17.92 ? 138  TYR A CE2 1 
ATOM   1094 C CZ  . TYR A 1 138 ? -8.603  3.524   -2.088  1.00 15.52 ? 138  TYR A CZ  1 
ATOM   1095 O OH  . TYR A 1 138 ? -7.362  3.025   -2.330  1.00 16.05 ? 138  TYR A OH  1 
ATOM   1096 N N   . ASN A 1 139 ? -14.635 6.309   -3.075  1.00 26.34 ? 139  ASN A N   1 
ATOM   1097 C CA  . ASN A 1 139 ? -14.841 7.200   -4.226  1.00 30.67 ? 139  ASN A CA  1 
ATOM   1098 C C   . ASN A 1 139 ? -13.859 8.357   -4.257  1.00 33.49 ? 139  ASN A C   1 
ATOM   1099 O O   . ASN A 1 139 ? -13.615 9.023   -3.229  1.00 34.28 ? 139  ASN A O   1 
ATOM   1100 C CB  . ASN A 1 139 ? -16.281 7.735   -4.294  1.00 32.06 ? 139  ASN A CB  1 
ATOM   1101 C CG  . ASN A 1 139 ? -17.302 6.626   -4.378  1.00 32.60 ? 139  ASN A CG  1 
ATOM   1102 O OD1 . ASN A 1 139 ? -17.508 6.018   -5.424  1.00 35.31 ? 139  ASN A OD1 1 
ATOM   1103 N ND2 . ASN A 1 139 ? -17.934 6.349   -3.266  1.00 36.95 ? 139  ASN A ND2 1 
ATOM   1104 N N   . PHE A 1 140 ? -13.256 8.545   -5.426  1.00 36.79 ? 140  PHE A N   1 
ATOM   1105 C CA  . PHE A 1 140 ? -12.643 9.827   -5.791  1.00 40.43 ? 140  PHE A CA  1 
ATOM   1106 C C   . PHE A 1 140 ? -11.129 9.846   -5.511  1.00 41.91 ? 140  PHE A C   1 
ATOM   1107 O O   . PHE A 1 140 ? -10.693 10.400  -4.518  1.00 43.51 ? 140  PHE A O   1 
ATOM   1108 C CB  . PHE A 1 140 ? -13.562 10.994  -5.217  1.00 40.52 ? 140  PHE A CB  1 
ATOM   1109 C CG  . PHE A 1 140 ? -12.857 12.213  -4.677  1.00 42.63 ? 140  PHE A CG  1 
ATOM   1110 C CD1 . PHE A 1 140 ? -11.779 12.119  -3.786  1.00 43.83 ? 140  PHE A CD1 1 
ATOM   1111 C CD2 . PHE A 1 140 ? -13.323 13.483  -5.028  1.00 44.79 ? 140  PHE A CD2 1 
ATOM   1112 C CE1 . PHE A 1 140 ? -11.147 13.257  -3.282  1.00 43.95 ? 140  PHE A CE1 1 
ATOM   1113 C CE2 . PHE A 1 140 ? -12.697 14.614  -4.531  1.00 46.22 ? 140  PHE A CE2 1 
ATOM   1114 C CZ  . PHE A 1 140 ? -11.610 14.501  -3.645  1.00 45.47 ? 140  PHE A CZ  1 
ATOM   1115 N N   . PRO A 1 141 ? -10.330 9.120   -6.333  1.00 43.41 ? 141  PRO A N   1 
ATOM   1116 C CA  . PRO A 1 141 ? -8.897  9.373   -6.551  1.00 43.71 ? 141  PRO A CA  1 
ATOM   1117 C C   . PRO A 1 141 ? -8.480  9.061   -8.060  1.00 44.03 ? 141  PRO A C   1 
ATOM   1118 O O   . PRO A 1 141 ? -8.762  9.844   -9.024  1.00 43.09 ? 141  PRO A O   1 
ATOM   1119 C CB  . PRO A 1 141 ? -8.254  8.326   -5.611  1.00 43.45 ? 141  PRO A CB  1 
ATOM   1120 C CG  . PRO A 1 141 ? -9.194  7.138   -5.709  1.00 43.68 ? 141  PRO A CG  1 
ATOM   1121 C CD  . PRO A 1 141 ? -10.536 7.661   -6.357  1.00 43.12 ? 141  PRO A CD  1 
ATOM   1122 N N   . THR A 1 142 ? -7.770  7.932   -8.205  1.00 43.58 ? 142  THR A N   1 
ATOM   1123 C CA  . THR A 1 142 ? -7.893  7.066   -9.363  1.00 43.15 ? 142  THR A CA  1 
ATOM   1124 C C   . THR A 1 142 ? -7.061  7.620   -10.528 1.00 41.36 ? 142  THR A C   1 
ATOM   1125 O O   . THR A 1 142 ? -7.625  8.177   -11.495 1.00 43.24 ? 142  THR A O   1 
ATOM   1126 C CB  . THR A 1 142 ? -9.455  6.705   -9.680  1.00 43.28 ? 142  THR A CB  1 
ATOM   1127 O OG1 . THR A 1 142 ? -9.587  5.724   -10.723 1.00 44.62 ? 142  THR A OG1 1 
ATOM   1128 C CG2 . THR A 1 142 ? -10.311 7.947   -10.025 1.00 44.11 ? 142  THR A CG2 1 
ATOM   1129 N N   . ARG A 1 143 ? -5.722  7.487   -10.398 1.00 39.04 ? 143  ARG A N   1 
ATOM   1130 C CA  A ARG A 1 143 ? -4.775  7.849   -11.462 0.50 37.03 ? 143  ARG A CA  1 
ATOM   1131 C CA  B ARG A 1 143 ? -4.793  7.840   -11.481 0.50 37.08 ? 143  ARG A CA  1 
ATOM   1132 C C   . ARG A 1 143 ? -3.531  6.960   -11.467 1.00 35.87 ? 143  ARG A C   1 
ATOM   1133 O O   . ARG A 1 143 ? -3.110  6.453   -10.420 1.00 34.79 ? 143  ARG A O   1 
ATOM   1134 C CB  A ARG A 1 143 ? -4.362  9.315   -11.362 0.50 37.18 ? 143  ARG A CB  1 
ATOM   1135 C CB  B ARG A 1 143 ? -4.451  9.333   -11.426 0.50 37.23 ? 143  ARG A CB  1 
ATOM   1136 C CG  A ARG A 1 143 ? -3.962  9.891   -12.681 0.50 36.63 ? 143  ARG A CG  1 
ATOM   1137 C CG  B ARG A 1 143 ? -4.155  10.024  -12.750 0.50 36.98 ? 143  ARG A CG  1 
ATOM   1138 C CD  A ARG A 1 143 ? -3.242  11.208  -12.545 0.50 36.06 ? 143  ARG A CD  1 
ATOM   1139 C CD  B ARG A 1 143 ? -5.208  9.844   -13.872 0.50 36.36 ? 143  ARG A CD  1 
ATOM   1140 N NE  A ARG A 1 143 ? -2.777  11.630  -13.852 0.50 33.54 ? 143  ARG A NE  1 
ATOM   1141 N NE  B ARG A 1 143 ? -6.577  9.519   -13.459 0.50 34.16 ? 143  ARG A NE  1 
ATOM   1142 C CZ  A ARG A 1 143 ? -1.864  10.966  -14.547 0.50 31.19 ? 143  ARG A CZ  1 
ATOM   1143 C CZ  B ARG A 1 143 ? -7.592  10.379  -13.416 0.50 33.41 ? 143  ARG A CZ  1 
ATOM   1144 N NH1 A ARG A 1 143 ? -1.310  9.877   -14.036 0.50 29.15 ? 143  ARG A NH1 1 
ATOM   1145 N NH1 B ARG A 1 143 ? -7.404  11.652  -13.708 0.50 34.13 ? 143  ARG A NH1 1 
ATOM   1146 N NH2 A ARG A 1 143 ? -1.499  11.394  -15.747 0.50 30.13 ? 143  ARG A NH2 1 
ATOM   1147 N NH2 B ARG A 1 143 ? -8.797  9.973   -13.047 0.50 32.44 ? 143  ARG A NH2 1 
ATOM   1148 N N   . ALA A 1 144 ? -2.951  6.770   -12.653 1.00 34.11 ? 144  ALA A N   1 
ATOM   1149 C CA  . ALA A 1 144 ? -1.700  6.013   -12.825 1.00 32.63 ? 144  ALA A CA  1 
ATOM   1150 C C   . ALA A 1 144 ? -0.660  6.671   -11.930 1.00 30.81 ? 144  ALA A C   1 
ATOM   1151 O O   . ALA A 1 144 ? -0.666  7.897   -11.805 1.00 31.29 ? 144  ALA A O   1 
ATOM   1152 C CB  . ALA A 1 144 ? -1.230  6.070   -14.315 1.00 32.95 ? 144  ALA A CB  1 
ATOM   1153 N N   . GLY A 1 145 ? 0.229   5.893   -11.314 1.00 29.27 ? 145  GLY A N   1 
ATOM   1154 C CA  . GLY A 1 145 ? 1.262   6.506   -10.443 1.00 26.85 ? 145  GLY A CA  1 
ATOM   1155 C C   . GLY A 1 145 ? 0.937   6.643   -8.946  1.00 24.76 ? 145  GLY A C   1 
ATOM   1156 O O   . GLY A 1 145 ? 1.818   6.961   -8.124  1.00 22.79 ? 145  GLY A O   1 
ATOM   1157 N N   . GLN A 1 146 ? -0.313  6.338   -8.605  1.00 22.75 ? 146  GLN A N   1 
ATOM   1158 C CA  . GLN A 1 146 ? -0.825  6.423   -7.219  1.00 20.41 ? 146  GLN A CA  1 
ATOM   1159 C C   . GLN A 1 146 ? -0.859  5.079   -6.493  1.00 19.40 ? 146  GLN A C   1 
ATOM   1160 O O   . GLN A 1 146 ? -1.207  4.998   -5.283  1.00 18.08 ? 146  GLN A O   1 
ATOM   1161 C CB  . GLN A 1 146 ? -2.222  7.052   -7.247  1.00 20.17 ? 146  GLN A CB  1 
ATOM   1162 C CG  . GLN A 1 146 ? -2.221  8.396   -7.993  1.00 22.74 ? 146  GLN A CG  1 
ATOM   1163 C CD  . GLN A 1 146 ? -3.493  9.218   -7.788  1.00 24.66 ? 146  GLN A CD  1 
ATOM   1164 O OE1 . GLN A 1 146 ? -4.483  8.754   -7.239  1.00 26.06 ? 146  GLN A OE1 1 
ATOM   1165 N NE2 . GLN A 1 146 ? -3.460  10.437  -8.261  1.00 26.89 ? 146  GLN A NE2 1 
ATOM   1166 N N   . CYS A 1 147 ? -0.514  4.001   -7.197  1.00 17.17 ? 147  CYS A N   1 
ATOM   1167 C CA  . CYS A 1 147 ? -0.577  2.714   -6.517  1.00 17.36 ? 147  CYS A CA  1 
ATOM   1168 C C   . CYS A 1 147 ? 0.528   2.629   -5.466  1.00 17.83 ? 147  CYS A C   1 
ATOM   1169 O O   . CYS A 1 147 ? 1.582   3.241   -5.636  1.00 17.17 ? 147  CYS A O   1 
ATOM   1170 C CB  . CYS A 1 147 ? -0.485  1.553   -7.507  1.00 17.82 ? 147  CYS A CB  1 
ATOM   1171 S SG  . CYS A 1 147 ? -2.046  1.318   -8.356  1.00 19.14 ? 147  CYS A SG  1 
ATOM   1172 N N   . GLY A 1 148 ? 0.261   1.855   -4.416  1.00 16.83 ? 148  GLY A N   1 
ATOM   1173 C CA  . GLY A 1 148 ? 1.093   1.816   -3.264  1.00 16.24 ? 148  GLY A CA  1 
ATOM   1174 C C   . GLY A 1 148 ? 0.677   2.867   -2.263  1.00 15.45 ? 148  GLY A C   1 
ATOM   1175 O O   . GLY A 1 148 ? 1.143   2.831   -1.121  1.00 15.06 ? 148  GLY A O   1 
ATOM   1176 N N   . GLY A 1 149 ? -0.144  3.832   -2.673  1.00 14.56 ? 149  GLY A N   1 
ATOM   1177 C CA  . GLY A 1 149 ? -0.597  4.892   -1.737  1.00 11.76 ? 149  GLY A CA  1 
ATOM   1178 C C   . GLY A 1 149 ? -1.162  4.203   -0.491  1.00 12.49 ? 149  GLY A C   1 
ATOM   1179 O O   . GLY A 1 149 ? -1.702  3.098   -0.572  1.00 11.48 ? 149  GLY A O   1 
ATOM   1180 N N   . VAL A 1 150 ? -1.011  4.837   0.676   1.00 9.73  ? 150  VAL A N   1 
ATOM   1181 C CA  . VAL A 1 150 ? -1.343  4.196   1.891   1.00 7.99  ? 150  VAL A CA  1 
ATOM   1182 C C   . VAL A 1 150 ? -2.672  4.768   2.395   1.00 9.62  ? 150  VAL A C   1 
ATOM   1183 O O   . VAL A 1 150 ? -2.811  6.002   2.528   1.00 10.23 ? 150  VAL A O   1 
ATOM   1184 C CB  . VAL A 1 150 ? -0.181  4.455   2.894   1.00 8.25  ? 150  VAL A CB  1 
ATOM   1185 C CG1 . VAL A 1 150 ? -0.413  3.685   4.169   1.00 6.25  ? 150  VAL A CG1 1 
ATOM   1186 C CG2 . VAL A 1 150 ? 1.283   4.124   2.221   1.00 7.47  ? 150  VAL A CG2 1 
ATOM   1187 N N   . LEU A 1 151 ? -3.615  3.884   2.737   1.00 9.22  ? 151  LEU A N   1 
ATOM   1188 C CA  . LEU A 1 151 ? -4.975  4.283   3.112   1.00 10.67 ? 151  LEU A CA  1 
ATOM   1189 C C   . LEU A 1 151 ? -5.026  4.218   4.622   1.00 11.26 ? 151  LEU A C   1 
ATOM   1190 O O   . LEU A 1 151 ? -4.691  3.188   5.176   1.00 12.11 ? 151  LEU A O   1 
ATOM   1191 C CB  . LEU A 1 151 ? -6.006  3.261   2.584   1.00 10.10 ? 151  LEU A CB  1 
ATOM   1192 C CG  . LEU A 1 151 ? -7.473  3.589   2.852   1.00 13.64 ? 151  LEU A CG  1 
ATOM   1193 C CD1 . LEU A 1 151 ? -7.842  4.842   2.061   1.00 11.40 ? 151  LEU A CD1 1 
ATOM   1194 C CD2 . LEU A 1 151 ? -8.403  2.341   2.505   1.00 11.80 ? 151  LEU A CD2 1 
ATOM   1195 N N   . MET A 1 152 ? -5.455  5.290   5.283   1.00 12.08 ? 152  MET A N   1 
ATOM   1196 C CA  . MET A 1 152 ? -5.333  5.365   6.743   1.00 13.15 ? 152  MET A CA  1 
ATOM   1197 C C   . MET A 1 152 ? -6.510  6.086   7.363   1.00 13.74 ? 152  MET A C   1 
ATOM   1198 O O   . MET A 1 152 ? -7.058  6.983   6.739   1.00 13.88 ? 152  MET A O   1 
ATOM   1199 C CB  . MET A 1 152 ? -4.061  6.164   7.095   1.00 11.17 ? 152  MET A CB  1 
ATOM   1200 C CG  . MET A 1 152 ? -2.692  5.378   6.954   1.00 13.58 ? 152  MET A CG  1 
ATOM   1201 S SD  . MET A 1 152 ? -1.254  6.475   7.248   1.00 13.67 ? 152  MET A SD  1 
ATOM   1202 C CE  . MET A 1 152 ? -0.990  7.310   5.697   1.00 13.31 ? 152  MET A CE  1 
ATOM   1203 N N   . SER A 1 153 ? -6.838  5.751   8.610   1.00 15.67 ? 153  SER A N   1 
ATOM   1204 C CA  . SER A 1 153 ? -7.630  6.654   9.454   1.00 19.32 ? 153  SER A CA  1 
ATOM   1205 C C   . SER A 1 153 ? -6.762  7.063   10.658  1.00 21.17 ? 153  SER A C   1 
ATOM   1206 O O   . SER A 1 153 ? -5.606  6.625   10.767  1.00 21.62 ? 153  SER A O   1 
ATOM   1207 C CB  . SER A 1 153 ? -8.868  5.914   9.953   1.00 19.39 ? 153  SER A CB  1 
ATOM   1208 O OG  . SER A 1 153 ? -8.435  4.723   10.604  1.00 22.28 ? 153  SER A OG  1 
ATOM   1209 N N   . THR A 1 154 ? -7.312  7.822   11.608  1.00 22.49 ? 154  THR A N   1 
ATOM   1210 C CA  . THR A 1 154 ? -6.461  8.185   12.768  1.00 23.23 ? 154  THR A CA  1 
ATOM   1211 C C   . THR A 1 154 ? -6.050  6.908   13.492  1.00 22.21 ? 154  THR A C   1 
ATOM   1212 O O   . THR A 1 154 ? -6.867  6.108   13.922  1.00 21.24 ? 154  THR A O   1 
ATOM   1213 C CB  . THR A 1 154 ? -7.074  9.249   13.748  1.00 23.06 ? 154  THR A CB  1 
ATOM   1214 O OG1 . THR A 1 154 ? -7.432  10.431  13.018  1.00 26.46 ? 154  THR A OG1 1 
ATOM   1215 C CG2 . THR A 1 154 ? -6.055  9.666   14.842  1.00 23.73 ? 154  THR A CG2 1 
ATOM   1216 N N   . GLY A 1 155 ? -4.739  6.707   13.546  1.00 22.74 ? 155  GLY A N   1 
ATOM   1217 C CA  . GLY A 1 155 ? -4.205  5.602   14.308  1.00 21.13 ? 155  GLY A CA  1 
ATOM   1218 C C   . GLY A 1 155 ? -4.284  4.257   13.649  1.00 20.17 ? 155  GLY A C   1 
ATOM   1219 O O   . GLY A 1 155 ? -3.842  3.304   14.255  1.00 20.77 ? 155  GLY A O   1 
ATOM   1220 N N   . LYS A 1 156 ? -4.837  4.125   12.438  1.00 19.26 ? 156  LYS A N   1 
ATOM   1221 C CA  . LYS A 1 156 ? -4.745  2.811   11.734  1.00 18.80 ? 156  LYS A CA  1 
ATOM   1222 C C   . LYS A 1 156 ? -4.351  2.882   10.247  1.00 17.63 ? 156  LYS A C   1 
ATOM   1223 O O   . LYS A 1 156 ? -4.747  3.798   9.551   1.00 16.55 ? 156  LYS A O   1 
ATOM   1224 C CB  . LYS A 1 156 ? -5.999  1.906   11.937  1.00 19.55 ? 156  LYS A CB  1 
ATOM   1225 C CG  . LYS A 1 156 ? -7.273  2.675   12.216  1.00 26.14 ? 156  LYS A CG  1 
ATOM   1226 C CD  . LYS A 1 156 ? -8.498  1.797   12.710  1.00 33.70 ? 156  LYS A CD  1 
ATOM   1227 C CE  . LYS A 1 156 ? -9.808  2.650   12.970  1.00 34.36 ? 156  LYS A CE  1 
ATOM   1228 N NZ  . LYS A 1 156 ? -11.082 1.928   12.518  1.00 36.40 ? 156  LYS A NZ  1 
ATOM   1229 N N   . VAL A 1 157 ? -3.574  1.894   9.791   1.00 15.90 ? 157  VAL A N   1 
ATOM   1230 C CA  . VAL A 1 157 ? -3.262  1.745   8.378   1.00 14.66 ? 157  VAL A CA  1 
ATOM   1231 C C   . VAL A 1 157 ? -4.200  0.697   7.833   1.00 14.13 ? 157  VAL A C   1 
ATOM   1232 O O   . VAL A 1 157 ? -4.161  -0.435  8.280   1.00 14.60 ? 157  VAL A O   1 
ATOM   1233 C CB  . VAL A 1 157 ? -1.819  1.255   8.170   1.00 15.35 ? 157  VAL A CB  1 
ATOM   1234 C CG1 . VAL A 1 157 ? -1.582  0.948   6.687   1.00 13.11 ? 157  VAL A CG1 1 
ATOM   1235 C CG2 . VAL A 1 157 ? -0.839  2.288   8.731   1.00 11.93 ? 157  VAL A CG2 1 
ATOM   1236 N N   . LEU A 1 158 ? -5.067  1.068   6.895   1.00 13.47 ? 158  LEU A N   1 
ATOM   1237 C CA  . LEU A 1 158 ? -6.122  0.163   6.447   1.00 14.79 ? 158  LEU A CA  1 
ATOM   1238 C C   . LEU A 1 158 ? -5.749  -0.673  5.219   1.00 15.35 ? 158  LEU A C   1 
ATOM   1239 O O   . LEU A 1 158 ? -6.190  -1.811  5.089   1.00 16.08 ? 158  LEU A O   1 
ATOM   1240 C CB  . LEU A 1 158 ? -7.423  0.947   6.176   1.00 14.63 ? 158  LEU A CB  1 
ATOM   1241 C CG  . LEU A 1 158 ? -7.834  2.009   7.213   1.00 17.25 ? 158  LEU A CG  1 
ATOM   1242 C CD1 . LEU A 1 158 ? -9.211  2.592   6.793   1.00 19.87 ? 158  LEU A CD1 1 
ATOM   1243 C CD2 . LEU A 1 158 ? -7.910  1.390   8.604   1.00 16.85 ? 158  LEU A CD2 1 
ATOM   1244 N N   . GLY A 1 159 ? -4.924  -0.119  4.338   1.00 15.36 ? 159  GLY A N   1 
ATOM   1245 C CA  . GLY A 1 159 ? -4.747  -0.749  3.036   1.00 15.28 ? 159  GLY A CA  1 
ATOM   1246 C C   . GLY A 1 159 ? -3.733  -0.049  2.195   1.00 14.36 ? 159  GLY A C   1 
ATOM   1247 O O   . GLY A 1 159 ? -3.163  0.964   2.607   1.00 14.50 ? 159  GLY A O   1 
ATOM   1248 N N   . ILE A 1 160 ? -3.532  -0.573  0.981   1.00 14.19 ? 160  ILE A N   1 
ATOM   1249 C CA  . ILE A 1 160 ? -2.558  -0.055  0.071   1.00 12.65 ? 160  ILE A CA  1 
ATOM   1250 C C   . ILE A 1 160 ? -3.310  0.069   -1.275  1.00 13.74 ? 160  ILE A C   1 
ATOM   1251 O O   . ILE A 1 160 ? -4.001  -0.849  -1.679  1.00 13.44 ? 160  ILE A O   1 
ATOM   1252 C CB  . ILE A 1 160 ? -1.416  -1.051  -0.082  1.00 13.32 ? 160  ILE A CB  1 
ATOM   1253 C CG1 . ILE A 1 160 ? -0.575  -1.105  1.212   1.00 12.83 ? 160  ILE A CG1 1 
ATOM   1254 C CG2 . ILE A 1 160 ? -0.561  -0.742  -1.316  1.00 14.47 ? 160  ILE A CG2 1 
ATOM   1255 C CD1 . ILE A 1 160 ? 0.152   0.174   1.589   1.00 8.37  ? 160  ILE A CD1 1 
ATOM   1256 N N   . HIS A 1 161 ? -3.176  1.203   -1.937  1.00 12.09 ? 161  HIS A N   1 
ATOM   1257 C CA  . HIS A 1 161 ? -4.036  1.512   -3.051  1.00 13.97 ? 161  HIS A CA  1 
ATOM   1258 C C   . HIS A 1 161 ? -3.516  0.725   -4.278  1.00 13.77 ? 161  HIS A C   1 
ATOM   1259 O O   . HIS A 1 161 ? -2.327  0.823   -4.629  1.00 12.20 ? 161  HIS A O   1 
ATOM   1260 C CB  . HIS A 1 161 ? -4.063  3.027   -3.301  1.00 14.19 ? 161  HIS A CB  1 
ATOM   1261 C CG  . HIS A 1 161 ? -4.783  3.400   -4.569  1.00 15.81 ? 161  HIS A CG  1 
ATOM   1262 N ND1 . HIS A 1 161 ? -6.164  3.462   -4.647  1.00 14.46 ? 161  HIS A ND1 1 
ATOM   1263 C CD2 . HIS A 1 161 ? -4.316  3.658   -5.825  1.00 17.54 ? 161  HIS A CD2 1 
ATOM   1264 C CE1 . HIS A 1 161 ? -6.517  3.742   -5.900  1.00 18.07 ? 161  HIS A CE1 1 
ATOM   1265 N NE2 . HIS A 1 161 ? -5.414  3.892   -6.628  1.00 20.02 ? 161  HIS A NE2 1 
ATOM   1266 N N   . VAL A 1 162 ? -4.382  -0.072  -4.892  1.00 13.73 ? 162  VAL A N   1 
ATOM   1267 C CA  . VAL A 1 162 ? -3.926  -0.952  -6.024  1.00 14.75 ? 162  VAL A CA  1 
ATOM   1268 C C   . VAL A 1 162 ? -4.608  -0.802  -7.390  1.00 16.22 ? 162  VAL A C   1 
ATOM   1269 O O   . VAL A 1 162 ? -4.126  -1.347  -8.399  1.00 18.16 ? 162  VAL A O   1 
ATOM   1270 C CB  . VAL A 1 162 ? -3.977  -2.434  -5.660  1.00 13.50 ? 162  VAL A CB  1 
ATOM   1271 C CG1 . VAL A 1 162 ? -2.953  -2.772  -4.528  1.00 13.89 ? 162  VAL A CG1 1 
ATOM   1272 C CG2 . VAL A 1 162 ? -5.434  -2.905  -5.275  1.00 11.73 ? 162  VAL A CG2 1 
ATOM   1273 N N   . GLY A 1 163 ? -5.744  -0.118  -7.443  1.00 17.62 ? 163  GLY A N   1 
ATOM   1274 C CA  . GLY A 1 163 ? -6.464  -0.006  -8.708  1.00 18.05 ? 163  GLY A CA  1 
ATOM   1275 C C   . GLY A 1 163 ? -7.647  0.932   -8.627  1.00 19.51 ? 163  GLY A C   1 
ATOM   1276 O O   . GLY A 1 163 ? -7.938  1.515   -7.560  1.00 17.78 ? 163  GLY A O   1 
ATOM   1277 N N   . GLY A 1 164 ? -8.344  1.074   -9.755  1.00 19.45 ? 164  GLY A N   1 
ATOM   1278 C CA  . GLY A 1 164 ? -9.487  1.969   -9.807  1.00 21.21 ? 164  GLY A CA  1 
ATOM   1279 C C   . GLY A 1 164 ? -10.059 2.038   -11.207 1.00 22.73 ? 164  GLY A C   1 
ATOM   1280 O O   . GLY A 1 164 ? -9.516  1.467   -12.135 1.00 22.51 ? 164  GLY A O   1 
ATOM   1281 N N   . ASN A 1 165 ? -11.190 2.707   -11.334 1.00 24.81 ? 165  ASN A N   1 
ATOM   1282 C CA  . ASN A 1 165 ? -11.857 2.891   -12.609 1.00 27.41 ? 165  ASN A CA  1 
ATOM   1283 C C   . ASN A 1 165 ? -12.880 3.984   -12.360 1.00 27.96 ? 165  ASN A C   1 
ATOM   1284 O O   . ASN A 1 165 ? -13.752 3.829   -11.465 1.00 26.12 ? 165  ASN A O   1 
ATOM   1285 C CB  . ASN A 1 165 ? -12.594 1.607   -13.030 1.00 27.86 ? 165  ASN A CB  1 
ATOM   1286 C CG  . ASN A 1 165 ? -13.192 1.697   -14.464 1.00 31.90 ? 165  ASN A CG  1 
ATOM   1287 O OD1 . ASN A 1 165 ? -13.049 0.764   -15.269 1.00 35.45 ? 165  ASN A OD1 1 
ATOM   1288 N ND2 . ASN A 1 165 ? -13.850 2.814   -14.775 1.00 33.82 ? 165  ASN A ND2 1 
ATOM   1289 N N   . GLY A 1 166 ? -12.772 5.060   -13.150 1.00 29.33 ? 166  GLY A N   1 
ATOM   1290 C CA  . GLY A 1 166 ? -13.672 6.214   -13.040 1.00 30.79 ? 166  GLY A CA  1 
ATOM   1291 C C   . GLY A 1 166 ? -13.348 6.992   -11.774 1.00 31.27 ? 166  GLY A C   1 
ATOM   1292 O O   . GLY A 1 166 ? -12.200 7.331   -11.576 1.00 31.41 ? 166  GLY A O   1 
ATOM   1293 N N   . HIS A 1 167 ? -14.361 7.296   -10.951 1.00 32.13 ? 167  HIS A N   1 
ATOM   1294 C CA  . HIS A 1 167 ? -14.145 7.979   -9.657  1.00 32.84 ? 167  HIS A CA  1 
ATOM   1295 C C   . HIS A 1 167 ? -13.995 6.962   -8.518  1.00 31.28 ? 167  HIS A C   1 
ATOM   1296 O O   . HIS A 1 167 ? -14.042 7.341   -7.355  1.00 32.30 ? 167  HIS A O   1 
ATOM   1297 C CB  . HIS A 1 167 ? -15.289 8.967   -9.271  1.00 34.31 ? 167  HIS A CB  1 
ATOM   1298 C CG  . HIS A 1 167 ? -15.515 10.117  -10.227 1.00 38.83 ? 167  HIS A CG  1 
ATOM   1299 N ND1 . HIS A 1 167 ? -14.493 10.812  -10.853 1.00 42.27 ? 167  HIS A ND1 1 
ATOM   1300 C CD2 . HIS A 1 167 ? -16.666 10.733  -10.607 1.00 42.92 ? 167  HIS A CD2 1 
ATOM   1301 C CE1 . HIS A 1 167 ? -15.003 11.773  -11.602 1.00 42.16 ? 167  HIS A CE1 1 
ATOM   1302 N NE2 . HIS A 1 167 ? -16.320 11.751  -11.468 1.00 43.73 ? 167  HIS A NE2 1 
ATOM   1303 N N   . GLN A 1 168 ? -13.834 5.678   -8.829  1.00 29.08 ? 168  GLN A N   1 
ATOM   1304 C CA  . GLN A 1 168 ? -13.711 4.655   -7.786  1.00 26.89 ? 168  GLN A CA  1 
ATOM   1305 C C   . GLN A 1 168 ? -12.242 4.238   -7.591  1.00 24.54 ? 168  GLN A C   1 
ATOM   1306 O O   . GLN A 1 168 ? -11.542 4.031   -8.554  1.00 23.49 ? 168  GLN A O   1 
ATOM   1307 C CB  . GLN A 1 168 ? -14.530 3.423   -8.158  1.00 26.39 ? 168  GLN A CB  1 
ATOM   1308 C CG  . GLN A 1 168 ? -16.081 3.571   -8.221  1.00 29.95 ? 168  GLN A CG  1 
ATOM   1309 C CD  . GLN A 1 168 ? -16.793 2.204   -7.978  1.00 33.30 ? 168  GLN A CD  1 
ATOM   1310 O OE1 . GLN A 1 168 ? -16.471 1.199   -8.603  1.00 28.66 ? 168  GLN A OE1 1 
ATOM   1311 N NE2 . GLN A 1 168 ? -17.731 2.181   -7.028  1.00 37.46 ? 168  GLN A NE2 1 
ATOM   1312 N N   . GLY A 1 169 ? -11.806 4.101   -6.344  1.00 22.68 ? 169  GLY A N   1 
ATOM   1313 C CA  . GLY A 1 169 ? -10.446 3.600   -6.028  1.00 20.11 ? 169  GLY A CA  1 
ATOM   1314 C C   . GLY A 1 169 ? -10.532 2.361   -5.155  1.00 18.12 ? 169  GLY A C   1 
ATOM   1315 O O   . GLY A 1 169 ? -11.523 2.181   -4.416  1.00 17.34 ? 169  GLY A O   1 
ATOM   1316 N N   . PHE A 1 170 ? -9.522  1.498   -5.271  1.00 16.06 ? 170  PHE A N   1 
ATOM   1317 C CA  . PHE A 1 170 ? -9.478  0.222   -4.553  1.00 15.43 ? 170  PHE A CA  1 
ATOM   1318 C C   . PHE A 1 170 ? -8.151  0.000   -3.856  1.00 14.51 ? 170  PHE A C   1 
ATOM   1319 O O   . PHE A 1 170 ? -7.079  0.171   -4.480  1.00 13.10 ? 170  PHE A O   1 
ATOM   1320 C CB  . PHE A 1 170 ? -9.731  -0.927  -5.518  1.00 15.86 ? 170  PHE A CB  1 
ATOM   1321 C CG  . PHE A 1 170 ? -11.122 -0.870  -6.174  1.00 19.86 ? 170  PHE A CG  1 
ATOM   1322 C CD1 . PHE A 1 170 ? -12.242 -1.373  -5.500  1.00 19.65 ? 170  PHE A CD1 1 
ATOM   1323 C CD2 . PHE A 1 170 ? -11.298 -0.301  -7.446  1.00 21.69 ? 170  PHE A CD2 1 
ATOM   1324 C CE1 . PHE A 1 170 ? -13.546 -1.330  -6.101  1.00 22.40 ? 170  PHE A CE1 1 
ATOM   1325 C CE2 . PHE A 1 170 ? -12.587 -0.247  -8.046  1.00 22.69 ? 170  PHE A CE2 1 
ATOM   1326 C CZ  . PHE A 1 170 ? -13.707 -0.770  -7.362  1.00 19.27 ? 170  PHE A CZ  1 
ATOM   1327 N N   . SER A 1 171 ? -8.232  -0.373  -2.572  1.00 12.57 ? 171  SER A N   1 
ATOM   1328 C CA  . SER A 1 171 ? -7.060  -0.716  -1.805  1.00 12.71 ? 171  SER A CA  1 
ATOM   1329 C C   . SER A 1 171 ? -7.132  -2.194  -1.522  1.00 12.96 ? 171  SER A C   1 
ATOM   1330 O O   . SER A 1 171 ? -8.224  -2.708  -1.289  1.00 12.91 ? 171  SER A O   1 
ATOM   1331 C CB  . SER A 1 171 ? -7.012  0.073   -0.451  1.00 12.81 ? 171  SER A CB  1 
ATOM   1332 O OG  . SER A 1 171 ? -6.283  1.287   -0.629  1.00 11.94 ? 171  SER A OG  1 
ATOM   1333 N N   . ALA A 1 172 ? -5.977  -2.859  -1.506  1.00 12.10 ? 172  ALA A N   1 
ATOM   1334 C CA  . ALA A 1 172 ? -5.843  -4.159  -0.817  1.00 13.04 ? 172  ALA A CA  1 
ATOM   1335 C C   . ALA A 1 172 ? -5.797  -3.970  0.713   1.00 13.48 ? 172  ALA A C   1 
ATOM   1336 O O   . ALA A 1 172 ? -4.997  -3.183  1.212   1.00 14.40 ? 172  ALA A O   1 
ATOM   1337 C CB  . ALA A 1 172 ? -4.558  -4.897  -1.301  1.00 11.79 ? 172  ALA A CB  1 
ATOM   1338 N N   . ALA A 1 173 ? -6.633  -4.698  1.443   1.00 13.50 ? 173  ALA A N   1 
ATOM   1339 C CA  . ALA A 1 173 ? -6.645  -4.594  2.902   1.00 14.74 ? 173  ALA A CA  1 
ATOM   1340 C C   . ALA A 1 173 ? -5.258  -4.949  3.431   1.00 14.24 ? 173  ALA A C   1 
ATOM   1341 O O   . ALA A 1 173 ? -4.689  -5.994  3.048   1.00 13.46 ? 173  ALA A O   1 
ATOM   1342 C CB  . ALA A 1 173 ? -7.717  -5.517  3.484   1.00 14.13 ? 173  ALA A CB  1 
ATOM   1343 N N   . LEU A 1 174 ? -4.658  -4.080  4.255   1.00 14.94 ? 174  LEU A N   1 
ATOM   1344 C CA  . LEU A 1 174 ? -3.332  -4.411  4.797   1.00 16.44 ? 174  LEU A CA  1 
ATOM   1345 C C   . LEU A 1 174 ? -3.387  -5.048  6.215   1.00 18.02 ? 174  LEU A C   1 
ATOM   1346 O O   . LEU A 1 174 ? -3.403  -4.333  7.224   1.00 18.36 ? 174  LEU A O   1 
ATOM   1347 C CB  . LEU A 1 174 ? -2.394  -3.181  4.776   1.00 16.20 ? 174  LEU A CB  1 
ATOM   1348 C CG  . LEU A 1 174 ? -0.919  -3.485  5.088   1.00 16.76 ? 174  LEU A CG  1 
ATOM   1349 C CD1 . LEU A 1 174 ? -0.329  -4.543  4.127   1.00 14.35 ? 174  LEU A CD1 1 
ATOM   1350 C CD2 . LEU A 1 174 ? -0.118  -2.208  4.991   1.00 15.96 ? 174  LEU A CD2 1 
ATOM   1351 N N   . LEU A 1 175 ? -3.385  -6.374  6.295   1.00 18.51 ? 175  LEU A N   1 
ATOM   1352 C CA  . LEU A 1 175 ? -3.796  -7.039  7.571   1.00 20.20 ? 175  LEU A CA  1 
ATOM   1353 C C   . LEU A 1 175 ? -2.634  -7.396  8.471   1.00 20.43 ? 175  LEU A C   1 
ATOM   1354 O O   . LEU A 1 175 ? -1.588  -7.869  8.023   1.00 19.31 ? 175  LEU A O   1 
ATOM   1355 C CB  . LEU A 1 175 ? -4.700  -8.280  7.343   1.00 20.02 ? 175  LEU A CB  1 
ATOM   1356 C CG  . LEU A 1 175 ? -5.938  -8.016  6.468   1.00 20.75 ? 175  LEU A CG  1 
ATOM   1357 C CD1 . LEU A 1 175 ? -6.856  -9.218  6.439   1.00 22.39 ? 175  LEU A CD1 1 
ATOM   1358 C CD2 . LEU A 1 175 ? -6.725  -6.830  7.000   1.00 20.15 ? 175  LEU A CD2 1 
ATOM   1359 N N   . LYS A 1 176 ? -2.830  -7.149  9.755   1.00 21.69 ? 176  LYS A N   1 
ATOM   1360 C CA  . LYS A 1 176 ? -1.756  -7.382  10.712  1.00 23.76 ? 176  LYS A CA  1 
ATOM   1361 C C   . LYS A 1 176 ? -1.155  -8.799  10.611  1.00 23.54 ? 176  LYS A C   1 
ATOM   1362 O O   . LYS A 1 176 ? 0.064   -8.974  10.654  1.00 22.76 ? 176  LYS A O   1 
ATOM   1363 C CB  . LYS A 1 176 ? -2.233  -7.039  12.110  1.00 24.05 ? 176  LYS A CB  1 
ATOM   1364 C CG  . LYS A 1 176 ? -1.146  -7.224  13.149  1.00 27.44 ? 176  LYS A CG  1 
ATOM   1365 C CD  . LYS A 1 176 ? -1.710  -7.240  14.583  1.00 32.67 ? 176  LYS A CD  1 
ATOM   1366 C CE  . LYS A 1 176 ? -1.397  -5.940  15.301  1.00 35.43 ? 176  LYS A CE  1 
ATOM   1367 N NZ  . LYS A 1 176 ? -2.007  -4.807  14.461  1.00 34.96 ? 176  LYS A NZ  1 
ATOM   1368 N N   . HIS A 1 177 ? -2.004  -9.798  10.388  1.00 24.16 ? 177  HIS A N   1 
ATOM   1369 C CA  . HIS A 1 177 ? -1.519  -11.177 10.372  1.00 25.70 ? 177  HIS A CA  1 
ATOM   1370 C C   . HIS A 1 177 ? -0.662  -11.525 9.139   1.00 25.94 ? 177  HIS A C   1 
ATOM   1371 O O   . HIS A 1 177 ? 0.001   -12.560 9.153   1.00 26.56 ? 177  HIS A O   1 
ATOM   1372 C CB  . HIS A 1 177 ? -2.660  -12.181 10.523  1.00 25.09 ? 177  HIS A CB  1 
ATOM   1373 C CG  . HIS A 1 177 ? -3.395  -12.462 9.245   1.00 27.88 ? 177  HIS A CG  1 
ATOM   1374 N ND1 . HIS A 1 177 ? -4.577  -11.836 8.915   1.00 28.72 ? 177  HIS A ND1 1 
ATOM   1375 C CD2 . HIS A 1 177 ? -3.136  -13.328 8.237   1.00 29.10 ? 177  HIS A CD2 1 
ATOM   1376 C CE1 . HIS A 1 177 ? -5.012  -12.298 7.758   1.00 28.83 ? 177  HIS A CE1 1 
ATOM   1377 N NE2 . HIS A 1 177 ? -4.159  -13.209 7.328   1.00 29.18 ? 177  HIS A NE2 1 
ATOM   1378 N N   . TYR A 1 178 ? -0.668  -10.694 8.085   1.00 25.07 ? 178  TYR A N   1 
ATOM   1379 C CA  . TYR A 1 178 ? 0.257   -10.920 6.958   1.00 24.66 ? 178  TYR A CA  1 
ATOM   1380 C C   . TYR A 1 178 ? 1.742   -10.827 7.401   1.00 25.52 ? 178  TYR A C   1 
ATOM   1381 O O   . TYR A 1 178 ? 2.670   -11.265 6.717   1.00 22.34 ? 178  TYR A O   1 
ATOM   1382 C CB  . TYR A 1 178 ? 0.022   -9.881  5.845   1.00 25.63 ? 178  TYR A CB  1 
ATOM   1383 C CG  . TYR A 1 178 ? -1.356  -9.908  5.195   1.00 24.52 ? 178  TYR A CG  1 
ATOM   1384 C CD1 . TYR A 1 178 ? -2.178  -11.046 5.292   1.00 24.20 ? 178  TYR A CD1 1 
ATOM   1385 C CD2 . TYR A 1 178 ? -1.814  -8.823  4.449   1.00 22.87 ? 178  TYR A CD2 1 
ATOM   1386 C CE1 . TYR A 1 178 ? -3.435  -11.072 4.707   1.00 24.95 ? 178  TYR A CE1 1 
ATOM   1387 C CE2 . TYR A 1 178 ? -3.091  -8.846  3.837   1.00 20.44 ? 178  TYR A CE2 1 
ATOM   1388 C CZ  . TYR A 1 178 ? -3.873  -9.976  3.956   1.00 24.07 ? 178  TYR A CZ  1 
ATOM   1389 O OH  . TYR A 1 178 ? -5.121  -10.040 3.372   1.00 23.68 ? 178  TYR A OH  1 
ATOM   1390 N N   . PHE A 1 179 ? 1.975   -10.204 8.539   1.00 27.45 ? 179  PHE A N   1 
ATOM   1391 C CA  . PHE A 1 179 ? 3.335   -9.952  8.908   1.00 29.86 ? 179  PHE A CA  1 
ATOM   1392 C C   . PHE A 1 179 ? 3.873   -10.946 9.926   1.00 32.82 ? 179  PHE A C   1 
ATOM   1393 O O   . PHE A 1 179 ? 3.234   -11.239 10.930  1.00 32.94 ? 179  PHE A O   1 
ATOM   1394 C CB  . PHE A 1 179 ? 3.519   -8.469  9.186   1.00 29.23 ? 179  PHE A CB  1 
ATOM   1395 C CG  . PHE A 1 179 ? 3.289   -7.651  7.955   1.00 26.27 ? 179  PHE A CG  1 
ATOM   1396 C CD1 . PHE A 1 179 ? 4.313   -7.483  7.025   1.00 23.57 ? 179  PHE A CD1 1 
ATOM   1397 C CD2 . PHE A 1 179 ? 2.023   -7.159  7.663   1.00 23.29 ? 179  PHE A CD2 1 
ATOM   1398 C CE1 . PHE A 1 179 ? 4.087   -6.795  5.831   1.00 22.82 ? 179  PHE A CE1 1 
ATOM   1399 C CE2 . PHE A 1 179 ? 1.778   -6.455  6.463   1.00 21.76 ? 179  PHE A CE2 1 
ATOM   1400 C CZ  . PHE A 1 179 ? 2.811   -6.259  5.566   1.00 20.89 ? 179  PHE A CZ  1 
ATOM   1401 N N   . ASN A 1 180 ? 4.980   -11.586 9.521   1.00 36.58 ? 180  ASN A N   1 
ATOM   1402 C CA  . ASN A 1 180 ? 5.792   -12.487 10.362  1.00 38.18 ? 180  ASN A CA  1 
ATOM   1403 C C   . ASN A 1 180 ? 6.543   -13.567 9.572   1.00 39.23 ? 180  ASN A C   1 
ATOM   1404 O O   . ASN A 1 180 ? 6.367   -14.773 9.805   1.00 40.59 ? 180  ASN A O   1 
ATOM   1405 C CB  . ASN A 1 180 ? 4.985   -13.118 11.476  1.00 38.59 ? 180  ASN A CB  1 
ATOM   1406 C CG  . ASN A 1 180 ? 5.822   -13.383 12.692  1.00 42.25 ? 180  ASN A CG  1 
ATOM   1407 O OD1 . ASN A 1 180 ? 6.723   -14.249 12.674  1.00 45.41 ? 180  ASN A OD1 1 
ATOM   1408 N ND2 . ASN A 1 180 ? 5.547   -12.634 13.769  1.00 44.14 ? 180  ASN A ND2 1 
HETATM 1409 C C17 . G85 B 2 .   ? -9.638  -2.209  -13.456 1.00 30.38 ? 1181 G85 A C17 1 
HETATM 1410 O O19 . G85 B 2 .   ? -9.331  -3.312  -13.924 1.00 29.60 ? 1181 G85 A O19 1 
HETATM 1411 O O15 . G85 B 2 .   ? -10.981 -1.992  -12.922 1.00 33.03 ? 1181 G85 A O15 1 
HETATM 1412 C C13 . G85 B 2 .   ? -12.090 -2.875  -13.154 1.00 30.01 ? 1181 G85 A C13 1 
HETATM 1413 C C4  . G85 B 2 .   ? -13.375 -2.208  -12.704 1.00 25.68 ? 1181 G85 A C4  1 
HETATM 1414 C C2  . G85 B 2 .   ? -13.572 -1.893  -11.352 1.00 23.12 ? 1181 G85 A C2  1 
HETATM 1415 C C1  . G85 B 2 .   ? -14.757 -1.302  -10.929 1.00 26.38 ? 1181 G85 A C1  1 
HETATM 1416 C C10 . G85 B 2 .   ? -15.770 -0.991  -11.879 1.00 23.84 ? 1181 G85 A C10 1 
HETATM 1417 C C8  . G85 B 2 .   ? -15.562 -1.290  -13.223 1.00 21.85 ? 1181 G85 A C8  1 
HETATM 1418 C C6  . G85 B 2 .   ? -14.358 -1.910  -13.644 1.00 24.78 ? 1181 G85 A C6  1 
HETATM 1419 C C31 . G85 B 2 .   ? -6.455  -1.122  -12.765 1.00 27.11 ? 1181 G85 A C31 1 
HETATM 1420 N N21 . G85 B 2 .   ? -8.803  -1.168  -13.397 1.00 25.01 ? 1181 G85 A N21 1 
HETATM 1421 O O35 . G85 B 2 .   ? -6.748  -0.377  -11.804 1.00 22.64 ? 1181 G85 A O35 1 
HETATM 1422 C C12 . G85 B 2 .   ? -6.812  1.776   -17.123 1.00 34.55 ? 1181 G85 A C12 1 
HETATM 1423 C C45 . G85 B 2 .   ? -9.119  2.089   -16.211 1.00 32.66 ? 1181 G85 A C45 1 
HETATM 1424 C C43 . G85 B 2 .   ? -8.690  0.683   -18.234 1.00 34.25 ? 1181 G85 A C43 1 
HETATM 1425 C C23 . G85 B 2 .   ? -7.457  -1.271  -13.886 1.00 25.50 ? 1181 G85 A C23 1 
HETATM 1426 C C25 . G85 B 2 .   ? -7.348  -0.014  -14.751 1.00 25.52 ? 1181 G85 A C25 1 
HETATM 1427 C C29 . G85 B 2 .   ? -8.159  1.081   -16.850 1.00 33.72 ? 1181 G85 A C29 1 
HETATM 1428 O O27 . G85 B 2 .   ? -8.025  -0.119  -16.018 1.00 31.19 ? 1181 G85 A O27 1 
HETATM 1429 N N33 . G85 B 2 .   ? -5.258  -1.742  -12.917 1.00 25.51 ? 1181 G85 A N33 1 
HETATM 1430 C C37 . G85 B 2 .   ? -4.180  -1.587  -11.931 1.00 23.28 ? 1181 G85 A C37 1 
HETATM 1431 C C39 . G85 B 2 .   ? -3.697  -0.158  -12.046 1.00 22.59 ? 1181 G85 A C39 1 
HETATM 1432 O O47 . G85 B 2 .   ? -3.541  0.372   -13.149 1.00 18.11 ? 1181 G85 A O47 1 
HETATM 1433 C C41 . G85 B 2 .   ? -3.006  -2.503  -12.302 1.00 22.41 ? 1181 G85 A C41 1 
HETATM 1434 C C51 . G85 B 2 .   ? -3.359  -3.944  -12.008 1.00 22.91 ? 1181 G85 A C51 1 
HETATM 1435 C C53 . G85 B 2 .   ? -3.926  -4.299  -10.784 1.00 22.58 ? 1181 G85 A C53 1 
HETATM 1436 C C55 . G85 B 2 .   ? -3.154  -4.936  -12.975 1.00 22.83 ? 1181 G85 A C55 1 
HETATM 1437 C C7  . G85 B 2 .   ? -4.291  -5.628  -10.527 1.00 23.51 ? 1181 G85 A C7  1 
HETATM 1438 C C11 . G85 B 2 .   ? -3.504  -6.282  -12.693 1.00 22.80 ? 1181 G85 A C11 1 
HETATM 1439 C C9  . G85 B 2 .   ? -4.095  -6.647  -11.473 1.00 22.39 ? 1181 G85 A C9  1 
HETATM 1440 O O86 . G85 B 2 .   ? 0.007   1.033   -13.188 1.00 33.92 ? 1181 G85 A O86 1 
HETATM 1441 C C3  . G85 B 2 .   ? 1.367   0.673   -13.454 1.00 40.42 ? 1181 G85 A C3  1 
HETATM 1442 C C5  . G85 B 2 .   ? 1.518   -0.838  -13.535 1.00 42.80 ? 1181 G85 A C5  1 
HETATM 1443 N N49 . G85 B 2 .   ? -3.456  0.498   -10.910 1.00 17.67 ? 1181 G85 A N49 1 
HETATM 1444 C C57 . G85 B 2 .   ? -2.999  1.896   -10.901 1.00 20.59 ? 1181 G85 A C57 1 
HETATM 1445 C C59 . G85 B 2 .   ? -4.117  2.764   -10.316 1.00 18.52 ? 1181 G85 A C59 1 
HETATM 1446 C C61 . G85 B 2 .   ? -5.431  2.740   -11.115 1.00 23.84 ? 1181 G85 A C61 1 
HETATM 1447 C C63 . G85 B 2 .   ? -1.731  1.992   -10.013 1.00 21.22 ? 1181 G85 A C63 1 
HETATM 1448 C C65 . G85 B 2 .   ? -6.424  3.689   -10.512 1.00 23.47 ? 1181 G85 A C65 1 
HETATM 1449 O O66 . G85 B 2 .   ? -6.499  3.880   -9.305  1.00 21.35 ? 1181 G85 A O66 1 
HETATM 1450 N N69 . G85 B 2 .   ? -7.132  4.196   -11.429 1.00 24.00 ? 1181 G85 A N69 1 
HETATM 1451 C C71 . G85 B 2 .   ? -6.754  3.913   -12.811 1.00 22.70 ? 1181 G85 A C71 1 
HETATM 1452 C C73 . G85 B 2 .   ? -5.393  3.242   -12.558 1.00 23.16 ? 1181 G85 A C73 1 
HETATM 1453 C C82 . G85 B 2 .   ? -0.555  1.293   -10.703 1.00 28.77 ? 1181 G85 A C82 1 
HETATM 1454 C C84 . G85 B 2 .   ? -0.248  1.899   -12.063 1.00 30.21 ? 1181 G85 A C84 1 
HETATM 1455 O O88 . G85 B 2 .   ? -0.201  3.097   -12.239 1.00 32.28 ? 1181 G85 A O88 1 
HETATM 1456 O O   . HOH C 3 .   ? -9.490  13.381  10.532  1.00 27.94 ? 2001 HOH A O   1 
HETATM 1457 O O   . HOH C 3 .   ? -6.076  19.214  11.334  1.00 46.30 ? 2002 HOH A O   1 
HETATM 1458 O O   . HOH C 3 .   ? 1.945   14.752  11.997  1.00 19.15 ? 2003 HOH A O   1 
HETATM 1459 O O   . HOH C 3 .   ? 4.475   7.877   -12.257 1.00 30.33 ? 2004 HOH A O   1 
HETATM 1460 O O   . HOH C 3 .   ? 11.126  3.258   9.340   1.00 23.06 ? 2005 HOH A O   1 
HETATM 1461 O O   . HOH C 3 .   ? 11.213  4.232   5.141   1.00 35.86 ? 2006 HOH A O   1 
HETATM 1462 O O   . HOH C 3 .   ? 9.808   2.869   2.959   1.00 22.41 ? 2007 HOH A O   1 
HETATM 1463 O O   . HOH C 3 .   ? 13.359  6.369   -6.028  1.00 29.08 ? 2008 HOH A O   1 
HETATM 1464 O O   . HOH C 3 .   ? 15.370  -4.873  -15.528 1.00 26.66 ? 2009 HOH A O   1 
HETATM 1465 O O   . HOH C 3 .   ? 3.748   4.379   -12.381 1.00 32.95 ? 2010 HOH A O   1 
HETATM 1466 O O   . HOH C 3 .   ? 1.453   3.558   -9.278  1.00 17.72 ? 2011 HOH A O   1 
HETATM 1467 O O   . HOH C 3 .   ? 3.919   8.026   -9.298  1.00 22.12 ? 2012 HOH A O   1 
HETATM 1468 O O   . HOH C 3 .   ? 12.014  8.401   -7.416  1.00 40.51 ? 2013 HOH A O   1 
HETATM 1469 O O   . HOH C 3 .   ? 2.108   5.863   -5.627  1.00 20.29 ? 2014 HOH A O   1 
HETATM 1470 O O   . HOH C 3 .   ? 3.087   0.352   -0.353  1.00 27.24 ? 2015 HOH A O   1 
HETATM 1471 O O   . HOH C 3 .   ? 14.587  -1.811  6.042   1.00 20.61 ? 2016 HOH A O   1 
HETATM 1472 O O   . HOH C 3 .   ? 13.417  -6.800  13.196  1.00 56.33 ? 2017 HOH A O   1 
HETATM 1473 O O   . HOH C 3 .   ? 16.506  -8.916  11.710  1.00 49.76 ? 2018 HOH A O   1 
HETATM 1474 O O   . HOH C 3 .   ? 4.939   -8.869  -7.364  1.00 21.46 ? 2019 HOH A O   1 
HETATM 1475 O O   . HOH C 3 .   ? 16.448  5.472   2.093   1.00 36.51 ? 2020 HOH A O   1 
HETATM 1476 O O   . HOH C 3 .   ? 20.921  -2.837  -0.634  1.00 36.43 ? 2021 HOH A O   1 
HETATM 1477 O O   . HOH C 3 .   ? 12.080  -14.559 3.431   1.00 39.56 ? 2022 HOH A O   1 
HETATM 1478 O O   . HOH C 3 .   ? 5.916   -14.938 -4.472  1.00 38.37 ? 2023 HOH A O   1 
HETATM 1479 O O   . HOH C 3 .   ? -6.262  -7.702  -0.891  1.00 14.04 ? 2024 HOH A O   1 
HETATM 1480 O O   . HOH C 3 .   ? 20.351  -8.385  -2.995  1.00 26.37 ? 2025 HOH A O   1 
HETATM 1481 O O   . HOH C 3 .   ? 13.973  3.207   7.125   1.00 32.94 ? 2026 HOH A O   1 
HETATM 1482 O O   . HOH C 3 .   ? 20.460  0.345   5.936   1.00 30.91 ? 2027 HOH A O   1 
HETATM 1483 O O   . HOH C 3 .   ? 17.918  -0.184  12.231  1.00 29.49 ? 2028 HOH A O   1 
HETATM 1484 O O   . HOH C 3 .   ? 14.583  2.497   12.668  1.00 41.67 ? 2029 HOH A O   1 
HETATM 1485 O O   . HOH C 3 .   ? 3.741   7.599   14.949  1.00 5.76  ? 2030 HOH A O   1 
HETATM 1486 O O   . HOH C 3 .   ? 10.136  -4.552  16.266  1.00 37.27 ? 2031 HOH A O   1 
HETATM 1487 O O   . HOH C 3 .   ? -9.188  -3.650  12.667  1.00 26.97 ? 2032 HOH A O   1 
HETATM 1488 O O   . HOH C 3 .   ? -5.184  -9.731  10.990  1.00 27.96 ? 2033 HOH A O   1 
HETATM 1489 O O   . HOH C 3 .   ? -8.487  -3.048  6.413   1.00 15.94 ? 2034 HOH A O   1 
HETATM 1490 O O   . HOH C 3 .   ? -18.241 12.023  8.632   1.00 31.65 ? 2035 HOH A O   1 
HETATM 1491 O O   . HOH C 3 .   ? -10.049 9.291   8.977   1.00 18.45 ? 2036 HOH A O   1 
HETATM 1492 O O   . HOH C 3 .   ? -10.833 12.079  8.328   1.00 30.75 ? 2037 HOH A O   1 
HETATM 1493 O O   . HOH C 3 .   ? -12.428 11.397  3.770   1.00 23.20 ? 2038 HOH A O   1 
HETATM 1494 O O   . HOH C 3 .   ? -10.067 12.259  5.506   1.00 19.02 ? 2039 HOH A O   1 
HETATM 1495 O O   . HOH C 3 .   ? 2.008   11.608  1.016   1.00 16.32 ? 2040 HOH A O   1 
HETATM 1496 O O   . HOH C 3 .   ? 9.120   12.767  -2.678  1.00 33.93 ? 2041 HOH A O   1 
HETATM 1497 O O   . HOH C 3 .   ? 3.695   18.373  -3.146  1.00 21.87 ? 2042 HOH A O   1 
HETATM 1498 O O   . HOH C 3 .   ? 4.535   12.718  2.290   1.00 33.02 ? 2043 HOH A O   1 
HETATM 1499 O O   . HOH C 3 .   ? -15.181 10.989  -1.457  1.00 26.83 ? 2044 HOH A O   1 
HETATM 1500 O O   . HOH C 3 .   ? -15.487 7.078   -0.697  1.00 27.00 ? 2045 HOH A O   1 
HETATM 1501 O O   . HOH C 3 .   ? -17.965 9.287   0.796   1.00 36.39 ? 2046 HOH A O   1 
HETATM 1502 O O   . HOH C 3 .   ? -17.228 3.052   -0.345  1.00 33.56 ? 2047 HOH A O   1 
HETATM 1503 O O   . HOH C 3 .   ? -17.910 -0.812  -8.740  1.00 23.32 ? 2048 HOH A O   1 
HETATM 1504 O O   . HOH C 3 .   ? -10.628 -6.417  -14.649 1.00 32.52 ? 2049 HOH A O   1 
HETATM 1505 O O   . HOH C 3 .   ? -11.561 -15.289 -14.820 1.00 30.65 ? 2050 HOH A O   1 
HETATM 1506 O O   . HOH C 3 .   ? -4.718  -14.961 4.968   1.00 41.84 ? 2051 HOH A O   1 
HETATM 1507 O O   . HOH C 3 .   ? -4.829  7.190   -14.936 1.00 28.96 ? 2052 HOH A O   1 
HETATM 1508 O O   . HOH C 3 .   ? -16.794 6.227   -11.419 1.00 30.29 ? 2053 HOH A O   1 
HETATM 1509 O O   . HOH C 3 .   ? -20.091 0.596   -6.883  1.00 20.93 ? 2054 HOH A O   1 
HETATM 1510 O O   . HOH C 3 .   ? 2.076   -8.967  12.653  1.00 31.47 ? 2055 HOH A O   1 
HETATM 1511 O O   . HOH C 3 .   ? 1.882   -12.756 12.389  1.00 49.61 ? 2056 HOH A O   1 
# 
